data_1P3V
# 
_entry.id   1P3V 
# 
_audit_conform.dict_name       mmcif_pdbx.dic 
_audit_conform.dict_version    5.376 
_audit_conform.dict_location   http://mmcif.pdb.org/dictionaries/ascii/mmcif_pdbx.dic 
# 
loop_
_database_2.database_id 
_database_2.database_code 
_database_2.pdbx_database_accession 
_database_2.pdbx_DOI 
PDB   1P3V         pdb_00001p3v 10.2210/pdb1p3v/pdb 
RCSB  RCSB018974   ?            ?                   
WWPDB D_1000018974 ?            ?                   
# 
loop_
_pdbx_database_related.db_name 
_pdbx_database_related.db_id 
_pdbx_database_related.details 
_pdbx_database_related.content_type 
PDB 1OYK . unspecified 
PDB 1OYL . unspecified 
PDB 1OZE . unspecified 
PDB 1OZL . unspecified 
PDB 1OZR . unspecified 
PDB 1OZW . unspecified 
PDB 1P3T . unspecified 
PDB 1P3U . unspecified 
# 
_pdbx_database_status.status_code                     REL 
_pdbx_database_status.entry_id                        1P3V 
_pdbx_database_status.recvd_initial_deposition_date   2003-04-18 
_pdbx_database_status.deposit_site                    RCSB 
_pdbx_database_status.process_site                    RCSB 
_pdbx_database_status.SG_entry                        . 
_pdbx_database_status.pdb_format_compatible           Y 
_pdbx_database_status.status_code_mr                  ? 
_pdbx_database_status.status_code_sf                  ? 
_pdbx_database_status.status_code_cs                  ? 
_pdbx_database_status.status_code_nmr_data            ? 
_pdbx_database_status.methods_development_category    ? 
# 
loop_
_audit_author.name 
_audit_author.pdbx_ordinal 
'Friedman, J.' 1 
'Lad, L.'      2 
'Deshmukh, R.' 3 
'Li, H.'       4 
'Wilks, A.'    5 
'Poulos, T.L.' 6 
# 
_citation.id                        primary 
_citation.title                     
'Crystal structures of the NO- and CO-bound heme oxygenase from Neisseriae meningitidis. Implications for O2 activation' 
_citation.journal_abbrev            J.Biol.Chem. 
_citation.journal_volume            278 
_citation.page_first                34654 
_citation.page_last                 34659 
_citation.year                      2003 
_citation.journal_id_ASTM           JBCHA3 
_citation.country                   US 
_citation.journal_id_ISSN           0021-9258 
_citation.journal_id_CSD            0071 
_citation.book_publisher            ? 
_citation.pdbx_database_id_PubMed   12819228 
_citation.pdbx_database_id_DOI      10.1074/jbc.M302985200 
# 
loop_
_citation_author.citation_id 
_citation_author.name 
_citation_author.ordinal 
_citation_author.identifier_ORCID 
primary 'Friedman, J.' 1 ? 
primary 'Lad, L.'      2 ? 
primary 'Deshmukh, R.' 3 ? 
primary 'Li, H.'       4 ? 
primary 'Wilks, A.'    5 ? 
primary 'Poulos, T.L.' 6 ? 
# 
_cell.entry_id           1P3V 
_cell.length_a           60.449 
_cell.length_b           60.449 
_cell.length_c           102.361 
_cell.angle_alpha        90.00 
_cell.angle_beta         90.00 
_cell.angle_gamma        90.00 
_cell.Z_PDB              8 
_cell.pdbx_unique_axis   ? 
# 
_symmetry.entry_id                         1P3V 
_symmetry.space_group_name_H-M             'P 43 21 2' 
_symmetry.cell_setting                     tetragonal 
_symmetry.pdbx_full_space_group_name_H-M   ? 
_symmetry.Int_Tables_number                96 
# 
loop_
_entity.id 
_entity.type 
_entity.src_method 
_entity.pdbx_description 
_entity.formula_weight 
_entity.pdbx_number_of_molecules 
_entity.pdbx_ec 
_entity.pdbx_mutation 
_entity.pdbx_fragment 
_entity.details 
1 polymer     man 'Heme oxygenase 1'                23609.611 1  1.14.99.3 ? ? Heme-complexed 
2 non-polymer syn 'PROTOPORPHYRIN IX CONTAINING FE' 616.487   1  ?         ? ? ?              
3 non-polymer syn 'CARBON MONOXIDE'                 28.010    1  ?         ? ? ?              
4 water       nat water                             18.015    52 ?         ? ? ?              
# 
_entity_name_com.entity_id   1 
_entity_name_com.name        'HO-1; heme oxygenase (decyclizing) 1' 
# 
_entity_name_sys.entity_id   1 
_entity_name_sys.name        E.C.1.14.99.3 
# 
_entity_poly.entity_id                      1 
_entity_poly.type                           'polypeptide(L)' 
_entity_poly.nstd_linkage                   no 
_entity_poly.nstd_monomer                   no 
_entity_poly.pdbx_seq_one_letter_code       
;MSETENQALTFAKRLKADTTAVHDSVDNLVMSVQPFVSKENYIKFLKLQSVFHKAVDHIYKDAELNKAIPELEYMARYDA
VTQDLKDLGEEPYKFDKELPYEAGNKAIGWLYCAEGSNLGAAFLFKHAQKLDYNGEHGARHLAPHPDGRGKHWRAFVEHL
NALNLTPEAEAEAIQGAREAFAFYKVVLRETFGLAADAEAPEGMMPHRH
;
_entity_poly.pdbx_seq_one_letter_code_can   
;MSETENQALTFAKRLKADTTAVHDSVDNLVMSVQPFVSKENYIKFLKLQSVFHKAVDHIYKDAELNKAIPELEYMARYDA
VTQDLKDLGEEPYKFDKELPYEAGNKAIGWLYCAEGSNLGAAFLFKHAQKLDYNGEHGARHLAPHPDGRGKHWRAFVEHL
NALNLTPEAEAEAIQGAREAFAFYKVVLRETFGLAADAEAPEGMMPHRH
;
_entity_poly.pdbx_strand_id                 A 
_entity_poly.pdbx_target_identifier         ? 
# 
loop_
_entity_poly_seq.entity_id 
_entity_poly_seq.num 
_entity_poly_seq.mon_id 
_entity_poly_seq.hetero 
1 1   MET n 
1 2   SER n 
1 3   GLU n 
1 4   THR n 
1 5   GLU n 
1 6   ASN n 
1 7   GLN n 
1 8   ALA n 
1 9   LEU n 
1 10  THR n 
1 11  PHE n 
1 12  ALA n 
1 13  LYS n 
1 14  ARG n 
1 15  LEU n 
1 16  LYS n 
1 17  ALA n 
1 18  ASP n 
1 19  THR n 
1 20  THR n 
1 21  ALA n 
1 22  VAL n 
1 23  HIS n 
1 24  ASP n 
1 25  SER n 
1 26  VAL n 
1 27  ASP n 
1 28  ASN n 
1 29  LEU n 
1 30  VAL n 
1 31  MET n 
1 32  SER n 
1 33  VAL n 
1 34  GLN n 
1 35  PRO n 
1 36  PHE n 
1 37  VAL n 
1 38  SER n 
1 39  LYS n 
1 40  GLU n 
1 41  ASN n 
1 42  TYR n 
1 43  ILE n 
1 44  LYS n 
1 45  PHE n 
1 46  LEU n 
1 47  LYS n 
1 48  LEU n 
1 49  GLN n 
1 50  SER n 
1 51  VAL n 
1 52  PHE n 
1 53  HIS n 
1 54  LYS n 
1 55  ALA n 
1 56  VAL n 
1 57  ASP n 
1 58  HIS n 
1 59  ILE n 
1 60  TYR n 
1 61  LYS n 
1 62  ASP n 
1 63  ALA n 
1 64  GLU n 
1 65  LEU n 
1 66  ASN n 
1 67  LYS n 
1 68  ALA n 
1 69  ILE n 
1 70  PRO n 
1 71  GLU n 
1 72  LEU n 
1 73  GLU n 
1 74  TYR n 
1 75  MET n 
1 76  ALA n 
1 77  ARG n 
1 78  TYR n 
1 79  ASP n 
1 80  ALA n 
1 81  VAL n 
1 82  THR n 
1 83  GLN n 
1 84  ASP n 
1 85  LEU n 
1 86  LYS n 
1 87  ASP n 
1 88  LEU n 
1 89  GLY n 
1 90  GLU n 
1 91  GLU n 
1 92  PRO n 
1 93  TYR n 
1 94  LYS n 
1 95  PHE n 
1 96  ASP n 
1 97  LYS n 
1 98  GLU n 
1 99  LEU n 
1 100 PRO n 
1 101 TYR n 
1 102 GLU n 
1 103 ALA n 
1 104 GLY n 
1 105 ASN n 
1 106 LYS n 
1 107 ALA n 
1 108 ILE n 
1 109 GLY n 
1 110 TRP n 
1 111 LEU n 
1 112 TYR n 
1 113 CYS n 
1 114 ALA n 
1 115 GLU n 
1 116 GLY n 
1 117 SER n 
1 118 ASN n 
1 119 LEU n 
1 120 GLY n 
1 121 ALA n 
1 122 ALA n 
1 123 PHE n 
1 124 LEU n 
1 125 PHE n 
1 126 LYS n 
1 127 HIS n 
1 128 ALA n 
1 129 GLN n 
1 130 LYS n 
1 131 LEU n 
1 132 ASP n 
1 133 TYR n 
1 134 ASN n 
1 135 GLY n 
1 136 GLU n 
1 137 HIS n 
1 138 GLY n 
1 139 ALA n 
1 140 ARG n 
1 141 HIS n 
1 142 LEU n 
1 143 ALA n 
1 144 PRO n 
1 145 HIS n 
1 146 PRO n 
1 147 ASP n 
1 148 GLY n 
1 149 ARG n 
1 150 GLY n 
1 151 LYS n 
1 152 HIS n 
1 153 TRP n 
1 154 ARG n 
1 155 ALA n 
1 156 PHE n 
1 157 VAL n 
1 158 GLU n 
1 159 HIS n 
1 160 LEU n 
1 161 ASN n 
1 162 ALA n 
1 163 LEU n 
1 164 ASN n 
1 165 LEU n 
1 166 THR n 
1 167 PRO n 
1 168 GLU n 
1 169 ALA n 
1 170 GLU n 
1 171 ALA n 
1 172 GLU n 
1 173 ALA n 
1 174 ILE n 
1 175 GLN n 
1 176 GLY n 
1 177 ALA n 
1 178 ARG n 
1 179 GLU n 
1 180 ALA n 
1 181 PHE n 
1 182 ALA n 
1 183 PHE n 
1 184 TYR n 
1 185 LYS n 
1 186 VAL n 
1 187 VAL n 
1 188 LEU n 
1 189 ARG n 
1 190 GLU n 
1 191 THR n 
1 192 PHE n 
1 193 GLY n 
1 194 LEU n 
1 195 ALA n 
1 196 ALA n 
1 197 ASP n 
1 198 ALA n 
1 199 GLU n 
1 200 ALA n 
1 201 PRO n 
1 202 GLU n 
1 203 GLY n 
1 204 MET n 
1 205 MET n 
1 206 PRO n 
1 207 HIS n 
1 208 ARG n 
1 209 HIS n 
# 
_entity_src_gen.entity_id                          1 
_entity_src_gen.pdbx_src_id                        1 
_entity_src_gen.pdbx_alt_source_flag               sample 
_entity_src_gen.pdbx_seq_type                      ? 
_entity_src_gen.pdbx_beg_seq_num                   ? 
_entity_src_gen.pdbx_end_seq_num                   ? 
_entity_src_gen.gene_src_common_name               ? 
_entity_src_gen.gene_src_genus                     Neisseria 
_entity_src_gen.pdbx_gene_src_gene                 hemO 
_entity_src_gen.gene_src_species                   ? 
_entity_src_gen.gene_src_strain                    ? 
_entity_src_gen.gene_src_tissue                    ? 
_entity_src_gen.gene_src_tissue_fraction           ? 
_entity_src_gen.gene_src_details                   ? 
_entity_src_gen.pdbx_gene_src_fragment             ? 
_entity_src_gen.pdbx_gene_src_scientific_name      'Neisseria meningitidis' 
_entity_src_gen.pdbx_gene_src_ncbi_taxonomy_id     487 
_entity_src_gen.pdbx_gene_src_variant              ? 
_entity_src_gen.pdbx_gene_src_cell_line            ? 
_entity_src_gen.pdbx_gene_src_atcc                 ? 
_entity_src_gen.pdbx_gene_src_organ                ? 
_entity_src_gen.pdbx_gene_src_organelle            ? 
_entity_src_gen.pdbx_gene_src_cell                 ? 
_entity_src_gen.pdbx_gene_src_cellular_location    ? 
_entity_src_gen.host_org_common_name               ? 
_entity_src_gen.pdbx_host_org_scientific_name      'Escherichia coli BL21(DE3)' 
_entity_src_gen.pdbx_host_org_ncbi_taxonomy_id     469008 
_entity_src_gen.host_org_genus                     Escherichia 
_entity_src_gen.pdbx_host_org_gene                 ? 
_entity_src_gen.pdbx_host_org_organ                ? 
_entity_src_gen.host_org_species                   'Escherichia coli' 
_entity_src_gen.pdbx_host_org_tissue               ? 
_entity_src_gen.pdbx_host_org_tissue_fraction      ? 
_entity_src_gen.pdbx_host_org_strain               'BL21(DE3)' 
_entity_src_gen.pdbx_host_org_variant              ? 
_entity_src_gen.pdbx_host_org_cell_line            ? 
_entity_src_gen.pdbx_host_org_atcc                 ? 
_entity_src_gen.pdbx_host_org_culture_collection   ? 
_entity_src_gen.pdbx_host_org_cell                 ? 
_entity_src_gen.pdbx_host_org_organelle            ? 
_entity_src_gen.pdbx_host_org_cellular_location    ? 
_entity_src_gen.pdbx_host_org_vector_type          plasmid 
_entity_src_gen.pdbx_host_org_vector               ? 
_entity_src_gen.host_org_details                   ? 
_entity_src_gen.expression_system_id               ? 
_entity_src_gen.plasmid_name                       pWMZ1651 
_entity_src_gen.plasmid_details                    ? 
_entity_src_gen.pdbx_description                   ? 
# 
_struct_ref.id                         1 
_struct_ref.entity_id                  1 
_struct_ref.db_name                    UNP 
_struct_ref.db_code                    Q9RGD9_NEIME 
_struct_ref.pdbx_db_accession          Q9RGD9 
_struct_ref.pdbx_align_begin           22 
_struct_ref.pdbx_seq_one_letter_code   
;MSETENQALTFAKRLKADTTAVHDSVDNLVMSVQPFVSKENYIKFLKLQSVFHKAVDHIYKDAELNKAIPELEYMARYDA
VTQDLKDLGEEPYKFDKELPYEAGNKAIGWLYCAEGSNLGAAFLFKHAQKLDYNGEHGARHLAPHPDGRGKHWRAFVEHL
NALNLTPEAEAEAIQGAREAFAFYKVVLRETFGLAADAEAPEGMMPHRH
;
_struct_ref.pdbx_db_isoform            ? 
# 
_struct_ref_seq.align_id                      1 
_struct_ref_seq.ref_id                        1 
_struct_ref_seq.pdbx_PDB_id_code              1P3V 
_struct_ref_seq.pdbx_strand_id                A 
_struct_ref_seq.seq_align_beg                 1 
_struct_ref_seq.pdbx_seq_align_beg_ins_code   ? 
_struct_ref_seq.seq_align_end                 209 
_struct_ref_seq.pdbx_seq_align_end_ins_code   ? 
_struct_ref_seq.pdbx_db_accession             Q9RGD9 
_struct_ref_seq.db_align_beg                  22 
_struct_ref_seq.pdbx_db_align_beg_ins_code    ? 
_struct_ref_seq.db_align_end                  230 
_struct_ref_seq.pdbx_db_align_end_ins_code    ? 
_struct_ref_seq.pdbx_auth_seq_align_beg       1 
_struct_ref_seq.pdbx_auth_seq_align_end       209 
# 
loop_
_chem_comp.id 
_chem_comp.type 
_chem_comp.mon_nstd_flag 
_chem_comp.name 
_chem_comp.pdbx_synonyms 
_chem_comp.formula 
_chem_comp.formula_weight 
ALA 'L-peptide linking' y ALANINE                           ?    'C3 H7 N O2'       89.093  
ARG 'L-peptide linking' y ARGININE                          ?    'C6 H15 N4 O2 1'   175.209 
ASN 'L-peptide linking' y ASPARAGINE                        ?    'C4 H8 N2 O3'      132.118 
ASP 'L-peptide linking' y 'ASPARTIC ACID'                   ?    'C4 H7 N O4'       133.103 
CMO non-polymer         . 'CARBON MONOXIDE'                 ?    'C O'              28.010  
CYS 'L-peptide linking' y CYSTEINE                          ?    'C3 H7 N O2 S'     121.158 
GLN 'L-peptide linking' y GLUTAMINE                         ?    'C5 H10 N2 O3'     146.144 
GLU 'L-peptide linking' y 'GLUTAMIC ACID'                   ?    'C5 H9 N O4'       147.129 
GLY 'peptide linking'   y GLYCINE                           ?    'C2 H5 N O2'       75.067  
HEM non-polymer         . 'PROTOPORPHYRIN IX CONTAINING FE' HEME 'C34 H32 Fe N4 O4' 616.487 
HIS 'L-peptide linking' y HISTIDINE                         ?    'C6 H10 N3 O2 1'   156.162 
HOH non-polymer         . WATER                             ?    'H2 O'             18.015  
ILE 'L-peptide linking' y ISOLEUCINE                        ?    'C6 H13 N O2'      131.173 
LEU 'L-peptide linking' y LEUCINE                           ?    'C6 H13 N O2'      131.173 
LYS 'L-peptide linking' y LYSINE                            ?    'C6 H15 N2 O2 1'   147.195 
MET 'L-peptide linking' y METHIONINE                        ?    'C5 H11 N O2 S'    149.211 
PHE 'L-peptide linking' y PHENYLALANINE                     ?    'C9 H11 N O2'      165.189 
PRO 'L-peptide linking' y PROLINE                           ?    'C5 H9 N O2'       115.130 
SER 'L-peptide linking' y SERINE                            ?    'C3 H7 N O3'       105.093 
THR 'L-peptide linking' y THREONINE                         ?    'C4 H9 N O3'       119.119 
TRP 'L-peptide linking' y TRYPTOPHAN                        ?    'C11 H12 N2 O2'    204.225 
TYR 'L-peptide linking' y TYROSINE                          ?    'C9 H11 N O3'      181.189 
VAL 'L-peptide linking' y VALINE                            ?    'C5 H11 N O2'      117.146 
# 
_exptl.entry_id          1P3V 
_exptl.method            'X-RAY DIFFRACTION' 
_exptl.crystals_number   1 
# 
_exptl_crystal.id                    1 
_exptl_crystal.density_meas          ? 
_exptl_crystal.density_percent_sol   37.86 
_exptl_crystal.description           ? 
_exptl_crystal.density_Matthews      1.98 
# 
_exptl_crystal_grow.crystal_id      1 
_exptl_crystal_grow.method          'VAPOR DIFFUSION, SITTING DROP' 
_exptl_crystal_grow.temp            295 
_exptl_crystal_grow.pH              8.5 
_exptl_crystal_grow.pdbx_details    'Tris-HCl, sodium acetate, PEG 3350, pH 8.5, VAPOR DIFFUSION, SITTING DROP, temperature 295K' 
_exptl_crystal_grow.temp_details    ? 
_exptl_crystal_grow.pdbx_pH_range   . 
# 
_diffrn.id                     1 
_diffrn.ambient_temp           119 
_diffrn.ambient_temp_details   ? 
_diffrn.crystal_id             1 
# 
_diffrn_detector.diffrn_id              1 
_diffrn_detector.detector               'IMAGE PLATE' 
_diffrn_detector.type                   'RIGAKU RAXIS IV' 
_diffrn_detector.pdbx_collection_date   2002-08-02 
_diffrn_detector.details                mirrors 
# 
_diffrn_radiation.diffrn_id                        1 
_diffrn_radiation.wavelength_id                    1 
_diffrn_radiation.pdbx_monochromatic_or_laue_m_l   M 
_diffrn_radiation.monochromator                    'Yale mirrors' 
_diffrn_radiation.pdbx_diffrn_protocol             'SINGLE WAVELENGTH' 
_diffrn_radiation.pdbx_scattering_type             x-ray 
# 
_diffrn_radiation_wavelength.id           1 
_diffrn_radiation_wavelength.wavelength   1.5418 
_diffrn_radiation_wavelength.wt           1.0 
# 
_diffrn_source.diffrn_id                   1 
_diffrn_source.source                      'ROTATING ANODE' 
_diffrn_source.type                        RIGAKU 
_diffrn_source.pdbx_synchrotron_site       ? 
_diffrn_source.pdbx_synchrotron_beamline   ? 
_diffrn_source.pdbx_wavelength             ? 
_diffrn_source.pdbx_wavelength_list        1.5418 
# 
_reflns.entry_id                     1P3V 
_reflns.observed_criterion_sigma_F   ? 
_reflns.observed_criterion_sigma_I   2.0 
_reflns.d_resolution_high            2.25 
_reflns.d_resolution_low             50.0 
_reflns.number_all                   9526 
_reflns.number_obs                   9467 
_reflns.percent_possible_obs         99.4 
_reflns.pdbx_Rmerge_I_obs            0.054 
_reflns.pdbx_Rsym_value              0.064 
_reflns.pdbx_netI_over_sigmaI        21.3 
_reflns.B_iso_Wilson_estimate        ? 
_reflns.pdbx_redundancy              9.5 
_reflns.R_free_details               ? 
_reflns.limit_h_max                  ? 
_reflns.limit_h_min                  ? 
_reflns.limit_k_max                  ? 
_reflns.limit_k_min                  ? 
_reflns.limit_l_max                  ? 
_reflns.limit_l_min                  ? 
_reflns.observed_criterion_F_max     ? 
_reflns.observed_criterion_F_min     ? 
_reflns.pdbx_diffrn_id               1 
_reflns.pdbx_ordinal                 1 
# 
_reflns_shell.d_res_high             2.25 
_reflns_shell.d_res_low              2.33 
_reflns_shell.percent_possible_all   89.8 
_reflns_shell.Rmerge_I_obs           0.54 
_reflns_shell.pdbx_Rsym_value        0.599 
_reflns_shell.meanI_over_sigI_obs    2.39 
_reflns_shell.pdbx_redundancy        4.7 
_reflns_shell.percent_possible_obs   ? 
_reflns_shell.number_unique_all      924 
_reflns_shell.pdbx_diffrn_id         ? 
_reflns_shell.pdbx_ordinal           1 
# 
_refine.entry_id                                 1P3V 
_refine.ls_d_res_high                            2.25 
_refine.ls_d_res_low                             50.0 
_refine.pdbx_ls_sigma_F                          0.0 
_refine.pdbx_ls_sigma_I                          ? 
_refine.ls_number_reflns_all                     9526 
_refine.ls_number_reflns_obs                     9467 
_refine.ls_number_reflns_R_free                  505 
_refine.ls_percent_reflns_obs                    94.1 
_refine.ls_R_factor_all                          ? 
_refine.ls_R_factor_obs                          ? 
_refine.ls_R_factor_R_work                       0.249 
_refine.ls_R_factor_R_free                       0.286 
_refine.ls_redundancy_reflns_obs                 ? 
_refine.pdbx_data_cutoff_high_absF               ? 
_refine.pdbx_data_cutoff_low_absF                ? 
_refine.ls_number_parameters                     ? 
_refine.ls_number_restraints                     ? 
_refine.ls_percent_reflns_R_free                 5.3 
_refine.ls_R_factor_R_free_error                 ? 
_refine.ls_R_factor_R_free_error_details         ? 
_refine.pdbx_method_to_determine_struct          'MOLECULAR REPLACEMENT' 
_refine.pdbx_starting_model                      1J77 
_refine.pdbx_ls_cross_valid_method               THROUGHOUT 
_refine.pdbx_R_Free_selection_details            random 
_refine.pdbx_stereochem_target_val_spec_case     ? 
_refine.pdbx_stereochemistry_target_values       'Engh & Huber' 
_refine.solvent_model_details                    ? 
_refine.solvent_model_param_bsol                 ? 
_refine.solvent_model_param_ksol                 ? 
_refine.occupancy_max                            ? 
_refine.occupancy_min                            ? 
_refine.pdbx_isotropic_thermal_model             isotropic 
_refine.B_iso_mean                               50.74 
_refine.aniso_B[1][1]                            ? 
_refine.aniso_B[1][2]                            ? 
_refine.aniso_B[1][3]                            ? 
_refine.aniso_B[2][2]                            ? 
_refine.aniso_B[2][3]                            ? 
_refine.aniso_B[3][3]                            ? 
_refine.details                                  ? 
_refine.B_iso_min                                ? 
_refine.B_iso_max                                ? 
_refine.correlation_coeff_Fo_to_Fc               ? 
_refine.correlation_coeff_Fo_to_Fc_free          ? 
_refine.pdbx_solvent_vdw_probe_radii             ? 
_refine.pdbx_solvent_ion_probe_radii             ? 
_refine.pdbx_solvent_shrinkage_radii             ? 
_refine.overall_SU_R_Cruickshank_DPI             ? 
_refine.overall_SU_R_free                        ? 
_refine.overall_SU_B                             ? 
_refine.overall_SU_ML                            ? 
_refine.pdbx_overall_ESU_R                       ? 
_refine.pdbx_overall_ESU_R_Free                  ? 
_refine.pdbx_data_cutoff_high_rms_absF           ? 
_refine.pdbx_refine_id                           'X-RAY DIFFRACTION' 
_refine.pdbx_diffrn_id                           1 
_refine.pdbx_TLS_residual_ADP_flag               ? 
_refine.pdbx_overall_phase_error                 ? 
_refine.pdbx_overall_SU_R_free_Cruickshank_DPI   ? 
_refine.pdbx_overall_SU_R_Blow_DPI               ? 
_refine.pdbx_overall_SU_R_free_Blow_DPI          ? 
# 
_refine_analyze.entry_id                        1P3V 
_refine_analyze.Luzzati_coordinate_error_obs    0.28 
_refine_analyze.Luzzati_sigma_a_obs             0.27 
_refine_analyze.Luzzati_d_res_low_obs           5.0 
_refine_analyze.Luzzati_coordinate_error_free   0.33 
_refine_analyze.Luzzati_sigma_a_free            0.31 
_refine_analyze.Luzzati_d_res_low_free          ? 
_refine_analyze.number_disordered_residues      ? 
_refine_analyze.occupancy_sum_non_hydrogen      ? 
_refine_analyze.occupancy_sum_hydrogen          ? 
_refine_analyze.pdbx_Luzzati_d_res_high_obs     ? 
_refine_analyze.pdbx_refine_id                  'X-RAY DIFFRACTION' 
# 
_refine_hist.pdbx_refine_id                   'X-RAY DIFFRACTION' 
_refine_hist.cycle_id                         LAST 
_refine_hist.pdbx_number_atoms_protein        1578 
_refine_hist.pdbx_number_atoms_nucleic_acid   0 
_refine_hist.pdbx_number_atoms_ligand         45 
_refine_hist.number_atoms_solvent             52 
_refine_hist.number_atoms_total               1675 
_refine_hist.d_res_high                       2.25 
_refine_hist.d_res_low                        50.0 
# 
loop_
_refine_ls_restr.type 
_refine_ls_restr.dev_ideal 
_refine_ls_restr.dev_ideal_target 
_refine_ls_restr.number 
_refine_ls_restr.weight 
_refine_ls_restr.pdbx_refine_id 
_refine_ls_restr.pdbx_restraint_function 
c_bond_d    0.011 ? ? ? 'X-RAY DIFFRACTION' ? 
c_angle_deg 1.402 ? ? ? 'X-RAY DIFFRACTION' ? 
# 
loop_
_refine_ls_shell.pdbx_total_number_of_bins_used 
_refine_ls_shell.d_res_high 
_refine_ls_shell.d_res_low 
_refine_ls_shell.number_reflns_R_work 
_refine_ls_shell.R_factor_R_work 
_refine_ls_shell.percent_reflns_obs 
_refine_ls_shell.R_factor_R_free 
_refine_ls_shell.R_factor_R_free_error 
_refine_ls_shell.percent_reflns_R_free 
_refine_ls_shell.number_reflns_R_free 
_refine_ls_shell.number_reflns_obs 
_refine_ls_shell.redundancy_reflns_obs 
_refine_ls_shell.number_reflns_all 
_refine_ls_shell.pdbx_refine_id 
_refine_ls_shell.R_factor_all 
10 2.25 2.33  . 0.3157 9.26  0.3409 . . 47 877 . . 'X-RAY DIFFRACTION' . 
10 2.33 2.42  . 0.3024 9.19  0.2771 . . 51 870 . . 'X-RAY DIFFRACTION' . 
10 2.42 2.53  . 0.3084 9.40  0.3437 . . 33 890 . . 'X-RAY DIFFRACTION' . 
10 2.53 2.67  . 0.3046 9.28  0.3358 . . 50 880 . . 'X-RAY DIFFRACTION' . 
10 2.67 2.83  . 0.2909 9.28  0.3276 . . 53 879 . . 'X-RAY DIFFRACTION' . 
10 2.83 3.05  . 0.2564 9.55  0.2628 . . 47 904 . . 'X-RAY DIFFRACTION' . 
10 3.05 3.36  . 0.2738 9.46  0.3294 . . 49 896 . . 'X-RAY DIFFRACTION' . 
10 3.36 3.85  . 0.2451 9.48  0.2724 . . 60 897 . . 'X-RAY DIFFRACTION' . 
10 3.85 4.85  . 0.2086 9.68  0.2676 . . 57 917 . . 'X-RAY DIFFRACTION' . 
10 4.85 50.00 . 0.234  10.05 0.3004 . . 58 952 . . 'X-RAY DIFFRACTION' . 
# 
_struct.entry_id                  1P3V 
_struct.title                     
'Crystal Structures of the NO-and CO-Bound Heme Oxygenase From Neisseria Meningitidis: Implications for Oxygen Activation' 
_struct.pdbx_model_details        ? 
_struct.pdbx_CASP_flag            ? 
_struct.pdbx_model_type_details   ? 
# 
_struct_keywords.entry_id        1P3V 
_struct_keywords.pdbx_keywords   OXIDOREDUCTASE 
_struct_keywords.text            'heme oxygenase, heme degradation, OXIDOREDUCTASE' 
# 
loop_
_struct_asym.id 
_struct_asym.pdbx_blank_PDB_chainid_flag 
_struct_asym.pdbx_modified 
_struct_asym.entity_id 
_struct_asym.details 
A N N 1 ? 
B N N 2 ? 
C N N 3 ? 
D N N 4 ? 
# 
_struct_biol.id                    1 
_struct_biol.pdbx_parent_biol_id   ? 
_struct_biol.details               ? 
# 
loop_
_struct_conf.conf_type_id 
_struct_conf.id 
_struct_conf.pdbx_PDB_helix_id 
_struct_conf.beg_label_comp_id 
_struct_conf.beg_label_asym_id 
_struct_conf.beg_label_seq_id 
_struct_conf.pdbx_beg_PDB_ins_code 
_struct_conf.end_label_comp_id 
_struct_conf.end_label_asym_id 
_struct_conf.end_label_seq_id 
_struct_conf.pdbx_end_PDB_ins_code 
_struct_conf.beg_auth_comp_id 
_struct_conf.beg_auth_asym_id 
_struct_conf.beg_auth_seq_id 
_struct_conf.end_auth_comp_id 
_struct_conf.end_auth_asym_id 
_struct_conf.end_auth_seq_id 
_struct_conf.pdbx_PDB_helix_class 
_struct_conf.details 
_struct_conf.pdbx_PDB_helix_length 
HELX_P HELX_P1  1  THR A 10  ? VAL A 33  ? THR A 10  VAL A 33  1 ? 24 
HELX_P HELX_P2  2  SER A 38  ? LYS A 61  ? SER A 38  LYS A 61  1 ? 24 
HELX_P HELX_P3  3  ASP A 62  ? ILE A 69  ? ASP A 62  ILE A 69  1 ? 8  
HELX_P HELX_P4  4  GLU A 71  ? ALA A 76  ? GLU A 71  ALA A 76  5 ? 6  
HELX_P HELX_P5  5  ARG A 77  ? LEU A 88  ? ARG A 77  LEU A 88  1 ? 12 
HELX_P HELX_P6  6  ALA A 103 ? ALA A 121 ? ALA A 103 ALA A 121 1 ? 19 
HELX_P HELX_P7  7  ALA A 121 ? LEU A 131 ? ALA A 121 LEU A 131 1 ? 11 
HELX_P HELX_P8  8  ALA A 139 ? ALA A 143 ? ALA A 139 ALA A 143 5 ? 5  
HELX_P HELX_P9  9  GLY A 148 ? LEU A 163 ? GLY A 148 LEU A 163 1 ? 16 
HELX_P HELX_P10 10 THR A 166 ? PHE A 192 ? THR A 166 PHE A 192 1 ? 27 
# 
_struct_conf_type.id          HELX_P 
_struct_conf_type.criteria    ? 
_struct_conf_type.reference   ? 
# 
loop_
_struct_conn.id 
_struct_conn.conn_type_id 
_struct_conn.pdbx_leaving_atom_flag 
_struct_conn.pdbx_PDB_id 
_struct_conn.ptnr1_label_asym_id 
_struct_conn.ptnr1_label_comp_id 
_struct_conn.ptnr1_label_seq_id 
_struct_conn.ptnr1_label_atom_id 
_struct_conn.pdbx_ptnr1_label_alt_id 
_struct_conn.pdbx_ptnr1_PDB_ins_code 
_struct_conn.pdbx_ptnr1_standard_comp_id 
_struct_conn.ptnr1_symmetry 
_struct_conn.ptnr2_label_asym_id 
_struct_conn.ptnr2_label_comp_id 
_struct_conn.ptnr2_label_seq_id 
_struct_conn.ptnr2_label_atom_id 
_struct_conn.pdbx_ptnr2_label_alt_id 
_struct_conn.pdbx_ptnr2_PDB_ins_code 
_struct_conn.ptnr1_auth_asym_id 
_struct_conn.ptnr1_auth_comp_id 
_struct_conn.ptnr1_auth_seq_id 
_struct_conn.ptnr2_auth_asym_id 
_struct_conn.ptnr2_auth_comp_id 
_struct_conn.ptnr2_auth_seq_id 
_struct_conn.ptnr2_symmetry 
_struct_conn.pdbx_ptnr3_label_atom_id 
_struct_conn.pdbx_ptnr3_label_seq_id 
_struct_conn.pdbx_ptnr3_label_comp_id 
_struct_conn.pdbx_ptnr3_label_asym_id 
_struct_conn.pdbx_ptnr3_label_alt_id 
_struct_conn.pdbx_ptnr3_PDB_ins_code 
_struct_conn.details 
_struct_conn.pdbx_dist_value 
_struct_conn.pdbx_value_order 
_struct_conn.pdbx_role 
metalc1 metalc ? ? A HIS 23 NE2 ? ? ? 1_555 B HEM . FE ? ? A HIS 23  A HEM 300 1_555 ? ? ? ? ? ? ? 2.159 ? ? 
metalc2 metalc ? ? B HEM .  FE  ? ? ? 1_555 C CMO . C  ? ? A HEM 300 A CMO 400 1_555 ? ? ? ? ? ? ? 1.968 ? ? 
metalc3 metalc ? ? B HEM .  FE  ? ? ? 1_555 C CMO . O  ? ? A HEM 300 A CMO 400 1_555 ? ? ? ? ? ? ? 3.143 ? ? 
# 
_struct_conn_type.id          metalc 
_struct_conn_type.criteria    ? 
_struct_conn_type.reference   ? 
# 
loop_
_struct_site.id 
_struct_site.pdbx_evidence_code 
_struct_site.pdbx_auth_asym_id 
_struct_site.pdbx_auth_comp_id 
_struct_site.pdbx_auth_seq_id 
_struct_site.pdbx_auth_ins_code 
_struct_site.pdbx_num_residues 
_struct_site.details 
AC1 Software A HEM 300 ? 15 'BINDING SITE FOR RESIDUE HEM A 300' 
AC2 Software A CMO 400 ? 4  'BINDING SITE FOR RESIDUE CMO A 400' 
# 
loop_
_struct_site_gen.id 
_struct_site_gen.site_id 
_struct_site_gen.pdbx_num_res 
_struct_site_gen.label_comp_id 
_struct_site_gen.label_asym_id 
_struct_site_gen.label_seq_id 
_struct_site_gen.pdbx_auth_ins_code 
_struct_site_gen.auth_comp_id 
_struct_site_gen.auth_asym_id 
_struct_site_gen.auth_seq_id 
_struct_site_gen.label_atom_id 
_struct_site_gen.label_alt_id 
_struct_site_gen.symmetry 
_struct_site_gen.details 
1  AC1 15 LYS A 16  ? LYS A 16  . ? 1_555 ? 
2  AC1 15 HIS A 23  ? HIS A 23  . ? 1_555 ? 
3  AC1 15 ASP A 27  ? ASP A 27  . ? 1_555 ? 
4  AC1 15 VAL A 30  ? VAL A 30  . ? 1_555 ? 
5  AC1 15 MET A 31  ? MET A 31  . ? 1_555 ? 
6  AC1 15 TYR A 112 ? TYR A 112 . ? 1_555 ? 
7  AC1 15 CYS A 113 ? CYS A 113 . ? 1_555 ? 
8  AC1 15 GLY A 116 ? GLY A 116 . ? 1_555 ? 
9  AC1 15 SER A 117 ? SER A 117 . ? 1_555 ? 
10 AC1 15 LEU A 119 ? LEU A 119 . ? 1_555 ? 
11 AC1 15 GLY A 120 ? GLY A 120 . ? 1_555 ? 
12 AC1 15 PHE A 123 ? PHE A 123 . ? 1_555 ? 
13 AC1 15 LEU A 124 ? LEU A 124 . ? 1_555 ? 
14 AC1 15 TYR A 184 ? TYR A 184 . ? 1_555 ? 
15 AC1 15 CMO C .   ? CMO A 400 . ? 1_555 ? 
16 AC2 4  SER A 117 ? SER A 117 . ? 1_555 ? 
17 AC2 4  GLY A 120 ? GLY A 120 . ? 1_555 ? 
18 AC2 4  ALA A 121 ? ALA A 121 . ? 1_555 ? 
19 AC2 4  HEM B .   ? HEM A 300 . ? 1_555 ? 
# 
_atom_sites.entry_id                    1P3V 
_atom_sites.fract_transf_matrix[1][1]   0.00386057 
_atom_sites.fract_transf_matrix[1][2]   0.01555318 
_atom_sites.fract_transf_matrix[1][3]   -0.00410676 
_atom_sites.fract_transf_matrix[2][1]   0.00370198 
_atom_sites.fract_transf_matrix[2][2]   -0.00496901 
_atom_sites.fract_transf_matrix[2][3]   -0.01533868 
_atom_sites.fract_transf_matrix[3][1]   -0.00924430 
_atom_sites.fract_transf_matrix[3][2]   0.00157109 
_atom_sites.fract_transf_matrix[3][3]   -0.00274007 
_atom_sites.fract_transf_vector[1]      0.278487 
_atom_sites.fract_transf_vector[2]      0.168876 
_atom_sites.fract_transf_vector[3]      0.272879 
# 
loop_
_atom_type.symbol 
C  
FE 
N  
O  
S  
# 
loop_
_atom_site.group_PDB 
_atom_site.id 
_atom_site.type_symbol 
_atom_site.label_atom_id 
_atom_site.label_alt_id 
_atom_site.label_comp_id 
_atom_site.label_asym_id 
_atom_site.label_entity_id 
_atom_site.label_seq_id 
_atom_site.pdbx_PDB_ins_code 
_atom_site.Cartn_x 
_atom_site.Cartn_y 
_atom_site.Cartn_z 
_atom_site.occupancy 
_atom_site.B_iso_or_equiv 
_atom_site.pdbx_formal_charge 
_atom_site.auth_seq_id 
_atom_site.auth_comp_id 
_atom_site.auth_asym_id 
_atom_site.auth_atom_id 
_atom_site.pdbx_PDB_model_num 
ATOM   1    N  N   . ALA A 1 8   ? 22.194  6.636   4.583   1.00 61.09 ? 8   ALA A N   1 
ATOM   2    C  CA  . ALA A 1 8   ? 21.093  6.764   3.583   1.00 61.08 ? 8   ALA A CA  1 
ATOM   3    C  C   . ALA A 1 8   ? 21.624  7.319   2.264   1.00 61.11 ? 8   ALA A C   1 
ATOM   4    O  O   . ALA A 1 8   ? 21.692  8.540   2.059   1.00 61.20 ? 8   ALA A O   1 
ATOM   5    C  CB  . ALA A 1 8   ? 19.981  7.669   4.131   1.00 61.06 ? 8   ALA A CB  1 
ATOM   6    N  N   . LEU A 1 9   ? 21.995  6.416   1.365   1.00 60.98 ? 9   LEU A N   1 
ATOM   7    C  CA  . LEU A 1 9   ? 22.523  6.816   0.072   1.00 60.70 ? 9   LEU A CA  1 
ATOM   8    C  C   . LEU A 1 9   ? 21.370  7.170   -0.860  1.00 60.48 ? 9   LEU A C   1 
ATOM   9    O  O   . LEU A 1 9   ? 20.905  8.313   -0.898  1.00 60.50 ? 9   LEU A O   1 
ATOM   10   C  CB  . LEU A 1 9   ? 23.352  5.669   -0.525  1.00 60.83 ? 9   LEU A CB  1 
ATOM   11   C  CG  . LEU A 1 9   ? 24.161  5.911   -1.808  1.00 60.79 ? 9   LEU A CG  1 
ATOM   12   C  CD1 . LEU A 1 9   ? 25.248  6.954   -1.559  1.00 60.82 ? 9   LEU A CD1 1 
ATOM   13   C  CD2 . LEU A 1 9   ? 24.783  4.595   -2.260  1.00 60.81 ? 9   LEU A CD2 1 
ATOM   14   N  N   . THR A 1 10  ? 20.905  6.168   -1.594  1.00 60.11 ? 10  THR A N   1 
ATOM   15   C  CA  . THR A 1 10  ? 19.826  6.332   -2.553  1.00 59.66 ? 10  THR A CA  1 
ATOM   16   C  C   . THR A 1 10  ? 18.546  6.938   -1.987  1.00 59.36 ? 10  THR A C   1 
ATOM   17   O  O   . THR A 1 10  ? 18.288  6.891   -0.785  1.00 59.35 ? 10  THR A O   1 
ATOM   18   C  CB  . THR A 1 10  ? 19.486  4.988   -3.194  1.00 59.72 ? 10  THR A CB  1 
ATOM   19   O  OG1 . THR A 1 10  ? 18.937  4.114   -2.201  1.00 59.59 ? 10  THR A OG1 1 
ATOM   20   C  CG2 . THR A 1 10  ? 20.749  4.351   -3.773  1.00 59.74 ? 10  THR A CG2 1 
ATOM   21   N  N   . PHE A 1 11  ? 17.753  7.518   -2.881  1.00 59.00 ? 11  PHE A N   1 
ATOM   22   C  CA  . PHE A 1 11  ? 16.479  8.129   -2.528  1.00 58.45 ? 11  PHE A CA  1 
ATOM   23   C  C   . PHE A 1 11  ? 15.605  7.063   -1.869  1.00 58.02 ? 11  PHE A C   1 
ATOM   24   O  O   . PHE A 1 11  ? 14.925  7.325   -0.884  1.00 57.98 ? 11  PHE A O   1 
ATOM   25   C  CB  . PHE A 1 11  ? 15.815  8.670   -3.806  1.00 58.56 ? 11  PHE A CB  1 
ATOM   26   C  CG  . PHE A 1 11  ? 14.413  9.196   -3.611  1.00 58.59 ? 11  PHE A CG  1 
ATOM   27   C  CD1 . PHE A 1 11  ? 14.101  10.031  -2.544  1.00 58.73 ? 11  PHE A CD1 1 
ATOM   28   C  CD2 . PHE A 1 11  ? 13.418  8.891   -4.533  1.00 58.71 ? 11  PHE A CD2 1 
ATOM   29   C  CE1 . PHE A 1 11  ? 12.812  10.557  -2.399  1.00 58.75 ? 11  PHE A CE1 1 
ATOM   30   C  CE2 . PHE A 1 11  ? 12.128  9.412   -4.399  1.00 58.73 ? 11  PHE A CE2 1 
ATOM   31   C  CZ  . PHE A 1 11  ? 11.826  10.247  -3.329  1.00 58.74 ? 11  PHE A CZ  1 
ATOM   32   N  N   . ALA A 1 12  ? 15.660  5.855   -2.414  1.00 57.49 ? 12  ALA A N   1 
ATOM   33   C  CA  . ALA A 1 12  ? 14.879  4.734   -1.912  1.00 57.03 ? 12  ALA A CA  1 
ATOM   34   C  C   . ALA A 1 12  ? 15.234  4.338   -0.482  1.00 56.66 ? 12  ALA A C   1 
ATOM   35   O  O   . ALA A 1 12  ? 14.348  4.092   0.338   1.00 56.59 ? 12  ALA A O   1 
ATOM   36   C  CB  . ALA A 1 12  ? 15.045  3.529   -2.847  1.00 57.07 ? 12  ALA A CB  1 
ATOM   37   N  N   . LYS A 1 13  ? 16.524  4.274   -0.172  1.00 56.25 ? 13  LYS A N   1 
ATOM   38   C  CA  . LYS A 1 13  ? 16.933  3.897   1.177   1.00 55.78 ? 13  LYS A CA  1 
ATOM   39   C  C   . LYS A 1 13  ? 16.742  5.029   2.181   1.00 55.30 ? 13  LYS A C   1 
ATOM   40   O  O   . LYS A 1 13  ? 16.900  4.837   3.383   1.00 55.31 ? 13  LYS A O   1 
ATOM   41   C  CB  . LYS A 1 13  ? 18.380  3.391   1.175   1.00 55.90 ? 13  LYS A CB  1 
ATOM   42   C  CG  . LYS A 1 13  ? 18.510  2.059   0.444   1.00 56.13 ? 13  LYS A CG  1 
ATOM   43   C  CD  . LYS A 1 13  ? 19.835  1.348   0.681   1.00 56.38 ? 13  LYS A CD  1 
ATOM   44   C  CE  . LYS A 1 13  ? 19.807  -0.036  0.010   1.00 56.62 ? 13  LYS A CE  1 
ATOM   45   N  NZ  . LYS A 1 13  ? 21.100  -0.784  0.109   1.00 56.70 ? 13  LYS A NZ  1 
ATOM   46   N  N   . ARG A 1 14  ? 16.372  6.200   1.681   1.00 54.71 ? 14  ARG A N   1 
ATOM   47   C  CA  . ARG A 1 14  ? 16.131  7.350   2.540   1.00 54.15 ? 14  ARG A CA  1 
ATOM   48   C  C   . ARG A 1 14  ? 14.639  7.362   2.880   1.00 53.64 ? 14  ARG A C   1 
ATOM   49   O  O   . ARG A 1 14  ? 14.245  7.667   4.010   1.00 53.66 ? 14  ARG A O   1 
ATOM   50   C  CB  . ARG A 1 14  ? 16.510  8.627   1.808   1.00 54.36 ? 14  ARG A CB  1 
ATOM   51   C  CG  . ARG A 1 14  ? 16.826  9.813   2.697   1.00 54.65 ? 14  ARG A CG  1 
ATOM   52   C  CD  . ARG A 1 14  ? 17.400  10.912  1.821   1.00 54.93 ? 14  ARG A CD  1 
ATOM   53   N  NE  . ARG A 1 14  ? 18.375  10.354  0.885   1.00 55.09 ? 14  ARG A NE  1 
ATOM   54   C  CZ  . ARG A 1 14  ? 18.744  10.936  -0.254  1.00 55.28 ? 14  ARG A CZ  1 
ATOM   55   N  NH1 . ARG A 1 14  ? 19.640  10.355  -1.044  1.00 55.13 ? 14  ARG A NH1 1 
ATOM   56   N  NH2 . ARG A 1 14  ? 18.207  12.098  -0.604  1.00 55.30 ? 14  ARG A NH2 1 
ATOM   57   N  N   . LEU A 1 15  ? 13.816  7.039   1.886   1.00 52.94 ? 15  LEU A N   1 
ATOM   58   C  CA  . LEU A 1 15  ? 12.369  6.977   2.066   1.00 52.22 ? 15  LEU A CA  1 
ATOM   59   C  C   . LEU A 1 15  ? 12.137  5.944   3.165   1.00 51.71 ? 15  LEU A C   1 
ATOM   60   O  O   . LEU A 1 15  ? 11.414  6.184   4.129   1.00 51.52 ? 15  LEU A O   1 
ATOM   61   C  CB  . LEU A 1 15  ? 11.694  6.518   0.765   1.00 51.99 ? 15  LEU A CB  1 
ATOM   62   C  CG  . LEU A 1 15  ? 11.696  7.499   -0.413  1.00 51.91 ? 15  LEU A CG  1 
ATOM   63   C  CD1 . LEU A 1 15  ? 11.244  6.791   -1.682  1.00 51.61 ? 15  LEU A CD1 1 
ATOM   64   C  CD2 . LEU A 1 15  ? 10.788  8.684   -0.095  1.00 51.88 ? 15  LEU A CD2 1 
ATOM   65   N  N   . LYS A 1 16  ? 12.794  4.799   2.999   1.00 51.13 ? 16  LYS A N   1 
ATOM   66   C  CA  . LYS A 1 16  ? 12.724  3.693   3.942   1.00 50.63 ? 16  LYS A CA  1 
ATOM   67   C  C   . LYS A 1 16  ? 13.149  4.137   5.342   1.00 50.18 ? 16  LYS A C   1 
ATOM   68   O  O   . LYS A 1 16  ? 12.380  4.038   6.303   1.00 50.12 ? 16  LYS A O   1 
ATOM   69   C  CB  . LYS A 1 16  ? 13.630  2.558   3.462   1.00 50.72 ? 16  LYS A CB  1 
ATOM   70   C  CG  . LYS A 1 16  ? 13.698  1.359   4.387   1.00 50.93 ? 16  LYS A CG  1 
ATOM   71   C  CD  . LYS A 1 16  ? 14.693  0.344   3.843   1.00 51.10 ? 16  LYS A CD  1 
ATOM   72   C  CE  . LYS A 1 16  ? 14.638  -0.966  4.615   1.00 51.32 ? 16  LYS A CE  1 
ATOM   73   N  NZ  . LYS A 1 16  ? 13.283  -1.606  4.539   1.00 51.48 ? 16  LYS A NZ  1 
ATOM   74   N  N   . ALA A 1 17  ? 14.370  4.643   5.451   1.00 49.47 ? 17  ALA A N   1 
ATOM   75   C  CA  . ALA A 1 17  ? 14.867  5.083   6.743   1.00 48.82 ? 17  ALA A CA  1 
ATOM   76   C  C   . ALA A 1 17  ? 13.837  5.951   7.458   1.00 48.27 ? 17  ALA A C   1 
ATOM   77   O  O   . ALA A 1 17  ? 13.428  5.649   8.578   1.00 48.36 ? 17  ALA A O   1 
ATOM   78   C  CB  . ALA A 1 17  ? 16.187  5.847   6.572   1.00 48.95 ? 17  ALA A CB  1 
ATOM   79   N  N   . ASP A 1 18  ? 13.399  7.018   6.799   1.00 47.50 ? 18  ASP A N   1 
ATOM   80   C  CA  . ASP A 1 18  ? 12.432  7.936   7.391   1.00 46.70 ? 18  ASP A CA  1 
ATOM   81   C  C   . ASP A 1 18  ? 11.023  7.421   7.692   1.00 46.01 ? 18  ASP A C   1 
ATOM   82   O  O   . ASP A 1 18  ? 10.304  8.047   8.472   1.00 45.98 ? 18  ASP A O   1 
ATOM   83   C  CB  . ASP A 1 18  ? 12.302  9.179   6.512   1.00 46.93 ? 18  ASP A CB  1 
ATOM   84   C  CG  . ASP A 1 18  ? 13.521  10.061  6.579   1.00 47.24 ? 18  ASP A CG  1 
ATOM   85   O  OD1 . ASP A 1 18  ? 14.467  9.709   7.322   1.00 47.19 ? 18  ASP A OD1 1 
ATOM   86   O  OD2 . ASP A 1 18  ? 13.528  11.105  5.892   1.00 47.20 ? 18  ASP A OD2 1 
ATOM   87   N  N   . THR A 1 19  ? 10.622  6.298   7.096   1.00 45.10 ? 19  THR A N   1 
ATOM   88   C  CA  . THR A 1 19  ? 9.260   5.802   7.309   1.00 44.14 ? 19  THR A CA  1 
ATOM   89   C  C   . THR A 1 19  ? 9.118   4.421   7.942   1.00 43.47 ? 19  THR A C   1 
ATOM   90   O  O   . THR A 1 19  ? 7.996   3.939   8.116   1.00 43.29 ? 19  THR A O   1 
ATOM   91   C  CB  . THR A 1 19  ? 8.455   5.797   5.974   1.00 44.09 ? 19  THR A CB  1 
ATOM   92   O  OG1 . THR A 1 19  ? 9.056   4.880   5.045   1.00 43.92 ? 19  THR A OG1 1 
ATOM   93   C  CG2 . THR A 1 19  ? 8.425   7.184   5.369   1.00 43.86 ? 19  THR A CG2 1 
ATOM   94   N  N   . THR A 1 20  ? 10.235  3.777   8.278   1.00 42.52 ? 20  THR A N   1 
ATOM   95   C  CA  . THR A 1 20  ? 10.158  2.454   8.890   1.00 41.71 ? 20  THR A CA  1 
ATOM   96   C  C   . THR A 1 20  ? 9.372   2.518   10.187  1.00 41.13 ? 20  THR A C   1 
ATOM   97   O  O   . THR A 1 20  ? 8.568   1.640   10.471  1.00 40.98 ? 20  THR A O   1 
ATOM   98   C  CB  . THR A 1 20  ? 11.545  1.868   9.196   1.00 41.61 ? 20  THR A CB  1 
ATOM   99   O  OG1 . THR A 1 20  ? 12.249  1.642   7.971   1.00 41.49 ? 20  THR A OG1 1 
ATOM   100  C  CG2 . THR A 1 20  ? 11.408  0.538   9.931   1.00 41.62 ? 20  THR A CG2 1 
ATOM   101  N  N   . ALA A 1 21  ? 9.596   3.563   10.977  1.00 40.60 ? 21  ALA A N   1 
ATOM   102  C  CA  . ALA A 1 21  ? 8.867   3.687   12.228  1.00 40.12 ? 21  ALA A CA  1 
ATOM   103  C  C   . ALA A 1 21  ? 7.357   3.605   11.986  1.00 39.80 ? 21  ALA A C   1 
ATOM   104  O  O   . ALA A 1 21  ? 6.681   2.736   12.533  1.00 39.53 ? 21  ALA A O   1 
ATOM   105  C  CB  . ALA A 1 21  ? 9.203   5.001   12.908  1.00 39.95 ? 21  ALA A CB  1 
ATOM   106  N  N   . VAL A 1 22  ? 6.832   4.514   11.164  1.00 39.65 ? 22  VAL A N   1 
ATOM   107  C  CA  . VAL A 1 22  ? 5.396   4.535   10.913  1.00 39.40 ? 22  VAL A CA  1 
ATOM   108  C  C   . VAL A 1 22  ? 4.961   3.262   10.198  1.00 39.39 ? 22  VAL A C   1 
ATOM   109  O  O   . VAL A 1 22  ? 3.845   2.782   10.399  1.00 39.28 ? 22  VAL A O   1 
ATOM   110  C  CB  . VAL A 1 22  ? 4.967   5.814   10.132  1.00 39.35 ? 22  VAL A CB  1 
ATOM   111  C  CG1 . VAL A 1 22  ? 5.538   5.821   8.717   1.00 38.97 ? 22  VAL A CG1 1 
ATOM   112  C  CG2 . VAL A 1 22  ? 3.444   5.906   10.120  1.00 39.36 ? 22  VAL A CG2 1 
ATOM   113  N  N   . HIS A 1 23  ? 5.860   2.696   9.399   1.00 39.44 ? 23  HIS A N   1 
ATOM   114  C  CA  . HIS A 1 23  ? 5.555   1.460   8.702   1.00 39.73 ? 23  HIS A CA  1 
ATOM   115  C  C   . HIS A 1 23  ? 5.277   0.366   9.733   1.00 39.87 ? 23  HIS A C   1 
ATOM   116  O  O   . HIS A 1 23  ? 4.268   -0.342  9.634   1.00 39.78 ? 23  HIS A O   1 
ATOM   117  C  CB  . HIS A 1 23  ? 6.717   1.029   7.801   1.00 40.00 ? 23  HIS A CB  1 
ATOM   118  C  CG  . HIS A 1 23  ? 6.540   -0.335  7.212   1.00 40.26 ? 23  HIS A CG  1 
ATOM   119  N  ND1 . HIS A 1 23  ? 6.706   -1.487  7.948   1.00 40.42 ? 23  HIS A ND1 1 
ATOM   120  C  CD2 . HIS A 1 23  ? 6.107   -0.729  5.991   1.00 40.48 ? 23  HIS A CD2 1 
ATOM   121  C  CE1 . HIS A 1 23  ? 6.376   -2.533  7.206   1.00 40.70 ? 23  HIS A CE1 1 
ATOM   122  N  NE2 . HIS A 1 23  ? 6.005   -2.099  6.014   1.00 41.12 ? 23  HIS A NE2 1 
ATOM   123  N  N   . ASP A 1 24  ? 6.168   0.222   10.718  1.00 39.85 ? 24  ASP A N   1 
ATOM   124  C  CA  . ASP A 1 24  ? 5.972   -0.798  11.745  1.00 39.86 ? 24  ASP A CA  1 
ATOM   125  C  C   . ASP A 1 24  ? 4.675   -0.569  12.532  1.00 39.67 ? 24  ASP A C   1 
ATOM   126  O  O   . ASP A 1 24  ? 3.991   -1.516  12.892  1.00 39.70 ? 24  ASP A O   1 
ATOM   127  C  CB  . ASP A 1 24  ? 7.177   -0.841  12.697  1.00 39.99 ? 24  ASP A CB  1 
ATOM   128  C  CG  . ASP A 1 24  ? 8.374   -1.595  12.110  1.00 40.29 ? 24  ASP A CG  1 
ATOM   129  O  OD1 . ASP A 1 24  ? 8.229   -2.282  11.069  1.00 40.48 ? 24  ASP A OD1 1 
ATOM   130  O  OD2 . ASP A 1 24  ? 9.467   -1.510  12.703  1.00 40.25 ? 24  ASP A OD2 1 
ATOM   131  N  N   . SER A 1 25  ? 4.328   0.682   12.798  1.00 39.55 ? 25  SER A N   1 
ATOM   132  C  CA  . SER A 1 25  ? 3.092   0.944   13.527  1.00 39.51 ? 25  SER A CA  1 
ATOM   133  C  C   . SER A 1 25  ? 1.892   0.483   12.682  1.00 39.36 ? 25  SER A C   1 
ATOM   134  O  O   . SER A 1 25  ? 0.859   0.069   13.219  1.00 39.23 ? 25  SER A O   1 
ATOM   135  C  CB  . SER A 1 25  ? 2.964   2.431   13.869  1.00 39.42 ? 25  SER A CB  1 
ATOM   136  O  OG  . SER A 1 25  ? 2.735   3.204   12.708  1.00 40.02 ? 25  SER A OG  1 
ATOM   137  N  N   . VAL A 1 26  ? 2.025   0.555   11.361  1.00 39.21 ? 26  VAL A N   1 
ATOM   138  C  CA  . VAL A 1 26  ? 0.943   0.099   10.499  1.00 39.03 ? 26  VAL A CA  1 
ATOM   139  C  C   . VAL A 1 26  ? 0.925   -1.418  10.584  1.00 39.17 ? 26  VAL A C   1 
ATOM   140  O  O   . VAL A 1 26  ? -0.126  -2.036  10.789  1.00 39.16 ? 26  VAL A O   1 
ATOM   141  C  CB  . VAL A 1 26  ? 1.155   0.511   9.037   1.00 38.85 ? 26  VAL A CB  1 
ATOM   142  C  CG1 . VAL A 1 26  ? 0.193   -0.263  8.132   1.00 38.92 ? 26  VAL A CG1 1 
ATOM   143  C  CG2 . VAL A 1 26  ? 0.935   2.006   8.888   1.00 38.63 ? 26  VAL A CG2 1 
ATOM   144  N  N   . ASP A 1 27  ? 2.096   -2.018  10.418  1.00 39.24 ? 27  ASP A N   1 
ATOM   145  C  CA  . ASP A 1 27  ? 2.221   -3.459  10.502  1.00 39.42 ? 27  ASP A CA  1 
ATOM   146  C  C   . ASP A 1 27  ? 1.539   -3.940  11.791  1.00 39.42 ? 27  ASP A C   1 
ATOM   147  O  O   . ASP A 1 27  ? 0.732   -4.868  11.768  1.00 39.31 ? 27  ASP A O   1 
ATOM   148  C  CB  . ASP A 1 27  ? 3.698   -3.841  10.526  1.00 39.66 ? 27  ASP A CB  1 
ATOM   149  C  CG  . ASP A 1 27  ? 3.916   -5.337  10.569  1.00 39.89 ? 27  ASP A CG  1 
ATOM   150  O  OD1 . ASP A 1 27  ? 3.112   -6.065  11.198  1.00 39.98 ? 27  ASP A OD1 1 
ATOM   151  O  OD2 . ASP A 1 27  ? 4.912   -5.796  9.980   1.00 40.44 ? 27  ASP A OD2 1 
ATOM   152  N  N   . ASN A 1 28  ? 1.869   -3.306  12.914  1.00 39.51 ? 28  ASN A N   1 
ATOM   153  C  CA  . ASN A 1 28  ? 1.270   -3.685  14.188  1.00 39.78 ? 28  ASN A CA  1 
ATOM   154  C  C   . ASN A 1 28  ? -0.247  -3.465  14.184  1.00 40.01 ? 28  ASN A C   1 
ATOM   155  O  O   . ASN A 1 28  ? -1.012  -4.326  14.627  1.00 39.95 ? 28  ASN A O   1 
ATOM   156  C  CB  . ASN A 1 28  ? 1.894   -2.888  15.340  1.00 39.58 ? 28  ASN A CB  1 
ATOM   157  C  CG  . ASN A 1 28  ? 3.312   -3.340  15.672  1.00 39.68 ? 28  ASN A CG  1 
ATOM   158  O  OD1 . ASN A 1 28  ? 3.662   -4.514  15.500  1.00 39.30 ? 28  ASN A OD1 1 
ATOM   159  N  ND2 . ASN A 1 28  ? 4.129   -2.410  16.174  1.00 39.57 ? 28  ASN A ND2 1 
ATOM   160  N  N   . LEU A 1 29  ? -0.689  -2.322  13.675  1.00 40.22 ? 29  LEU A N   1 
ATOM   161  C  CA  . LEU A 1 29  ? -2.118  -2.035  13.658  1.00 40.69 ? 29  LEU A CA  1 
ATOM   162  C  C   . LEU A 1 29  ? -2.884  -3.016  12.780  1.00 41.02 ? 29  LEU A C   1 
ATOM   163  O  O   . LEU A 1 29  ? -3.988  -3.448  13.140  1.00 41.15 ? 29  LEU A O   1 
ATOM   164  C  CB  . LEU A 1 29  ? -2.378  -0.595  13.205  1.00 40.51 ? 29  LEU A CB  1 
ATOM   165  C  CG  . LEU A 1 29  ? -3.828  -0.135  13.356  1.00 40.62 ? 29  LEU A CG  1 
ATOM   166  C  CD1 . LEU A 1 29  ? -4.274  -0.292  14.804  1.00 40.57 ? 29  LEU A CD1 1 
ATOM   167  C  CD2 . LEU A 1 29  ? -3.948  1.310   12.926  1.00 40.51 ? 29  LEU A CD2 1 
ATOM   168  N  N   . VAL A 1 30  ? -2.313  -3.377  11.636  1.00 41.32 ? 30  VAL A N   1 
ATOM   169  C  CA  . VAL A 1 30  ? -2.978  -4.323  10.755  1.00 41.83 ? 30  VAL A CA  1 
ATOM   170  C  C   . VAL A 1 30  ? -3.084  -5.678  11.443  1.00 42.25 ? 30  VAL A C   1 
ATOM   171  O  O   . VAL A 1 30  ? -4.127  -6.331  11.397  1.00 42.25 ? 30  VAL A O   1 
ATOM   172  C  CB  . VAL A 1 30  ? -2.214  -4.519  9.430   1.00 41.87 ? 30  VAL A CB  1 
ATOM   173  C  CG1 . VAL A 1 30  ? -2.757  -5.746  8.698   1.00 41.56 ? 30  VAL A CG1 1 
ATOM   174  C  CG2 . VAL A 1 30  ? -2.366  -3.278  8.548   1.00 41.99 ? 30  VAL A CG2 1 
ATOM   175  N  N   . MET A 1 31  ? -2.002  -6.112  12.073  1.00 42.78 ? 31  MET A N   1 
ATOM   176  C  CA  . MET A 1 31  ? -2.031  -7.397  12.761  1.00 43.41 ? 31  MET A CA  1 
ATOM   177  C  C   . MET A 1 31  ? -2.960  -7.373  13.984  1.00 43.71 ? 31  MET A C   1 
ATOM   178  O  O   . MET A 1 31  ? -3.584  -8.378  14.316  1.00 43.65 ? 31  MET A O   1 
ATOM   179  C  CB  . MET A 1 31  ? -0.617  -7.800  13.175  1.00 43.58 ? 31  MET A CB  1 
ATOM   180  C  CG  . MET A 1 31  ? 0.295   -8.055  11.984  1.00 43.81 ? 31  MET A CG  1 
ATOM   181  S  SD  . MET A 1 31  ? -0.470  -9.134  10.740  1.00 44.23 ? 31  MET A SD  1 
ATOM   182  C  CE  . MET A 1 31  ? -0.043  -10.744 11.405  1.00 44.37 ? 31  MET A CE  1 
ATOM   183  N  N   . SER A 1 32  ? -3.051  -6.214  14.630  1.00 44.12 ? 32  SER A N   1 
ATOM   184  C  CA  . SER A 1 32  ? -3.883  -6.035  15.810  1.00 44.74 ? 32  SER A CA  1 
ATOM   185  C  C   . SER A 1 32  ? -5.351  -6.328  15.592  1.00 45.21 ? 32  SER A C   1 
ATOM   186  O  O   . SER A 1 32  ? -5.999  -6.895  16.462  1.00 45.28 ? 32  SER A O   1 
ATOM   187  C  CB  . SER A 1 32  ? -3.755  -4.608  16.342  1.00 44.74 ? 32  SER A CB  1 
ATOM   188  O  OG  . SER A 1 32  ? -2.510  -4.421  16.985  1.00 45.12 ? 32  SER A OG  1 
ATOM   189  N  N   . VAL A 1 33  ? -5.871  -5.944  14.431  1.00 45.75 ? 33  VAL A N   1 
ATOM   190  C  CA  . VAL A 1 33  ? -7.281  -6.133  14.121  1.00 46.48 ? 33  VAL A CA  1 
ATOM   191  C  C   . VAL A 1 33  ? -7.669  -7.498  13.540  1.00 47.07 ? 33  VAL A C   1 
ATOM   192  O  O   . VAL A 1 33  ? -8.783  -7.667  13.044  1.00 46.92 ? 33  VAL A O   1 
ATOM   193  C  CB  . VAL A 1 33  ? -7.777  -5.008  13.170  1.00 46.35 ? 33  VAL A CB  1 
ATOM   194  C  CG1 . VAL A 1 33  ? -7.606  -3.646  13.842  1.00 46.18 ? 33  VAL A CG1 1 
ATOM   195  C  CG2 . VAL A 1 33  ? -7.010  -5.049  11.866  1.00 46.15 ? 33  VAL A CG2 1 
ATOM   196  N  N   . GLN A 1 34  ? -6.752  -8.463  13.612  1.00 47.95 ? 34  GLN A N   1 
ATOM   197  C  CA  . GLN A 1 34  ? -6.992  -9.827  13.121  1.00 48.74 ? 34  GLN A CA  1 
ATOM   198  C  C   . GLN A 1 34  ? -7.653  -9.886  11.745  1.00 49.29 ? 34  GLN A C   1 
ATOM   199  O  O   . GLN A 1 34  ? -8.819  -10.268 11.616  1.00 49.30 ? 34  GLN A O   1 
ATOM   200  C  CB  . GLN A 1 34  ? -7.837  -10.605 14.137  1.00 48.83 ? 34  GLN A CB  1 
ATOM   201  C  CG  . GLN A 1 34  ? -7.120  -10.843 15.466  1.00 49.35 ? 34  GLN A CG  1 
ATOM   202  C  CD  . GLN A 1 34  ? -6.006  -11.881 15.369  1.00 49.57 ? 34  GLN A CD  1 
ATOM   203  O  OE1 . GLN A 1 34  ? -5.192  -12.033 16.291  1.00 49.97 ? 34  GLN A OE1 1 
ATOM   204  N  NE2 . GLN A 1 34  ? -5.971  -12.610 14.261  1.00 49.55 ? 34  GLN A NE2 1 
ATOM   205  N  N   . PRO A 1 35  ? -6.892  -9.541  10.693  1.00 49.86 ? 35  PRO A N   1 
ATOM   206  C  CA  . PRO A 1 35  ? -7.300  -9.511  9.289   1.00 50.39 ? 35  PRO A CA  1 
ATOM   207  C  C   . PRO A 1 35  ? -7.726  -10.855 8.732   1.00 51.02 ? 35  PRO A C   1 
ATOM   208  O  O   . PRO A 1 35  ? -8.747  -10.973 8.045   1.00 51.07 ? 35  PRO A O   1 
ATOM   209  C  CB  . PRO A 1 35  ? -6.045  -9.020  8.569   1.00 50.30 ? 35  PRO A CB  1 
ATOM   210  C  CG  . PRO A 1 35  ? -5.236  -8.375  9.624   1.00 50.18 ? 35  PRO A CG  1 
ATOM   211  C  CD  . PRO A 1 35  ? -5.457  -9.244  10.807  1.00 50.06 ? 35  PRO A CD  1 
ATOM   212  N  N   . PHE A 1 36  ? -6.917  -11.867 9.015   1.00 51.76 ? 36  PHE A N   1 
ATOM   213  C  CA  . PHE A 1 36  ? -7.174  -13.199 8.503   1.00 52.41 ? 36  PHE A CA  1 
ATOM   214  C  C   . PHE A 1 36  ? -7.776  -14.134 9.539   1.00 52.79 ? 36  PHE A C   1 
ATOM   215  O  O   . PHE A 1 36  ? -7.747  -15.355 9.370   1.00 52.85 ? 36  PHE A O   1 
ATOM   216  C  CB  . PHE A 1 36  ? -5.868  -13.784 7.979   1.00 52.62 ? 36  PHE A CB  1 
ATOM   217  C  CG  . PHE A 1 36  ? -5.063  -12.816 7.164   1.00 52.89 ? 36  PHE A CG  1 
ATOM   218  C  CD1 . PHE A 1 36  ? -3.875  -12.281 7.667   1.00 53.03 ? 36  PHE A CD1 1 
ATOM   219  C  CD2 . PHE A 1 36  ? -5.498  -12.421 5.899   1.00 52.93 ? 36  PHE A CD2 1 
ATOM   220  C  CE1 . PHE A 1 36  ? -3.130  -11.368 6.926   1.00 53.03 ? 36  PHE A CE1 1 
ATOM   221  C  CE2 . PHE A 1 36  ? -4.762  -11.506 5.145   1.00 52.98 ? 36  PHE A CE2 1 
ATOM   222  C  CZ  . PHE A 1 36  ? -3.575  -10.979 5.661   1.00 53.07 ? 36  PHE A CZ  1 
ATOM   223  N  N   . VAL A 1 37  ? -8.330  -13.565 10.604  1.00 53.07 ? 37  VAL A N   1 
ATOM   224  C  CA  . VAL A 1 37  ? -8.923  -14.378 11.650  1.00 53.37 ? 37  VAL A CA  1 
ATOM   225  C  C   . VAL A 1 37  ? -10.196 -15.045 11.135  1.00 53.62 ? 37  VAL A C   1 
ATOM   226  O  O   . VAL A 1 37  ? -10.381 -16.244 11.301  1.00 53.70 ? 37  VAL A O   1 
ATOM   227  C  CB  . VAL A 1 37  ? -9.232  -13.525 12.912  1.00 53.40 ? 37  VAL A CB  1 
ATOM   228  C  CG1 . VAL A 1 37  ? -10.472 -12.662 12.689  1.00 53.40 ? 37  VAL A CG1 1 
ATOM   229  C  CG2 . VAL A 1 37  ? -9.396  -14.427 14.123  1.00 53.51 ? 37  VAL A CG2 1 
ATOM   230  N  N   . SER A 1 38  ? -11.058 -14.269 10.482  1.00 53.90 ? 38  SER A N   1 
ATOM   231  C  CA  . SER A 1 38  ? -12.311 -14.790 9.949   1.00 54.03 ? 38  SER A CA  1 
ATOM   232  C  C   . SER A 1 38  ? -12.574 -14.171 8.584   1.00 54.15 ? 38  SER A C   1 
ATOM   233  O  O   . SER A 1 38  ? -11.772 -13.374 8.105   1.00 54.25 ? 38  SER A O   1 
ATOM   234  C  CB  . SER A 1 38  ? -13.456 -14.446 10.897  1.00 54.03 ? 38  SER A CB  1 
ATOM   235  O  OG  . SER A 1 38  ? -13.565 -13.043 11.066  1.00 54.21 ? 38  SER A OG  1 
ATOM   236  N  N   . LYS A 1 39  ? -13.699 -14.522 7.965   1.00 54.19 ? 39  LYS A N   1 
ATOM   237  C  CA  . LYS A 1 39  ? -14.038 -13.989 6.655   1.00 54.22 ? 39  LYS A CA  1 
ATOM   238  C  C   . LYS A 1 39  ? -14.444 -12.517 6.694   1.00 54.12 ? 39  LYS A C   1 
ATOM   239  O  O   . LYS A 1 39  ? -13.954 -11.718 5.899   1.00 54.10 ? 39  LYS A O   1 
ATOM   240  C  CB  . LYS A 1 39  ? -15.168 -14.802 6.019   1.00 54.61 ? 39  LYS A CB  1 
ATOM   241  C  CG  . LYS A 1 39  ? -15.519 -14.345 4.607   1.00 54.89 ? 39  LYS A CG  1 
ATOM   242  C  CD  . LYS A 1 39  ? -16.755 -15.051 4.059   1.00 55.22 ? 39  LYS A CD  1 
ATOM   243  C  CE  . LYS A 1 39  ? -17.210 -14.409 2.753   1.00 55.42 ? 39  LYS A CE  1 
ATOM   244  N  NZ  . LYS A 1 39  ? -18.533 -14.921 2.275   1.00 55.74 ? 39  LYS A NZ  1 
ATOM   245  N  N   . GLU A 1 40  ? -15.356 -12.164 7.600   1.00 54.00 ? 40  GLU A N   1 
ATOM   246  C  CA  . GLU A 1 40  ? -15.809 -10.779 7.723   1.00 53.68 ? 40  GLU A CA  1 
ATOM   247  C  C   . GLU A 1 40  ? -14.575 -9.889  7.771   1.00 53.20 ? 40  GLU A C   1 
ATOM   248  O  O   . GLU A 1 40  ? -14.431 -8.964  6.974   1.00 53.26 ? 40  GLU A O   1 
ATOM   249  C  CB  . GLU A 1 40  ? -16.601 -10.564 9.016   1.00 54.09 ? 40  GLU A CB  1 
ATOM   250  C  CG  . GLU A 1 40  ? -17.844 -11.418 9.182   1.00 54.83 ? 40  GLU A CG  1 
ATOM   251  C  CD  . GLU A 1 40  ? -18.623 -11.066 10.451  1.00 55.20 ? 40  GLU A CD  1 
ATOM   252  O  OE1 . GLU A 1 40  ? -18.093 -11.260 11.570  1.00 55.45 ? 40  GLU A OE1 1 
ATOM   253  O  OE2 . GLU A 1 40  ? -19.770 -10.583 10.324  1.00 55.58 ? 40  GLU A OE2 1 
ATOM   254  N  N   . ASN A 1 41  ? -13.689 -10.192 8.717   1.00 52.46 ? 41  ASN A N   1 
ATOM   255  C  CA  . ASN A 1 41  ? -12.459 -9.445  8.914   1.00 51.79 ? 41  ASN A CA  1 
ATOM   256  C  C   . ASN A 1 41  ? -11.570 -9.329  7.683   1.00 51.34 ? 41  ASN A C   1 
ATOM   257  O  O   . ASN A 1 41  ? -10.946 -8.296  7.468   1.00 51.22 ? 41  ASN A O   1 
ATOM   258  C  CB  . ASN A 1 41  ? -11.675 -10.046 10.079  1.00 51.78 ? 41  ASN A CB  1 
ATOM   259  C  CG  . ASN A 1 41  ? -12.075 -9.441  11.410  1.00 51.66 ? 41  ASN A CG  1 
ATOM   260  O  OD1 . ASN A 1 41  ? -13.225 -9.044  11.596  1.00 51.74 ? 41  ASN A OD1 1 
ATOM   261  N  ND2 . ASN A 1 41  ? -11.132 -9.370  12.343  1.00 51.38 ? 41  ASN A ND2 1 
ATOM   262  N  N   . TYR A 1 42  ? -11.509 -10.378 6.873   1.00 50.82 ? 42  TYR A N   1 
ATOM   263  C  CA  . TYR A 1 42  ? -10.696 -10.324 5.673   1.00 50.22 ? 42  TYR A CA  1 
ATOM   264  C  C   . TYR A 1 42  ? -11.402 -9.434  4.653   1.00 49.71 ? 42  TYR A C   1 
ATOM   265  O  O   . TYR A 1 42  ? -10.770 -8.828  3.789   1.00 49.71 ? 42  TYR A O   1 
ATOM   266  C  CB  . TYR A 1 42  ? -10.475 -11.719 5.090   1.00 50.33 ? 42  TYR A CB  1 
ATOM   267  C  CG  . TYR A 1 42  ? -9.549  -11.714 3.887   1.00 50.33 ? 42  TYR A CG  1 
ATOM   268  C  CD1 . TYR A 1 42  ? -8.217  -11.319 4.007   1.00 50.36 ? 42  TYR A CD1 1 
ATOM   269  C  CD2 . TYR A 1 42  ? -10.021 -12.048 2.621   1.00 50.41 ? 42  TYR A CD2 1 
ATOM   270  C  CE1 . TYR A 1 42  ? -7.380  -11.249 2.887   1.00 50.35 ? 42  TYR A CE1 1 
ATOM   271  C  CE2 . TYR A 1 42  ? -9.198  -11.982 1.501   1.00 50.32 ? 42  TYR A CE2 1 
ATOM   272  C  CZ  . TYR A 1 42  ? -7.882  -11.581 1.639   1.00 50.33 ? 42  TYR A CZ  1 
ATOM   273  O  OH  . TYR A 1 42  ? -7.079  -11.507 0.518   1.00 50.41 ? 42  TYR A OH  1 
ATOM   274  N  N   . ILE A 1 43  ? -12.720 -9.346  4.766   1.00 49.07 ? 43  ILE A N   1 
ATOM   275  C  CA  . ILE A 1 43  ? -13.487 -8.508  3.861   1.00 48.40 ? 43  ILE A CA  1 
ATOM   276  C  C   . ILE A 1 43  ? -13.244 -7.047  4.229   1.00 47.84 ? 43  ILE A C   1 
ATOM   277  O  O   . ILE A 1 43  ? -13.105 -6.195  3.349   1.00 47.87 ? 43  ILE A O   1 
ATOM   278  C  CB  . ILE A 1 43  ? -14.989 -8.846  3.940   1.00 48.62 ? 43  ILE A CB  1 
ATOM   279  C  CG1 . ILE A 1 43  ? -15.228 -10.213 3.281   1.00 48.84 ? 43  ILE A CG1 1 
ATOM   280  C  CG2 . ILE A 1 43  ? -15.818 -7.763  3.255   1.00 48.68 ? 43  ILE A CG2 1 
ATOM   281  C  CD1 . ILE A 1 43  ? -16.695 -10.631 3.191   1.00 48.96 ? 43  ILE A CD1 1 
ATOM   282  N  N   . LYS A 1 44  ? -13.187 -6.763  5.528   1.00 46.97 ? 44  LYS A N   1 
ATOM   283  C  CA  . LYS A 1 44  ? -12.932 -5.409  5.996   1.00 46.16 ? 44  LYS A CA  1 
ATOM   284  C  C   . LYS A 1 44  ? -11.508 -5.043  5.584   1.00 45.67 ? 44  LYS A C   1 
ATOM   285  O  O   . LYS A 1 44  ? -11.213 -3.887  5.258   1.00 45.52 ? 44  LYS A O   1 
ATOM   286  C  CB  . LYS A 1 44  ? -13.070 -5.331  7.518   0.50 46.05 ? 44  LYS A CB  1 
ATOM   287  C  CG  . LYS A 1 44  ? -14.504 -5.418  8.014   0.50 45.87 ? 44  LYS A CG  1 
ATOM   288  C  CD  . LYS A 1 44  ? -14.570 -5.285  9.519   0.50 45.66 ? 44  LYS A CD  1 
ATOM   289  C  CE  . LYS A 1 44  ? -16.010 -5.205  9.993   0.50 45.69 ? 44  LYS A CE  1 
ATOM   290  N  NZ  . LYS A 1 44  ? -16.092 -5.038  11.466  0.50 45.54 ? 44  LYS A NZ  1 
ATOM   291  N  N   . PHE A 1 45  ? -10.632 -6.043  5.590   1.00 44.90 ? 45  PHE A N   1 
ATOM   292  C  CA  . PHE A 1 45  ? -9.248  -5.828  5.212   1.00 44.23 ? 45  PHE A CA  1 
ATOM   293  C  C   . PHE A 1 45  ? -9.148  -5.453  3.744   1.00 43.91 ? 45  PHE A C   1 
ATOM   294  O  O   . PHE A 1 45  ? -8.260  -4.698  3.351   1.00 43.95 ? 45  PHE A O   1 
ATOM   295  C  CB  . PHE A 1 45  ? -8.418  -7.076  5.447   1.00 43.91 ? 45  PHE A CB  1 
ATOM   296  C  CG  . PHE A 1 45  ? -7.021  -6.964  4.910   1.00 43.58 ? 45  PHE A CG  1 
ATOM   297  C  CD1 . PHE A 1 45  ? -6.116  -6.076  5.476   1.00 43.40 ? 45  PHE A CD1 1 
ATOM   298  C  CD2 . PHE A 1 45  ? -6.625  -7.711  3.809   1.00 43.48 ? 45  PHE A CD2 1 
ATOM   299  C  CE1 . PHE A 1 45  ? -4.842  -5.930  4.956   1.00 43.38 ? 45  PHE A CE1 1 
ATOM   300  C  CE2 . PHE A 1 45  ? -5.342  -7.573  3.275   1.00 43.47 ? 45  PHE A CE2 1 
ATOM   301  C  CZ  . PHE A 1 45  ? -4.452  -6.684  3.844   1.00 43.44 ? 45  PHE A CZ  1 
ATOM   302  N  N   . LEU A 1 46  ? -10.053 -5.993  2.931   1.00 43.49 ? 46  LEU A N   1 
ATOM   303  C  CA  . LEU A 1 46  ? -10.052 -5.704  1.500   1.00 42.90 ? 46  LEU A CA  1 
ATOM   304  C  C   . LEU A 1 46  ? -10.618 -4.313  1.262   1.00 42.45 ? 46  LEU A C   1 
ATOM   305  O  O   . LEU A 1 46  ? -10.091 -3.556  0.462   1.00 42.50 ? 46  LEU A O   1 
ATOM   306  C  CB  . LEU A 1 46  ? -10.873 -6.750  0.744   1.00 42.93 ? 46  LEU A CB  1 
ATOM   307  C  CG  . LEU A 1 46  ? -10.342 -8.192  0.818   1.00 43.01 ? 46  LEU A CG  1 
ATOM   308  C  CD1 . LEU A 1 46  ? -11.261 -9.122  0.016   1.00 43.15 ? 46  LEU A CD1 1 
ATOM   309  C  CD2 . LEU A 1 46  ? -8.928  -8.270  0.260   1.00 42.86 ? 46  LEU A CD2 1 
ATOM   310  N  N   . LYS A 1 47  ? -11.687 -3.965  1.964   1.00 41.93 ? 47  LYS A N   1 
ATOM   311  C  CA  . LYS A 1 47  ? -12.273 -2.636  1.800   1.00 41.33 ? 47  LYS A CA  1 
ATOM   312  C  C   . LYS A 1 47  ? -11.156 -1.611  2.002   1.00 40.56 ? 47  LYS A C   1 
ATOM   313  O  O   . LYS A 1 47  ? -10.980 -0.692  1.202   1.00 40.39 ? 47  LYS A O   1 
ATOM   314  C  CB  . LYS A 1 47  ? -13.390 -2.415  2.825   1.00 41.55 ? 47  LYS A CB  1 
ATOM   315  C  CG  . LYS A 1 47  ? -14.517 -3.419  2.697   1.00 42.05 ? 47  LYS A CG  1 
ATOM   316  C  CD  . LYS A 1 47  ? -15.726 -3.016  3.509   1.00 42.35 ? 47  LYS A CD  1 
ATOM   317  C  CE  . LYS A 1 47  ? -16.854 -4.010  3.320   1.00 42.86 ? 47  LYS A CE  1 
ATOM   318  N  NZ  . LYS A 1 47  ? -17.252 -4.110  1.882   1.00 42.91 ? 47  LYS A NZ  1 
ATOM   319  N  N   . LEU A 1 48  ? -10.406 -1.802  3.083   1.00 39.73 ? 48  LEU A N   1 
ATOM   320  C  CA  . LEU A 1 48  ? -9.276  -0.953  3.437   1.00 38.91 ? 48  LEU A CA  1 
ATOM   321  C  C   . LEU A 1 48  ? -8.259  -0.868  2.286   1.00 38.38 ? 48  LEU A C   1 
ATOM   322  O  O   . LEU A 1 48  ? -7.919  0.222   1.836   1.00 38.09 ? 48  LEU A O   1 
ATOM   323  C  CB  . LEU A 1 48  ? -8.602  -1.514  4.693   1.00 38.62 ? 48  LEU A CB  1 
ATOM   324  C  CG  . LEU A 1 48  ? -7.164  -1.090  4.989   1.00 38.52 ? 48  LEU A CG  1 
ATOM   325  C  CD1 . LEU A 1 48  ? -7.110  0.418   5.286   1.00 38.29 ? 48  LEU A CD1 1 
ATOM   326  C  CD2 . LEU A 1 48  ? -6.637  -1.899  6.173   1.00 38.35 ? 48  LEU A CD2 1 
ATOM   327  N  N   . GLN A 1 49  ? -7.784  -2.025  1.826   1.00 37.91 ? 49  GLN A N   1 
ATOM   328  C  CA  . GLN A 1 49  ? -6.816  -2.102  0.733   1.00 37.57 ? 49  GLN A CA  1 
ATOM   329  C  C   . GLN A 1 49  ? -7.362  -1.401  -0.500  1.00 37.57 ? 49  GLN A C   1 
ATOM   330  O  O   . GLN A 1 49  ? -6.627  -0.766  -1.269  1.00 37.52 ? 49  GLN A O   1 
ATOM   331  C  CB  . GLN A 1 49  ? -6.542  -3.565  0.401   1.00 37.56 ? 49  GLN A CB  1 
ATOM   332  C  CG  . GLN A 1 49  ? -5.807  -4.297  1.507   1.00 37.40 ? 49  GLN A CG  1 
ATOM   333  C  CD  . GLN A 1 49  ? -4.326  -3.991  1.504   1.00 37.31 ? 49  GLN A CD  1 
ATOM   334  O  OE1 . GLN A 1 49  ? -3.515  -4.786  1.023   1.00 37.38 ? 49  GLN A OE1 1 
ATOM   335  N  NE2 . GLN A 1 49  ? -3.962  -2.827  2.025   1.00 37.16 ? 49  GLN A NE2 1 
ATOM   336  N  N   . SER A 1 50  ? -8.672  -1.536  -0.664  1.00 37.36 ? 50  SER A N   1 
ATOM   337  C  CA  . SER A 1 50  ? -9.424  -0.951  -1.762  1.00 36.97 ? 50  SER A CA  1 
ATOM   338  C  C   . SER A 1 50  ? -9.320  0.570   -1.732  1.00 36.59 ? 50  SER A C   1 
ATOM   339  O  O   . SER A 1 50  ? -9.008  1.208   -2.747  1.00 36.66 ? 50  SER A O   1 
ATOM   340  C  CB  . SER A 1 50  ? -10.892 -1.386  -1.632  1.00 37.16 ? 50  SER A CB  1 
ATOM   341  O  OG  . SER A 1 50  ? -11.720 -0.733  -2.561  1.00 37.73 ? 50  SER A OG  1 
ATOM   342  N  N   . VAL A 1 51  ? -9.583  1.153   -0.564  1.00 36.17 ? 51  VAL A N   1 
ATOM   343  C  CA  . VAL A 1 51  ? -9.524  2.600   -0.422  1.00 35.66 ? 51  VAL A CA  1 
ATOM   344  C  C   . VAL A 1 51  ? -8.109  3.113   -0.625  1.00 35.46 ? 51  VAL A C   1 
ATOM   345  O  O   . VAL A 1 51  ? -7.889  4.073   -1.352  1.00 35.40 ? 51  VAL A O   1 
ATOM   346  C  CB  . VAL A 1 51  ? -10.039 3.060   0.965   1.00 35.74 ? 51  VAL A CB  1 
ATOM   347  C  CG1 . VAL A 1 51  ? -9.898  4.578   1.102   1.00 35.24 ? 51  VAL A CG1 1 
ATOM   348  C  CG2 . VAL A 1 51  ? -11.513 2.663   1.128   1.00 35.72 ? 51  VAL A CG2 1 
ATOM   349  N  N   . PHE A 1 52  ? -7.137  2.479   0.013   1.00 35.25 ? 52  PHE A N   1 
ATOM   350  C  CA  . PHE A 1 52  ? -5.772  2.942   -0.161  1.00 35.13 ? 52  PHE A CA  1 
ATOM   351  C  C   . PHE A 1 52  ? -5.342  2.873   -1.622  1.00 34.99 ? 52  PHE A C   1 
ATOM   352  O  O   . PHE A 1 52  ? -4.823  3.847   -2.155  1.00 34.81 ? 52  PHE A O   1 
ATOM   353  C  CB  . PHE A 1 52  ? -4.789  2.124   0.670   1.00 34.88 ? 52  PHE A CB  1 
ATOM   354  C  CG  . PHE A 1 52  ? -3.374  2.614   0.554   1.00 34.90 ? 52  PHE A CG  1 
ATOM   355  C  CD1 . PHE A 1 52  ? -3.017  3.862   1.057   1.00 34.90 ? 52  PHE A CD1 1 
ATOM   356  C  CD2 . PHE A 1 52  ? -2.411  1.856   -0.094  1.00 34.69 ? 52  PHE A CD2 1 
ATOM   357  C  CE1 . PHE A 1 52  ? -1.719  4.344   0.911   1.00 34.96 ? 52  PHE A CE1 1 
ATOM   358  C  CE2 . PHE A 1 52  ? -1.110  2.333   -0.244  1.00 34.93 ? 52  PHE A CE2 1 
ATOM   359  C  CZ  . PHE A 1 52  ? -0.765  3.574   0.257   1.00 34.82 ? 52  PHE A CZ  1 
ATOM   360  N  N   . HIS A 1 53  ? -5.552  1.725   -2.266  1.00 34.96 ? 53  HIS A N   1 
ATOM   361  C  CA  . HIS A 1 53  ? -5.145  1.578   -3.653  1.00 35.10 ? 53  HIS A CA  1 
ATOM   362  C  C   . HIS A 1 53  ? -5.904  2.449   -4.626  1.00 34.99 ? 53  HIS A C   1 
ATOM   363  O  O   . HIS A 1 53  ? -5.367  2.821   -5.672  1.00 34.93 ? 53  HIS A O   1 
ATOM   364  C  CB  . HIS A 1 53  ? -5.182  0.105   -4.067  1.00 35.29 ? 53  HIS A CB  1 
ATOM   365  C  CG  . HIS A 1 53  ? -4.078  -0.685  -3.444  1.00 35.67 ? 53  HIS A CG  1 
ATOM   366  N  ND1 . HIS A 1 53  ? -4.271  -1.499  -2.343  1.00 35.86 ? 53  HIS A ND1 1 
ATOM   367  C  CD2 . HIS A 1 53  ? -2.741  -0.642  -3.648  1.00 35.51 ? 53  HIS A CD2 1 
ATOM   368  C  CE1 . HIS A 1 53  ? -3.100  -1.912  -1.893  1.00 35.55 ? 53  HIS A CE1 1 
ATOM   369  N  NE2 . HIS A 1 53  ? -2.155  -1.406  -2.665  1.00 35.76 ? 53  HIS A NE2 1 
ATOM   370  N  N   . LYS A 1 54  ? -7.143  2.783   -4.279  1.00 35.00 ? 54  LYS A N   1 
ATOM   371  C  CA  . LYS A 1 54  ? -7.952  3.663   -5.114  1.00 35.03 ? 54  LYS A CA  1 
ATOM   372  C  C   . LYS A 1 54  ? -7.254  5.013   -5.062  1.00 34.90 ? 54  LYS A C   1 
ATOM   373  O  O   . LYS A 1 54  ? -7.070  5.684   -6.085  1.00 34.93 ? 54  LYS A O   1 
ATOM   374  C  CB  . LYS A 1 54  ? -9.365  3.828   -4.527  1.00 35.31 ? 54  LYS A CB  1 
ATOM   375  C  CG  . LYS A 1 54  ? -10.221 4.863   -5.258  1.00 35.51 ? 54  LYS A CG  1 
ATOM   376  C  CD  . LYS A 1 54  ? -10.500 4.405   -6.693  1.00 35.94 ? 54  LYS A CD  1 
ATOM   377  C  CE  . LYS A 1 54  ? -11.197 5.495   -7.523  1.00 36.26 ? 54  LYS A CE  1 
ATOM   378  N  NZ  . LYS A 1 54  ? -11.648 4.956   -8.848  1.00 36.08 ? 54  LYS A NZ  1 
ATOM   379  N  N   . ALA A 1 55  ? -6.865  5.398   -3.847  1.00 34.60 ? 55  ALA A N   1 
ATOM   380  C  CA  . ALA A 1 55  ? -6.195  6.667   -3.592  1.00 34.55 ? 55  ALA A CA  1 
ATOM   381  C  C   . ALA A 1 55  ? -4.834  6.860   -4.282  1.00 34.66 ? 55  ALA A C   1 
ATOM   382  O  O   . ALA A 1 55  ? -4.328  7.986   -4.312  1.00 34.51 ? 55  ALA A O   1 
ATOM   383  C  CB  . ALA A 1 55  ? -6.045  6.875   -2.087  1.00 34.35 ? 55  ALA A CB  1 
ATOM   384  N  N   . VAL A 1 56  ? -4.240  5.792   -4.822  1.00 34.73 ? 56  VAL A N   1 
ATOM   385  C  CA  . VAL A 1 56  ? -2.952  5.927   -5.518  1.00 35.07 ? 56  VAL A CA  1 
ATOM   386  C  C   . VAL A 1 56  ? -3.048  5.545   -6.986  1.00 35.36 ? 56  VAL A C   1 
ATOM   387  O  O   . VAL A 1 56  ? -2.074  5.651   -7.738  1.00 35.25 ? 56  VAL A O   1 
ATOM   388  C  CB  . VAL A 1 56  ? -1.832  5.062   -4.882  1.00 34.99 ? 56  VAL A CB  1 
ATOM   389  C  CG1 . VAL A 1 56  ? -1.562  5.534   -3.452  1.00 34.68 ? 56  VAL A CG1 1 
ATOM   390  C  CG2 . VAL A 1 56  ? -2.214  3.574   -4.925  1.00 34.95 ? 56  VAL A CG2 1 
ATOM   391  N  N   . ASP A 1 57  ? -4.238  5.123   -7.396  1.00 36.00 ? 57  ASP A N   1 
ATOM   392  C  CA  . ASP A 1 57  ? -4.467  4.700   -8.765  1.00 36.44 ? 57  ASP A CA  1 
ATOM   393  C  C   . ASP A 1 57  ? -4.119  5.817   -9.756  1.00 36.99 ? 57  ASP A C   1 
ATOM   394  O  O   . ASP A 1 57  ? -3.466  5.566   -10.770 1.00 37.08 ? 57  ASP A O   1 
ATOM   395  C  CB  . ASP A 1 57  ? -5.926  4.249   -8.917  1.00 36.39 ? 57  ASP A CB  1 
ATOM   396  C  CG  . ASP A 1 57  ? -6.129  3.269   -10.073 1.00 36.43 ? 57  ASP A CG  1 
ATOM   397  O  OD1 . ASP A 1 57  ? -6.971  3.563   -10.951 1.00 36.26 ? 57  ASP A OD1 1 
ATOM   398  O  OD2 . ASP A 1 57  ? -5.462  2.206   -10.099 1.00 36.33 ? 57  ASP A OD2 1 
ATOM   399  N  N   . HIS A 1 58  ? -4.528  7.052   -9.471  1.00 37.64 ? 58  HIS A N   1 
ATOM   400  C  CA  . HIS A 1 58  ? -4.209  8.144   -10.387 1.00 38.51 ? 58  HIS A CA  1 
ATOM   401  C  C   . HIS A 1 58  ? -2.704  8.424   -10.426 1.00 39.05 ? 58  HIS A C   1 
ATOM   402  O  O   . HIS A 1 58  ? -2.205  9.054   -11.359 1.00 39.07 ? 58  HIS A O   1 
ATOM   403  C  CB  . HIS A 1 58  ? -4.951  9.429   -10.000 1.00 38.41 ? 58  HIS A CB  1 
ATOM   404  C  CG  . HIS A 1 58  ? -4.440  10.074  -8.750  1.00 38.47 ? 58  HIS A CG  1 
ATOM   405  N  ND1 . HIS A 1 58  ? -4.538  9.476   -7.512  1.00 38.45 ? 58  HIS A ND1 1 
ATOM   406  C  CD2 . HIS A 1 58  ? -3.828  11.264  -8.548  1.00 38.44 ? 58  HIS A CD2 1 
ATOM   407  C  CE1 . HIS A 1 58  ? -4.006  10.273  -6.600  1.00 38.65 ? 58  HIS A CE1 1 
ATOM   408  N  NE2 . HIS A 1 58  ? -3.569  11.365  -7.202  1.00 38.58 ? 58  HIS A NE2 1 
ATOM   409  N  N   . ILE A 1 59  ? -1.980  7.955   -9.414  1.00 39.68 ? 59  ILE A N   1 
ATOM   410  C  CA  . ILE A 1 59  ? -0.545  8.174   -9.382  1.00 40.36 ? 59  ILE A CA  1 
ATOM   411  C  C   . ILE A 1 59  ? 0.209   7.092   -10.157 1.00 40.95 ? 59  ILE A C   1 
ATOM   412  O  O   . ILE A 1 59  ? 1.237   7.375   -10.761 1.00 41.14 ? 59  ILE A O   1 
ATOM   413  C  CB  . ILE A 1 59  ? -0.012  8.252   -7.941  1.00 40.15 ? 59  ILE A CB  1 
ATOM   414  C  CG1 . ILE A 1 59  ? -0.699  9.403   -7.190  1.00 40.07 ? 59  ILE A CG1 1 
ATOM   415  C  CG2 . ILE A 1 59  ? 1.488   8.472   -7.976  1.00 40.06 ? 59  ILE A CG2 1 
ATOM   416  C  CD1 . ILE A 1 59  ? -0.253  9.575   -5.738  1.00 39.86 ? 59  ILE A CD1 1 
ATOM   417  N  N   . TYR A 1 60  ? -0.282  5.857   -10.146 1.00 41.69 ? 60  TYR A N   1 
ATOM   418  C  CA  . TYR A 1 60  ? 0.387   4.804   -10.910 1.00 42.60 ? 60  TYR A CA  1 
ATOM   419  C  C   . TYR A 1 60  ? 0.119   5.079   -12.384 1.00 43.33 ? 60  TYR A C   1 
ATOM   420  O  O   . TYR A 1 60  ? 0.891   4.689   -13.255 1.00 43.40 ? 60  TYR A O   1 
ATOM   421  C  CB  . TYR A 1 60  ? -0.175  3.414   -10.590 1.00 42.45 ? 60  TYR A CB  1 
ATOM   422  C  CG  . TYR A 1 60  ? 0.537   2.653   -9.485  1.00 42.49 ? 60  TYR A CG  1 
ATOM   423  C  CD1 . TYR A 1 60  ? 0.049   2.657   -8.178  1.00 42.53 ? 60  TYR A CD1 1 
ATOM   424  C  CD2 . TYR A 1 60  ? 1.683   1.903   -9.757  1.00 42.50 ? 60  TYR A CD2 1 
ATOM   425  C  CE1 . TYR A 1 60  ? 0.683   1.920   -7.162  1.00 42.79 ? 60  TYR A CE1 1 
ATOM   426  C  CE2 . TYR A 1 60  ? 2.328   1.172   -8.758  1.00 42.76 ? 60  TYR A CE2 1 
ATOM   427  C  CZ  . TYR A 1 60  ? 1.822   1.181   -7.459  1.00 42.72 ? 60  TYR A CZ  1 
ATOM   428  O  OH  . TYR A 1 60  ? 2.452   0.458   -6.469  1.00 42.47 ? 60  TYR A OH  1 
ATOM   429  N  N   . LYS A 1 61  ? -0.991  5.760   -12.646 1.00 44.18 ? 61  LYS A N   1 
ATOM   430  C  CA  . LYS A 1 61  ? -1.406  6.061   -14.007 1.00 45.04 ? 61  LYS A CA  1 
ATOM   431  C  C   . LYS A 1 61  ? -1.029  7.441   -14.522 1.00 45.75 ? 61  LYS A C   1 
ATOM   432  O  O   . LYS A 1 61  ? -1.345  7.774   -15.659 1.00 45.71 ? 61  LYS A O   1 
ATOM   433  C  CB  . LYS A 1 61  ? -2.916  5.856   -14.121 1.00 44.78 ? 61  LYS A CB  1 
ATOM   434  C  CG  . LYS A 1 61  ? -3.321  4.419   -13.956 1.00 44.44 ? 61  LYS A CG  1 
ATOM   435  C  CD  . LYS A 1 61  ? -4.811  4.275   -13.748 1.00 44.36 ? 61  LYS A CD  1 
ATOM   436  C  CE  . LYS A 1 61  ? -5.168  2.811   -13.630 1.00 44.17 ? 61  LYS A CE  1 
ATOM   437  N  NZ  . LYS A 1 61  ? -6.618  2.626   -13.403 1.00 44.27 ? 61  LYS A NZ  1 
ATOM   438  N  N   . ASP A 1 62  ? -0.349  8.232   -13.696 1.00 46.78 ? 62  ASP A N   1 
ATOM   439  C  CA  . ASP A 1 62  ? 0.068   9.578   -14.088 1.00 47.93 ? 62  ASP A CA  1 
ATOM   440  C  C   . ASP A 1 62  ? 1.002   9.540   -15.306 1.00 48.82 ? 62  ASP A C   1 
ATOM   441  O  O   . ASP A 1 62  ? 2.017   8.839   -15.302 1.00 48.94 ? 62  ASP A O   1 
ATOM   442  C  CB  . ASP A 1 62  ? 0.744   10.276  -12.907 1.00 47.92 ? 62  ASP A CB  1 
ATOM   443  C  CG  . ASP A 1 62  ? 1.188   11.683  -13.240 1.00 48.08 ? 62  ASP A CG  1 
ATOM   444  O  OD1 . ASP A 1 62  ? 2.277   11.839  -13.840 1.00 48.15 ? 62  ASP A OD1 1 
ATOM   445  O  OD2 . ASP A 1 62  ? 0.442   12.633  -12.912 1.00 47.98 ? 62  ASP A OD2 1 
ATOM   446  N  N   . ALA A 1 63  ? 0.640   10.293  -16.346 1.00 49.76 ? 63  ALA A N   1 
ATOM   447  C  CA  . ALA A 1 63  ? 1.393   10.339  -17.600 1.00 50.68 ? 63  ALA A CA  1 
ATOM   448  C  C   . ALA A 1 63  ? 2.878   10.671  -17.461 1.00 51.29 ? 63  ALA A C   1 
ATOM   449  O  O   . ALA A 1 63  ? 3.719   9.992   -18.053 1.00 51.51 ? 63  ALA A O   1 
ATOM   450  C  CB  . ALA A 1 63  ? 0.723   11.315  -18.574 1.00 50.66 ? 63  ALA A CB  1 
ATOM   451  N  N   . GLU A 1 64  ? 3.222   11.700  -16.697 1.00 51.96 ? 64  GLU A N   1 
ATOM   452  C  CA  . GLU A 1 64  ? 4.633   12.021  -16.546 1.00 52.66 ? 64  GLU A CA  1 
ATOM   453  C  C   . GLU A 1 64  ? 5.391   10.874  -15.872 1.00 52.95 ? 64  GLU A C   1 
ATOM   454  O  O   . GLU A 1 64  ? 6.406   10.406  -16.400 1.00 53.03 ? 64  GLU A O   1 
ATOM   455  C  CB  . GLU A 1 64  ? 4.839   13.309  -15.745 1.00 52.99 ? 64  GLU A CB  1 
ATOM   456  C  CG  . GLU A 1 64  ? 6.305   13.745  -15.733 1.00 53.79 ? 64  GLU A CG  1 
ATOM   457  C  CD  . GLU A 1 64  ? 6.533   15.161  -15.199 1.00 54.26 ? 64  GLU A CD  1 
ATOM   458  O  OE1 . GLU A 1 64  ? 6.451   15.367  -13.960 1.00 54.38 ? 64  GLU A OE1 1 
ATOM   459  O  OE2 . GLU A 1 64  ? 6.798   16.068  -16.033 1.00 54.65 ? 64  GLU A OE2 1 
ATOM   460  N  N   . LEU A 1 65  ? 4.902   10.418  -14.716 1.00 53.13 ? 65  LEU A N   1 
ATOM   461  C  CA  . LEU A 1 65  ? 5.561   9.327   -13.995 1.00 53.34 ? 65  LEU A CA  1 
ATOM   462  C  C   . LEU A 1 65  ? 5.637   8.067   -14.860 1.00 53.51 ? 65  LEU A C   1 
ATOM   463  O  O   . LEU A 1 65  ? 6.543   7.254   -14.698 1.00 53.54 ? 65  LEU A O   1 
ATOM   464  C  CB  . LEU A 1 65  ? 4.836   9.009   -12.672 1.00 53.17 ? 65  LEU A CB  1 
ATOM   465  C  CG  . LEU A 1 65  ? 4.730   10.120  -11.613 1.00 53.14 ? 65  LEU A CG  1 
ATOM   466  C  CD1 . LEU A 1 65  ? 4.027   9.585   -10.381 1.00 53.14 ? 65  LEU A CD1 1 
ATOM   467  C  CD2 . LEU A 1 65  ? 6.114   10.629  -11.237 1.00 53.21 ? 65  LEU A CD2 1 
ATOM   468  N  N   . ASN A 1 66  ? 4.695   7.894   -15.779 1.00 53.80 ? 66  ASN A N   1 
ATOM   469  C  CA  . ASN A 1 66  ? 4.744   6.720   -16.640 1.00 54.21 ? 66  ASN A CA  1 
ATOM   470  C  C   . ASN A 1 66  ? 5.816   6.896   -17.702 1.00 54.56 ? 66  ASN A C   1 
ATOM   471  O  O   . ASN A 1 66  ? 6.226   5.928   -18.335 1.00 54.63 ? 66  ASN A O   1 
ATOM   472  C  CB  . ASN A 1 66  ? 3.383   6.453   -17.275 1.00 53.98 ? 66  ASN A CB  1 
ATOM   473  C  CG  . ASN A 1 66  ? 2.519   5.537   -16.422 1.00 53.95 ? 66  ASN A CG  1 
ATOM   474  O  OD1 . ASN A 1 66  ? 2.621   4.313   -16.508 1.00 53.63 ? 66  ASN A OD1 1 
ATOM   475  N  ND2 . ASN A 1 66  ? 1.677   6.130   -15.579 1.00 53.74 ? 66  ASN A ND2 1 
ATOM   476  N  N   . LYS A 1 67  ? 6.266   8.137   -17.885 1.00 55.08 ? 67  LYS A N   1 
ATOM   477  C  CA  . LYS A 1 67  ? 7.329   8.454   -18.838 1.00 55.58 ? 67  LYS A CA  1 
ATOM   478  C  C   . LYS A 1 67  ? 8.646   8.172   -18.113 1.00 55.80 ? 67  LYS A C   1 
ATOM   479  O  O   . LYS A 1 67  ? 9.612   7.687   -18.707 1.00 55.83 ? 67  LYS A O   1 
ATOM   480  C  CB  . LYS A 1 67  ? 7.287   9.936   -19.237 1.00 55.80 ? 67  LYS A CB  1 
ATOM   481  C  CG  . LYS A 1 67  ? 6.102   10.356  -20.095 1.00 56.16 ? 67  LYS A CG  1 
ATOM   482  C  CD  . LYS A 1 67  ? 6.189   9.765   -21.495 1.00 56.50 ? 67  LYS A CD  1 
ATOM   483  C  CE  . LYS A 1 67  ? 5.092   10.316  -22.406 1.00 56.72 ? 67  LYS A CE  1 
ATOM   484  N  NZ  . LYS A 1 67  ? 5.165   9.778   -23.810 1.00 56.84 ? 67  LYS A NZ  1 
ATOM   485  N  N   . ALA A 1 68  ? 8.669   8.479   -16.818 1.00 55.98 ? 68  ALA A N   1 
ATOM   486  C  CA  . ALA A 1 68  ? 9.852   8.256   -16.000 1.00 56.17 ? 68  ALA A CA  1 
ATOM   487  C  C   . ALA A 1 68  ? 9.949   6.793   -15.560 1.00 56.27 ? 68  ALA A C   1 
ATOM   488  O  O   . ALA A 1 68  ? 11.044  6.271   -15.359 1.00 56.37 ? 68  ALA A O   1 
ATOM   489  C  CB  . ALA A 1 68  ? 9.824   9.174   -14.781 1.00 56.05 ? 68  ALA A CB  1 
ATOM   490  N  N   . ILE A 1 69  ? 8.807   6.131   -15.419 1.00 56.32 ? 69  ILE A N   1 
ATOM   491  C  CA  . ILE A 1 69  ? 8.789   4.735   -15.001 1.00 56.29 ? 69  ILE A CA  1 
ATOM   492  C  C   . ILE A 1 69  ? 7.931   3.893   -15.943 1.00 56.28 ? 69  ILE A C   1 
ATOM   493  O  O   . ILE A 1 69  ? 6.709   3.791   -15.793 1.00 56.26 ? 69  ILE A O   1 
ATOM   494  C  CB  . ILE A 1 69  ? 8.275   4.606   -13.562 1.00 56.32 ? 69  ILE A CB  1 
ATOM   495  C  CG1 . ILE A 1 69  ? 9.092   5.526   -12.648 1.00 56.29 ? 69  ILE A CG1 1 
ATOM   496  C  CG2 . ILE A 1 69  ? 8.387   3.161   -13.090 1.00 56.23 ? 69  ILE A CG2 1 
ATOM   497  C  CD1 . ILE A 1 69  ? 8.672   5.471   -11.185 1.00 56.35 ? 69  ILE A CD1 1 
ATOM   498  N  N   . PRO A 1 70  ? 8.579   3.270   -16.933 1.00 56.29 ? 70  PRO A N   1 
ATOM   499  C  CA  . PRO A 1 70  ? 7.949   2.421   -17.950 1.00 56.27 ? 70  PRO A CA  1 
ATOM   500  C  C   . PRO A 1 70  ? 6.961   1.389   -17.432 1.00 56.18 ? 70  PRO A C   1 
ATOM   501  O  O   . PRO A 1 70  ? 7.298   0.565   -16.582 1.00 56.29 ? 70  PRO A O   1 
ATOM   502  C  CB  . PRO A 1 70  ? 9.146   1.775   -18.658 1.00 56.39 ? 70  PRO A CB  1 
ATOM   503  C  CG  . PRO A 1 70  ? 10.242  1.807   -17.603 1.00 56.38 ? 70  PRO A CG  1 
ATOM   504  C  CD  . PRO A 1 70  ? 10.048  3.181   -17.014 1.00 56.37 ? 70  PRO A CD  1 
ATOM   505  N  N   . GLU A 1 71  ? 5.741   1.441   -17.957 1.00 56.07 ? 71  GLU A N   1 
ATOM   506  C  CA  . GLU A 1 71  ? 4.683   0.503   -17.579 1.00 55.93 ? 71  GLU A CA  1 
ATOM   507  C  C   . GLU A 1 71  ? 4.201   0.690   -16.145 1.00 55.53 ? 71  GLU A C   1 
ATOM   508  O  O   . GLU A 1 71  ? 3.519   -0.177  -15.604 1.00 55.50 ? 71  GLU A O   1 
ATOM   509  C  CB  . GLU A 1 71  ? 5.165   -0.944  -17.745 1.00 56.25 ? 71  GLU A CB  1 
ATOM   510  C  CG  . GLU A 1 71  ? 5.921   -1.238  -19.043 1.00 56.79 ? 71  GLU A CG  1 
ATOM   511  C  CD  . GLU A 1 71  ? 5.106   -0.931  -20.288 1.00 57.07 ? 71  GLU A CD  1 
ATOM   512  O  OE1 . GLU A 1 71  ? 3.989   -1.487  -20.432 1.00 57.23 ? 71  GLU A OE1 1 
ATOM   513  O  OE2 . GLU A 1 71  ? 5.591   -0.133  -21.125 1.00 57.30 ? 71  GLU A OE2 1 
ATOM   514  N  N   . LEU A 1 72  ? 4.547   1.814   -15.531 1.00 55.13 ? 72  LEU A N   1 
ATOM   515  C  CA  . LEU A 1 72  ? 4.132   2.061   -14.153 1.00 54.76 ? 72  LEU A CA  1 
ATOM   516  C  C   . LEU A 1 72  ? 2.646   1.790   -13.990 1.00 54.62 ? 72  LEU A C   1 
ATOM   517  O  O   . LEU A 1 72  ? 2.222   1.136   -13.035 1.00 54.57 ? 72  LEU A O   1 
ATOM   518  C  CB  . LEU A 1 72  ? 4.438   3.508   -13.738 1.00 54.47 ? 72  LEU A CB  1 
ATOM   519  C  CG  . LEU A 1 72  ? 4.052   3.878   -12.300 1.00 54.25 ? 72  LEU A CG  1 
ATOM   520  C  CD1 . LEU A 1 72  ? 4.798   2.987   -11.318 1.00 54.03 ? 72  LEU A CD1 1 
ATOM   521  C  CD2 . LEU A 1 72  ? 4.367   5.339   -12.035 1.00 54.02 ? 72  LEU A CD2 1 
ATOM   522  N  N   . GLU A 1 73  ? 1.864   2.280   -14.943 1.00 54.49 ? 73  GLU A N   1 
ATOM   523  C  CA  . GLU A 1 73  ? 0.423   2.122   -14.918 1.00 54.41 ? 73  GLU A CA  1 
ATOM   524  C  C   . GLU A 1 73  ? -0.055  0.680   -14.798 1.00 54.24 ? 73  GLU A C   1 
ATOM   525  O  O   . GLU A 1 73  ? -1.154  0.437   -14.293 1.00 54.22 ? 73  GLU A O   1 
ATOM   526  C  CB  . GLU A 1 73  ? -0.199  2.761   -16.160 1.00 54.59 ? 73  GLU A CB  1 
ATOM   527  C  CG  . GLU A 1 73  ? 0.106   2.054   -17.466 1.00 54.95 ? 73  GLU A CG  1 
ATOM   528  C  CD  . GLU A 1 73  ? -0.582  2.722   -18.652 1.00 55.22 ? 73  GLU A CD  1 
ATOM   529  O  OE1 . GLU A 1 73  ? -1.775  3.085   -18.517 1.00 55.28 ? 73  GLU A OE1 1 
ATOM   530  O  OE2 . GLU A 1 73  ? 0.063   2.876   -19.715 1.00 55.32 ? 73  GLU A OE2 1 
ATOM   531  N  N   . TYR A 1 74  ? 0.748   -0.280  -15.252 1.00 53.92 ? 74  TYR A N   1 
ATOM   532  C  CA  . TYR A 1 74  ? 0.331   -1.674  -15.156 1.00 53.67 ? 74  TYR A CA  1 
ATOM   533  C  C   . TYR A 1 74  ? 0.736   -2.315  -13.824 1.00 53.48 ? 74  TYR A C   1 
ATOM   534  O  O   . TYR A 1 74  ? 0.511   -3.510  -13.594 1.00 53.41 ? 74  TYR A O   1 
ATOM   535  C  CB  . TYR A 1 74  ? 0.873   -2.465  -16.351 1.00 53.76 ? 74  TYR A CB  1 
ATOM   536  C  CG  . TYR A 1 74  ? 0.185   -2.081  -17.642 1.00 53.79 ? 74  TYR A CG  1 
ATOM   537  C  CD1 . TYR A 1 74  ? 0.912   -1.619  -18.742 1.00 53.81 ? 74  TYR A CD1 1 
ATOM   538  C  CD2 . TYR A 1 74  ? -1.207  -2.124  -17.741 1.00 53.86 ? 74  TYR A CD2 1 
ATOM   539  C  CE1 . TYR A 1 74  ? 0.261   -1.202  -19.914 1.00 53.88 ? 74  TYR A CE1 1 
ATOM   540  C  CE2 . TYR A 1 74  ? -1.870  -1.709  -18.905 1.00 53.99 ? 74  TYR A CE2 1 
ATOM   541  C  CZ  . TYR A 1 74  ? -1.130  -1.246  -19.984 1.00 53.94 ? 74  TYR A CZ  1 
ATOM   542  O  OH  . TYR A 1 74  ? -1.792  -0.804  -21.105 1.00 53.98 ? 74  TYR A OH  1 
ATOM   543  N  N   . MET A 1 75  ? 1.319   -1.505  -12.944 1.00 53.15 ? 75  MET A N   1 
ATOM   544  C  CA  . MET A 1 75  ? 1.735   -1.969  -11.622 1.00 52.82 ? 75  MET A CA  1 
ATOM   545  C  C   . MET A 1 75  ? 0.629   -1.744  -10.588 1.00 52.48 ? 75  MET A C   1 
ATOM   546  O  O   . MET A 1 75  ? 0.672   -2.302  -9.492  1.00 52.47 ? 75  MET A O   1 
ATOM   547  C  CB  . MET A 1 75  ? 3.007   -1.242  -11.181 1.00 52.83 ? 75  MET A CB  1 
ATOM   548  C  CG  . MET A 1 75  ? 4.224   -1.614  -12.003 1.00 52.92 ? 75  MET A CG  1 
ATOM   549  S  SD  . MET A 1 75  ? 5.730   -0.881  -11.368 1.00 53.06 ? 75  MET A SD  1 
ATOM   550  C  CE  . MET A 1 75  ? 6.506   -0.336  -12.895 1.00 53.10 ? 75  MET A CE  1 
ATOM   551  N  N   . ALA A 1 76  ? -0.355  -0.925  -10.944 1.00 52.09 ? 76  ALA A N   1 
ATOM   552  C  CA  . ALA A 1 76  ? -1.469  -0.628  -10.048 1.00 51.74 ? 76  ALA A CA  1 
ATOM   553  C  C   . ALA A 1 76  ? -2.139  -1.926  -9.629  1.00 51.53 ? 76  ALA A C   1 
ATOM   554  O  O   . ALA A 1 76  ? -2.215  -2.880  -10.404 1.00 51.29 ? 76  ALA A O   1 
ATOM   555  C  CB  . ALA A 1 76  ? -2.477  0.283   -10.738 1.00 51.61 ? 76  ALA A CB  1 
ATOM   556  N  N   . ARG A 1 77  ? -2.619  -1.957  -8.393  1.00 51.39 ? 77  ARG A N   1 
ATOM   557  C  CA  . ARG A 1 77  ? -3.266  -3.146  -7.880  1.00 51.37 ? 77  ARG A CA  1 
ATOM   558  C  C   . ARG A 1 77  ? -4.687  -2.914  -7.405  1.00 51.34 ? 77  ARG A C   1 
ATOM   559  O  O   . ARG A 1 77  ? -5.311  -3.827  -6.864  1.00 51.32 ? 77  ARG A O   1 
ATOM   560  C  CB  . ARG A 1 77  ? -2.436  -3.746  -6.751  1.00 51.35 ? 77  ARG A CB  1 
ATOM   561  C  CG  . ARG A 1 77  ? -1.174  -4.446  -7.225  1.00 51.31 ? 77  ARG A CG  1 
ATOM   562  C  CD  . ARG A 1 77  ? -0.421  -4.984  -6.029  1.00 51.38 ? 77  ARG A CD  1 
ATOM   563  N  NE  . ARG A 1 77  ? 0.138   -3.898  -5.224  1.00 51.37 ? 77  ARG A NE  1 
ATOM   564  C  CZ  . ARG A 1 77  ? 0.334   -3.963  -3.911  1.00 51.19 ? 77  ARG A CZ  1 
ATOM   565  N  NH1 . ARG A 1 77  ? 0.007   -5.063  -3.243  1.00 51.26 ? 77  ARG A NH1 1 
ATOM   566  N  NH2 . ARG A 1 77  ? 0.876   -2.936  -3.274  1.00 51.02 ? 77  ARG A NH2 1 
ATOM   567  N  N   . TYR A 1 78  ? -5.200  -1.702  -7.599  1.00 51.35 ? 78  TYR A N   1 
ATOM   568  C  CA  . TYR A 1 78  ? -6.574  -1.413  -7.203  1.00 51.52 ? 78  TYR A CA  1 
ATOM   569  C  C   . TYR A 1 78  ? -7.499  -2.303  -8.023  1.00 52.03 ? 78  TYR A C   1 
ATOM   570  O  O   . TYR A 1 78  ? -8.478  -2.832  -7.502  1.00 51.92 ? 78  TYR A O   1 
ATOM   571  C  CB  . TYR A 1 78  ? -6.926  0.052   -7.462  1.00 50.89 ? 78  TYR A CB  1 
ATOM   572  C  CG  . TYR A 1 78  ? -8.406  0.344   -7.334  1.00 50.26 ? 78  TYR A CG  1 
ATOM   573  C  CD1 . TYR A 1 78  ? -9.060  0.197   -6.115  1.00 50.01 ? 78  TYR A CD1 1 
ATOM   574  C  CD2 . TYR A 1 78  ? -9.151  0.774   -8.431  1.00 49.98 ? 78  TYR A CD2 1 
ATOM   575  C  CE1 . TYR A 1 78  ? -10.404 0.467   -5.988  1.00 49.66 ? 78  TYR A CE1 1 
ATOM   576  C  CE2 . TYR A 1 78  ? -10.499 1.045   -8.313  1.00 49.62 ? 78  TYR A CE2 1 
ATOM   577  C  CZ  . TYR A 1 78  ? -11.119 0.888   -7.088  1.00 49.62 ? 78  TYR A CZ  1 
ATOM   578  O  OH  . TYR A 1 78  ? -12.463 1.138   -6.958  1.00 49.49 ? 78  TYR A OH  1 
ATOM   579  N  N   . ASP A 1 79  ? -7.174  -2.442  -9.310  1.00 52.80 ? 79  ASP A N   1 
ATOM   580  C  CA  . ASP A 1 79  ? -7.941  -3.279  -10.235 1.00 53.70 ? 79  ASP A CA  1 
ATOM   581  C  C   . ASP A 1 79  ? -8.093  -4.674  -9.612  1.00 54.08 ? 79  ASP A C   1 
ATOM   582  O  O   . ASP A 1 79  ? -9.196  -5.192  -9.491  1.00 54.14 ? 79  ASP A O   1 
ATOM   583  C  CB  . ASP A 1 79  ? -7.216  -3.377  -11.597 1.00 53.95 ? 79  ASP A CB  1 
ATOM   584  C  CG  . ASP A 1 79  ? -7.648  -2.285  -12.599 1.00 54.31 ? 79  ASP A CG  1 
ATOM   585  O  OD1 . ASP A 1 79  ? -8.037  -1.169  -12.170 1.00 54.48 ? 79  ASP A OD1 1 
ATOM   586  O  OD2 . ASP A 1 79  ? -7.577  -2.538  -13.832 1.00 54.44 ? 79  ASP A OD2 1 
ATOM   587  N  N   . ALA A 1 80  ? -6.981  -5.263  -9.196  1.00 54.57 ? 80  ALA A N   1 
ATOM   588  C  CA  . ALA A 1 80  ? -6.997  -6.587  -8.585  1.00 55.29 ? 80  ALA A CA  1 
ATOM   589  C  C   . ALA A 1 80  ? -7.779  -6.636  -7.269  1.00 55.89 ? 80  ALA A C   1 
ATOM   590  O  O   . ALA A 1 80  ? -8.431  -7.640  -6.959  1.00 55.95 ? 80  ALA A O   1 
ATOM   591  C  CB  . ALA A 1 80  ? -5.571  -7.067  -8.354  1.00 55.15 ? 80  ALA A CB  1 
ATOM   592  N  N   . VAL A 1 81  ? -7.710  -5.565  -6.486  1.00 56.56 ? 81  VAL A N   1 
ATOM   593  C  CA  . VAL A 1 81  ? -8.432  -5.526  -5.219  1.00 57.30 ? 81  VAL A CA  1 
ATOM   594  C  C   . VAL A 1 81  ? -9.940  -5.537  -5.464  1.00 58.05 ? 81  VAL A C   1 
ATOM   595  O  O   . VAL A 1 81  ? -10.692 -6.166  -4.720  1.00 58.10 ? 81  VAL A O   1 
ATOM   596  C  CB  . VAL A 1 81  ? -8.051  -4.272  -4.387  1.00 57.16 ? 81  VAL A CB  1 
ATOM   597  C  CG1 . VAL A 1 81  ? -8.936  -4.166  -3.150  1.00 57.01 ? 81  VAL A CG1 1 
ATOM   598  C  CG2 . VAL A 1 81  ? -6.585  -4.350  -3.976  1.00 56.98 ? 81  VAL A CG2 1 
ATOM   599  N  N   . THR A 1 82  ? -10.380 -4.842  -6.507  1.00 58.99 ? 82  THR A N   1 
ATOM   600  C  CA  . THR A 1 82  ? -11.798 -4.809  -6.833  1.00 60.01 ? 82  THR A CA  1 
ATOM   601  C  C   . THR A 1 82  ? -12.217 -6.209  -7.278  1.00 60.84 ? 82  THR A C   1 
ATOM   602  O  O   . THR A 1 82  ? -13.344 -6.638  -7.039  1.00 60.90 ? 82  THR A O   1 
ATOM   603  C  CB  . THR A 1 82  ? -12.102 -3.799  -7.969  1.00 59.91 ? 82  THR A CB  1 
ATOM   604  O  OG1 . THR A 1 82  ? -11.313 -4.118  -9.122  1.00 59.86 ? 82  THR A OG1 1 
ATOM   605  C  CG2 . THR A 1 82  ? -11.792 -2.368  -7.520  1.00 59.84 ? 82  THR A CG2 1 
ATOM   606  N  N   . GLN A 1 83  ? -11.301 -6.924  -7.920  1.00 61.92 ? 83  GLN A N   1 
ATOM   607  C  CA  . GLN A 1 83  ? -11.595 -8.278  -8.379  1.00 63.09 ? 83  GLN A CA  1 
ATOM   608  C  C   . GLN A 1 83  ? -11.729 -9.196  -7.158  1.00 63.73 ? 83  GLN A C   1 
ATOM   609  O  O   . GLN A 1 83  ? -12.636 -10.027 -7.103  1.00 63.82 ? 83  GLN A O   1 
ATOM   610  C  CB  . GLN A 1 83  ? -10.485 -8.764  -9.325  1.00 63.20 ? 83  GLN A CB  1 
ATOM   611  C  CG  . GLN A 1 83  ? -10.662 -10.168 -9.914  1.00 63.54 ? 83  GLN A CG  1 
ATOM   612  C  CD  . GLN A 1 83  ? -11.826 -10.296 -10.898 1.00 63.79 ? 83  GLN A CD  1 
ATOM   613  O  OE1 . GLN A 1 83  ? -12.996 -10.417 -10.501 1.00 63.86 ? 83  GLN A OE1 1 
ATOM   614  N  NE2 . GLN A 1 83  ? -11.506 -10.269 -12.189 1.00 63.83 ? 83  GLN A NE2 1 
ATOM   615  N  N   . ASP A 1 84  ? -10.849 -9.033  -6.171  1.00 64.57 ? 84  ASP A N   1 
ATOM   616  C  CA  . ASP A 1 84  ? -10.914 -9.854  -4.965  1.00 65.42 ? 84  ASP A CA  1 
ATOM   617  C  C   . ASP A 1 84  ? -12.213 -9.646  -4.190  1.00 66.12 ? 84  ASP A C   1 
ATOM   618  O  O   . ASP A 1 84  ? -12.804 -10.613 -3.710  1.00 66.19 ? 84  ASP A O   1 
ATOM   619  C  CB  . ASP A 1 84  ? -9.718  -9.588  -4.047  1.00 65.28 ? 84  ASP A CB  1 
ATOM   620  C  CG  . ASP A 1 84  ? -8.433  -10.233 -4.556  1.00 65.38 ? 84  ASP A CG  1 
ATOM   621  O  OD1 . ASP A 1 84  ? -8.467  -11.434 -4.915  1.00 65.31 ? 84  ASP A OD1 1 
ATOM   622  O  OD2 . ASP A 1 84  ? -7.384  -9.545  -4.586  1.00 65.25 ? 84  ASP A OD2 1 
ATOM   623  N  N   . LEU A 1 85  ? -12.658 -8.399  -4.056  1.00 67.01 ? 85  LEU A N   1 
ATOM   624  C  CA  . LEU A 1 85  ? -13.914 -8.118  -3.353  1.00 68.00 ? 85  LEU A CA  1 
ATOM   625  C  C   . LEU A 1 85  ? -15.057 -8.850  -4.054  1.00 68.68 ? 85  LEU A C   1 
ATOM   626  O  O   . LEU A 1 85  ? -15.920 -9.450  -3.413  1.00 68.67 ? 85  LEU A O   1 
ATOM   627  C  CB  . LEU A 1 85  ? -14.218 -6.615  -3.333  1.00 67.96 ? 85  LEU A CB  1 
ATOM   628  C  CG  . LEU A 1 85  ? -13.598 -5.786  -2.207  1.00 68.00 ? 85  LEU A CG  1 
ATOM   629  C  CD1 . LEU A 1 85  ? -14.022 -4.332  -2.348  1.00 68.06 ? 85  LEU A CD1 1 
ATOM   630  C  CD2 . LEU A 1 85  ? -14.044 -6.335  -0.866  1.00 67.97 ? 85  LEU A CD2 1 
ATOM   631  N  N   . LYS A 1 86  ? -15.055 -8.778  -5.380  1.00 69.56 ? 86  LYS A N   1 
ATOM   632  C  CA  . LYS A 1 86  ? -16.061 -9.452  -6.188  1.00 70.46 ? 86  LYS A CA  1 
ATOM   633  C  C   . LYS A 1 86  ? -16.075 -10.912 -5.738  1.00 71.04 ? 86  LYS A C   1 
ATOM   634  O  O   . LYS A 1 86  ? -17.108 -11.429 -5.319  1.00 71.05 ? 86  LYS A O   1 
ATOM   635  C  CB  . LYS A 1 86  ? -15.673 -9.356  -7.667  1.00 70.46 ? 86  LYS A CB  1 
ATOM   636  C  CG  . LYS A 1 86  ? -16.621 -10.049 -8.629  1.00 70.64 ? 86  LYS A CG  1 
ATOM   637  C  CD  . LYS A 1 86  ? -16.098 -9.957  -10.058 1.00 70.67 ? 86  LYS A CD  1 
ATOM   638  C  CE  . LYS A 1 86  ? -17.046 -10.626 -11.040 1.00 70.75 ? 86  LYS A CE  1 
ATOM   639  N  NZ  . LYS A 1 86  ? -16.572 -10.490 -12.446 1.00 70.72 ? 86  LYS A NZ  1 
ATOM   640  N  N   . ASP A 1 87  ? -14.903 -11.548 -5.809  1.00 71.79 ? 87  ASP A N   1 
ATOM   641  C  CA  . ASP A 1 87  ? -14.716 -12.945 -5.417  1.00 72.56 ? 87  ASP A CA  1 
ATOM   642  C  C   . ASP A 1 87  ? -15.595 -13.381 -4.253  1.00 73.08 ? 87  ASP A C   1 
ATOM   643  O  O   . ASP A 1 87  ? -16.207 -14.451 -4.291  1.00 73.15 ? 87  ASP A O   1 
ATOM   644  C  CB  . ASP A 1 87  ? -13.254 -13.193 -5.044  1.00 72.58 ? 87  ASP A CB  1 
ATOM   645  C  CG  . ASP A 1 87  ? -12.334 -13.170 -6.244  1.00 72.76 ? 87  ASP A CG  1 
ATOM   646  O  OD1 . ASP A 1 87  ? -12.593 -12.381 -7.173  1.00 72.91 ? 87  ASP A OD1 1 
ATOM   647  O  OD2 . ASP A 1 87  ? -11.344 -13.932 -6.258  1.00 72.82 ? 87  ASP A OD2 1 
ATOM   648  N  N   . LEU A 1 88  ? -15.657 -12.548 -3.220  1.00 73.68 ? 88  LEU A N   1 
ATOM   649  C  CA  . LEU A 1 88  ? -16.442 -12.865 -2.036  1.00 74.26 ? 88  LEU A CA  1 
ATOM   650  C  C   . LEU A 1 88  ? -17.801 -12.170 -2.016  1.00 74.73 ? 88  LEU A C   1 
ATOM   651  O  O   . LEU A 1 88  ? -18.207 -11.613 -0.997  1.00 74.80 ? 88  LEU A O   1 
ATOM   652  C  CB  . LEU A 1 88  ? -15.647 -12.487 -0.785  1.00 74.21 ? 88  LEU A CB  1 
ATOM   653  C  CG  . LEU A 1 88  ? -14.129 -12.703 -0.844  1.00 74.18 ? 88  LEU A CG  1 
ATOM   654  C  CD1 . LEU A 1 88  ? -13.541 -12.479 0.536   1.00 74.16 ? 88  LEU A CD1 1 
ATOM   655  C  CD2 . LEU A 1 88  ? -13.804 -14.101 -1.326  1.00 74.19 ? 88  LEU A CD2 1 
ATOM   656  N  N   . GLY A 1 89  ? -18.504 -12.212 -3.142  1.00 75.28 ? 89  GLY A N   1 
ATOM   657  C  CA  . GLY A 1 89  ? -19.810 -11.582 -3.224  1.00 76.03 ? 89  GLY A CA  1 
ATOM   658  C  C   . GLY A 1 89  ? -19.837 -10.207 -2.587  1.00 76.56 ? 89  GLY A C   1 
ATOM   659  O  O   . GLY A 1 89  ? -20.685 -9.913  -1.743  1.00 76.60 ? 89  GLY A O   1 
ATOM   660  N  N   . GLU A 1 90  ? -18.899 -9.357  -2.991  1.00 77.12 ? 90  GLU A N   1 
ATOM   661  C  CA  . GLU A 1 90  ? -18.816 -8.006  -2.454  1.00 77.66 ? 90  GLU A CA  1 
ATOM   662  C  C   . GLU A 1 90  ? -18.733 -6.957  -3.555  1.00 78.00 ? 90  GLU A C   1 
ATOM   663  O  O   . GLU A 1 90  ? -18.106 -7.175  -4.593  1.00 78.04 ? 90  GLU A O   1 
ATOM   664  C  CB  . GLU A 1 90  ? -17.593 -7.875  -1.536  1.00 77.77 ? 90  GLU A CB  1 
ATOM   665  C  CG  . GLU A 1 90  ? -17.693 -8.642  -0.225  1.00 77.84 ? 90  GLU A CG  1 
ATOM   666  C  CD  . GLU A 1 90  ? -18.761 -8.082  0.688   1.00 77.88 ? 90  GLU A CD  1 
ATOM   667  O  OE1 . GLU A 1 90  ? -18.646 -6.906  1.085   1.00 77.88 ? 90  GLU A OE1 1 
ATOM   668  O  OE2 . GLU A 1 90  ? -19.716 -8.814  1.014   1.00 77.94 ? 90  GLU A OE2 1 
ATOM   669  N  N   . GLU A 1 91  ? -19.386 -5.824  -3.324  1.00 78.44 ? 91  GLU A N   1 
ATOM   670  C  CA  . GLU A 1 91  ? -19.365 -4.711  -4.272  1.00 78.89 ? 91  GLU A CA  1 
ATOM   671  C  C   . GLU A 1 91  ? -18.113 -3.895  -3.953  1.00 79.09 ? 91  GLU A C   1 
ATOM   672  O  O   . GLU A 1 91  ? -17.669 -3.855  -2.803  1.00 79.16 ? 91  GLU A O   1 
ATOM   673  C  CB  . GLU A 1 91  ? -20.612 -3.818  -4.111  1.00 79.00 ? 91  GLU A CB  1 
ATOM   674  C  CG  . GLU A 1 91  ? -21.781 -4.122  -5.067  1.00 79.25 ? 91  GLU A CG  1 
ATOM   675  C  CD  . GLU A 1 91  ? -22.906 -4.941  -4.429  1.00 79.39 ? 91  GLU A CD  1 
ATOM   676  O  OE1 . GLU A 1 91  ? -22.655 -6.095  -4.014  1.00 79.47 ? 91  GLU A OE1 1 
ATOM   677  O  OE2 . GLU A 1 91  ? -24.046 -4.428  -4.351  1.00 79.43 ? 91  GLU A OE2 1 
ATOM   678  N  N   . PRO A 1 92  ? -17.512 -3.256  -4.965  1.00 79.25 ? 92  PRO A N   1 
ATOM   679  C  CA  . PRO A 1 92  ? -16.312 -2.459  -4.692  1.00 79.32 ? 92  PRO A CA  1 
ATOM   680  C  C   . PRO A 1 92  ? -16.606 -1.424  -3.611  1.00 79.36 ? 92  PRO A C   1 
ATOM   681  O  O   . PRO A 1 92  ? -17.267 -0.418  -3.869  1.00 79.35 ? 92  PRO A O   1 
ATOM   682  C  CB  . PRO A 1 92  ? -16.011 -1.822  -6.044  1.00 79.37 ? 92  PRO A CB  1 
ATOM   683  C  CG  . PRO A 1 92  ? -16.445 -2.898  -7.004  1.00 79.38 ? 92  PRO A CG  1 
ATOM   684  C  CD  . PRO A 1 92  ? -17.774 -3.340  -6.413  1.00 79.32 ? 92  PRO A CD  1 
ATOM   685  N  N   . TYR A 1 93  ? -16.120 -1.690  -2.399  1.00 79.40 ? 93  TYR A N   1 
ATOM   686  C  CA  . TYR A 1 93  ? -16.325 -0.802  -1.256  1.00 79.35 ? 93  TYR A CA  1 
ATOM   687  C  C   . TYR A 1 93  ? -16.282 0.668   -1.661  1.00 79.19 ? 93  TYR A C   1 
ATOM   688  O  O   . TYR A 1 93  ? -15.569 1.055   -2.588  1.00 79.19 ? 93  TYR A O   1 
ATOM   689  C  CB  . TYR A 1 93  ? -15.266 -1.081  -0.185  1.00 79.61 ? 93  TYR A CB  1 
ATOM   690  C  CG  . TYR A 1 93  ? -15.332 -0.179  1.033   1.00 79.81 ? 93  TYR A CG  1 
ATOM   691  C  CD1 . TYR A 1 93  ? -16.426 -0.213  1.900   1.00 79.92 ? 93  TYR A CD1 1 
ATOM   692  C  CD2 . TYR A 1 93  ? -14.284 0.686   1.335   1.00 79.86 ? 93  TYR A CD2 1 
ATOM   693  C  CE1 . TYR A 1 93  ? -16.466 0.594   3.043   1.00 79.96 ? 93  TYR A CE1 1 
ATOM   694  C  CE2 . TYR A 1 93  ? -14.317 1.494   2.467   1.00 79.95 ? 93  TYR A CE2 1 
ATOM   695  C  CZ  . TYR A 1 93  ? -15.405 1.443   3.317   1.00 79.98 ? 93  TYR A CZ  1 
ATOM   696  O  OH  . TYR A 1 93  ? -15.415 2.236   4.444   1.00 80.08 ? 93  TYR A OH  1 
ATOM   697  N  N   . LYS A 1 94  ? -17.062 1.480   -0.960  1.00 78.90 ? 94  LYS A N   1 
ATOM   698  C  CA  . LYS A 1 94  ? -17.133 2.908   -1.223  1.00 78.57 ? 94  LYS A CA  1 
ATOM   699  C  C   . LYS A 1 94  ? -16.846 3.666   0.065   1.00 78.21 ? 94  LYS A C   1 
ATOM   700  O  O   . LYS A 1 94  ? -17.520 3.466   1.080   1.00 78.23 ? 94  LYS A O   1 
ATOM   701  C  CB  . LYS A 1 94  ? -18.525 3.278   -1.747  1.00 78.74 ? 94  LYS A CB  1 
ATOM   702  C  CG  . LYS A 1 94  ? -18.823 4.772   -1.725  1.00 78.92 ? 94  LYS A CG  1 
ATOM   703  C  CD  . LYS A 1 94  ? -20.259 5.056   -2.136  1.00 79.02 ? 94  LYS A CD  1 
ATOM   704  C  CE  . LYS A 1 94  ? -20.635 6.492   -1.834  1.00 79.08 ? 94  LYS A CE  1 
ATOM   705  N  NZ  . LYS A 1 94  ? -19.669 7.446   -2.440  1.00 79.17 ? 94  LYS A NZ  1 
ATOM   706  N  N   . PHE A 1 95  ? -15.841 4.534   0.019   1.00 77.67 ? 95  PHE A N   1 
ATOM   707  C  CA  . PHE A 1 95  ? -15.463 5.318   1.185   1.00 77.04 ? 95  PHE A CA  1 
ATOM   708  C  C   . PHE A 1 95  ? -16.478 6.444   1.350   1.00 76.47 ? 95  PHE A C   1 
ATOM   709  O  O   . PHE A 1 95  ? -17.032 6.930   0.361   1.00 76.48 ? 95  PHE A O   1 
ATOM   710  C  CB  . PHE A 1 95  ? -14.051 5.881   0.997   1.00 77.24 ? 95  PHE A CB  1 
ATOM   711  C  CG  . PHE A 1 95  ? -13.371 6.269   2.281   1.00 77.36 ? 95  PHE A CG  1 
ATOM   712  C  CD1 . PHE A 1 95  ? -13.249 5.353   3.323   1.00 77.46 ? 95  PHE A CD1 1 
ATOM   713  C  CD2 . PHE A 1 95  ? -12.816 7.537   2.436   1.00 77.46 ? 95  PHE A CD2 1 
ATOM   714  C  CE1 . PHE A 1 95  ? -12.581 5.693   4.498   1.00 77.55 ? 95  PHE A CE1 1 
ATOM   715  C  CE2 . PHE A 1 95  ? -12.145 7.891   3.606   1.00 77.50 ? 95  PHE A CE2 1 
ATOM   716  C  CZ  . PHE A 1 95  ? -12.026 6.968   4.639   1.00 77.59 ? 95  PHE A CZ  1 
ATOM   717  N  N   . ASP A 1 96  ? -16.718 6.851   2.595   1.00 75.66 ? 96  ASP A N   1 
ATOM   718  C  CA  . ASP A 1 96  ? -17.687 7.903   2.893   1.00 74.76 ? 96  ASP A CA  1 
ATOM   719  C  C   . ASP A 1 96  ? -17.283 9.269   2.343   1.00 73.95 ? 96  ASP A C   1 
ATOM   720  O  O   . ASP A 1 96  ? -17.949 9.813   1.454   1.00 73.95 ? 96  ASP A O   1 
ATOM   721  C  CB  . ASP A 1 96  ? -17.911 8.014   4.408   1.00 75.10 ? 96  ASP A CB  1 
ATOM   722  C  CG  . ASP A 1 96  ? -18.188 6.668   5.062   1.00 75.33 ? 96  ASP A CG  1 
ATOM   723  O  OD1 . ASP A 1 96  ? -17.262 5.826   5.104   1.00 75.46 ? 96  ASP A OD1 1 
ATOM   724  O  OD2 . ASP A 1 96  ? -19.331 6.450   5.531   1.00 75.40 ? 96  ASP A OD2 1 
ATOM   725  N  N   . LYS A 1 97  ? -16.200 9.829   2.878   1.00 72.84 ? 97  LYS A N   1 
ATOM   726  C  CA  . LYS A 1 97  ? -15.725 11.134  2.431   1.00 71.59 ? 97  LYS A CA  1 
ATOM   727  C  C   . LYS A 1 97  ? -15.060 11.047  1.053   1.00 70.59 ? 97  LYS A C   1 
ATOM   728  O  O   . LYS A 1 97  ? -15.125 10.012  0.371   1.00 70.52 ? 97  LYS A O   1 
ATOM   729  C  CB  . LYS A 1 97  ? -14.728 11.729  3.440   1.00 71.80 ? 97  LYS A CB  1 
ATOM   730  C  CG  . LYS A 1 97  ? -14.405 10.857  4.657   1.00 71.89 ? 97  LYS A CG  1 
ATOM   731  C  CD  . LYS A 1 97  ? -15.594 10.717  5.609   1.00 72.02 ? 97  LYS A CD  1 
ATOM   732  C  CE  . LYS A 1 97  ? -15.200 9.949   6.873   1.00 72.07 ? 97  LYS A CE  1 
ATOM   733  N  NZ  . LYS A 1 97  ? -16.384 9.579   7.692   1.00 72.04 ? 97  LYS A NZ  1 
ATOM   734  N  N   . GLU A 1 98  ? -14.430 12.145  0.644   1.00 69.24 ? 98  GLU A N   1 
ATOM   735  C  CA  . GLU A 1 98  ? -13.752 12.194  -0.642  1.00 67.73 ? 98  GLU A CA  1 
ATOM   736  C  C   . GLU A 1 98  ? -12.284 11.845  -0.412  1.00 66.46 ? 98  GLU A C   1 
ATOM   737  O  O   . GLU A 1 98  ? -11.633 12.378  0.489   1.00 66.42 ? 98  GLU A O   1 
ATOM   738  C  CB  . GLU A 1 98  ? -13.893 13.586  -1.268  1.00 67.99 ? 98  GLU A CB  1 
ATOM   739  C  CG  . GLU A 1 98  ? -13.636 13.601  -2.767  1.00 68.26 ? 98  GLU A CG  1 
ATOM   740  C  CD  . GLU A 1 98  ? -13.982 14.927  -3.406  1.00 68.51 ? 98  GLU A CD  1 
ATOM   741  O  OE1 . GLU A 1 98  ? -15.171 15.330  -3.355  1.00 68.69 ? 98  GLU A OE1 1 
ATOM   742  O  OE2 . GLU A 1 98  ? -13.064 15.569  -3.964  1.00 68.61 ? 98  GLU A OE2 1 
ATOM   743  N  N   . LEU A 1 99  ? -11.777 10.940  -1.240  1.00 64.81 ? 99  LEU A N   1 
ATOM   744  C  CA  . LEU A 1 99  ? -10.411 10.466  -1.130  1.00 63.15 ? 99  LEU A CA  1 
ATOM   745  C  C   . LEU A 1 99  ? -9.311  11.455  -1.474  1.00 61.87 ? 99  LEU A C   1 
ATOM   746  O  O   . LEU A 1 99  ? -9.502  12.385  -2.263  1.00 61.74 ? 99  LEU A O   1 
ATOM   747  C  CB  . LEU A 1 99  ? -10.222 9.231   -2.006  1.00 63.22 ? 99  LEU A CB  1 
ATOM   748  C  CG  . LEU A 1 99  ? -11.173 8.062   -1.786  1.00 63.28 ? 99  LEU A CG  1 
ATOM   749  C  CD1 . LEU A 1 99  ? -10.710 6.888   -2.625  1.00 63.22 ? 99  LEU A CD1 1 
ATOM   750  C  CD2 . LEU A 1 99  ? -11.199 7.687   -0.314  1.00 63.27 ? 99  LEU A CD2 1 
ATOM   751  N  N   . PRO A 1 100 ? -8.130  11.262  -0.870  1.00 60.53 ? 100 PRO A N   1 
ATOM   752  C  CA  . PRO A 1 100 ? -6.997  12.141  -1.139  1.00 59.31 ? 100 PRO A CA  1 
ATOM   753  C  C   . PRO A 1 100 ? -6.690  11.894  -2.609  1.00 58.18 ? 100 PRO A C   1 
ATOM   754  O  O   . PRO A 1 100 ? -6.907  10.791  -3.107  1.00 57.89 ? 100 PRO A O   1 
ATOM   755  C  CB  . PRO A 1 100 ? -5.900  11.582  -0.240  1.00 59.56 ? 100 PRO A CB  1 
ATOM   756  C  CG  . PRO A 1 100 ? -6.653  10.916  0.868   1.00 59.87 ? 100 PRO A CG  1 
ATOM   757  C  CD  . PRO A 1 100 ? -7.786  10.255  0.150   1.00 60.22 ? 100 PRO A CD  1 
ATOM   758  N  N   . TYR A 1 101 ? -6.194  12.913  -3.300  1.00 56.89 ? 101 TYR A N   1 
ATOM   759  C  CA  . TYR A 1 101 ? -5.868  12.793  -4.711  1.00 55.59 ? 101 TYR A CA  1 
ATOM   760  C  C   . TYR A 1 101 ? -4.590  13.604  -4.861  1.00 54.90 ? 101 TYR A C   1 
ATOM   761  O  O   . TYR A 1 101 ? -4.567  14.636  -5.533  1.00 54.67 ? 101 TYR A O   1 
ATOM   762  C  CB  . TYR A 1 101 ? -6.992  13.404  -5.549  1.00 55.25 ? 101 TYR A CB  1 
ATOM   763  C  CG  . TYR A 1 101 ? -7.024  12.965  -6.989  1.00 54.72 ? 101 TYR A CG  1 
ATOM   764  C  CD1 . TYR A 1 101 ? -7.636  11.767  -7.358  1.00 54.65 ? 101 TYR A CD1 1 
ATOM   765  C  CD2 . TYR A 1 101 ? -6.466  13.759  -7.995  1.00 54.53 ? 101 TYR A CD2 1 
ATOM   766  C  CE1 . TYR A 1 101 ? -7.700  11.376  -8.691  1.00 54.39 ? 101 TYR A CE1 1 
ATOM   767  C  CE2 . TYR A 1 101 ? -6.522  13.383  -9.326  1.00 54.33 ? 101 TYR A CE2 1 
ATOM   768  C  CZ  . TYR A 1 101 ? -7.144  12.192  -9.668  1.00 54.35 ? 101 TYR A CZ  1 
ATOM   769  O  OH  . TYR A 1 101 ? -7.237  11.832  -10.983 1.00 54.24 ? 101 TYR A OH  1 
ATOM   770  N  N   . GLU A 1 102 ? -3.530  13.113  -4.225  1.00 54.03 ? 102 GLU A N   1 
ATOM   771  C  CA  . GLU A 1 102 ? -2.238  13.788  -4.209  1.00 53.22 ? 102 GLU A CA  1 
ATOM   772  C  C   . GLU A 1 102 ? -1.526  13.919  -5.547  1.00 52.58 ? 102 GLU A C   1 
ATOM   773  O  O   . GLU A 1 102 ? -1.787  13.174  -6.479  1.00 52.34 ? 102 GLU A O   1 
ATOM   774  C  CB  . GLU A 1 102 ? -1.308  13.093  -3.214  1.00 53.26 ? 102 GLU A CB  1 
ATOM   775  C  CG  . GLU A 1 102 ? -0.076  13.912  -2.885  1.00 53.49 ? 102 GLU A CG  1 
ATOM   776  C  CD  . GLU A 1 102 ? -0.442  15.272  -2.311  1.00 53.60 ? 102 GLU A CD  1 
ATOM   777  O  OE1 . GLU A 1 102 ? -0.917  15.322  -1.154  1.00 53.73 ? 102 GLU A OE1 1 
ATOM   778  O  OE2 . GLU A 1 102 ? -0.276  16.283  -3.027  1.00 53.66 ? 102 GLU A OE2 1 
ATOM   779  N  N   . ALA A 1 103 ? -0.617  14.881  -5.623  1.00 51.96 ? 103 ALA A N   1 
ATOM   780  C  CA  . ALA A 1 103 ? 0.156   15.113  -6.837  1.00 51.29 ? 103 ALA A CA  1 
ATOM   781  C  C   . ALA A 1 103 ? 1.520   15.724  -6.529  1.00 50.79 ? 103 ALA A C   1 
ATOM   782  O  O   . ALA A 1 103 ? 1.834   16.046  -5.373  1.00 50.73 ? 103 ALA A O   1 
ATOM   783  C  CB  . ALA A 1 103 ? -0.623  16.023  -7.792  1.00 51.39 ? 103 ALA A CB  1 
ATOM   784  N  N   . GLY A 1 104 ? 2.332   15.869  -7.572  1.00 50.18 ? 104 GLY A N   1 
ATOM   785  C  CA  . GLY A 1 104 ? 3.647   16.455  -7.405  1.00 49.41 ? 104 GLY A CA  1 
ATOM   786  C  C   . GLY A 1 104 ? 4.622   15.579  -6.652  1.00 48.78 ? 104 GLY A C   1 
ATOM   787  O  O   . GLY A 1 104 ? 4.544   14.355  -6.710  1.00 48.78 ? 104 GLY A O   1 
ATOM   788  N  N   . ASN A 1 105 ? 5.547   16.218  -5.944  1.00 48.12 ? 105 ASN A N   1 
ATOM   789  C  CA  . ASN A 1 105 ? 6.559   15.514  -5.175  1.00 47.39 ? 105 ASN A CA  1 
ATOM   790  C  C   . ASN A 1 105 ? 5.923   14.585  -4.133  1.00 46.74 ? 105 ASN A C   1 
ATOM   791  O  O   . ASN A 1 105 ? 6.271   13.402  -4.053  1.00 46.84 ? 105 ASN A O   1 
ATOM   792  C  CB  . ASN A 1 105 ? 7.497   16.524  -4.492  1.00 47.64 ? 105 ASN A CB  1 
ATOM   793  C  CG  . ASN A 1 105 ? 8.156   17.498  -5.486  1.00 47.75 ? 105 ASN A CG  1 
ATOM   794  O  OD1 . ASN A 1 105 ? 8.674   17.094  -6.535  1.00 47.76 ? 105 ASN A OD1 1 
ATOM   795  N  ND2 . ASN A 1 105 ? 8.149   18.782  -5.141  1.00 47.80 ? 105 ASN A ND2 1 
ATOM   796  N  N   . LYS A 1 106 ? 4.995   15.113  -3.340  1.00 45.92 ? 106 LYS A N   1 
ATOM   797  C  CA  . LYS A 1 106 ? 4.313   14.302  -2.328  1.00 45.03 ? 106 LYS A CA  1 
ATOM   798  C  C   . LYS A 1 106 ? 3.751   12.994  -2.903  1.00 44.29 ? 106 LYS A C   1 
ATOM   799  O  O   . LYS A 1 106 ? 3.828   11.937  -2.273  1.00 44.19 ? 106 LYS A O   1 
ATOM   800  C  CB  . LYS A 1 106 ? 3.177   15.096  -1.688  1.00 45.13 ? 106 LYS A CB  1 
ATOM   801  C  CG  . LYS A 1 106 ? 3.617   16.057  -0.586  1.00 45.60 ? 106 LYS A CG  1 
ATOM   802  C  CD  . LYS A 1 106 ? 2.399   16.635  0.131   1.00 46.00 ? 106 LYS A CD  1 
ATOM   803  C  CE  . LYS A 1 106 ? 2.755   17.189  1.512   1.00 46.41 ? 106 LYS A CE  1 
ATOM   804  N  NZ  . LYS A 1 106 ? 1.531   17.632  2.259   1.00 46.44 ? 106 LYS A NZ  1 
ATOM   805  N  N   . ALA A 1 107 ? 3.182   13.068  -4.100  1.00 43.32 ? 107 ALA A N   1 
ATOM   806  C  CA  . ALA A 1 107 ? 2.619   11.887  -4.738  1.00 42.37 ? 107 ALA A CA  1 
ATOM   807  C  C   . ALA A 1 107 ? 3.677   10.808  -4.941  1.00 41.69 ? 107 ALA A C   1 
ATOM   808  O  O   . ALA A 1 107 ? 3.355   9.620   -4.975  1.00 41.63 ? 107 ALA A O   1 
ATOM   809  C  CB  . ALA A 1 107 ? 1.988   12.256  -6.070  1.00 42.17 ? 107 ALA A CB  1 
ATOM   810  N  N   . ILE A 1 108 ? 4.939   11.205  -5.086  1.00 40.83 ? 108 ILE A N   1 
ATOM   811  C  CA  . ILE A 1 108 ? 5.991   10.205  -5.268  1.00 40.07 ? 108 ILE A CA  1 
ATOM   812  C  C   . ILE A 1 108 ? 6.126   9.392   -3.969  1.00 39.56 ? 108 ILE A C   1 
ATOM   813  O  O   . ILE A 1 108 ? 6.465   8.203   -3.986  1.00 39.36 ? 108 ILE A O   1 
ATOM   814  C  CB  . ILE A 1 108 ? 7.345   10.860  -5.638  1.00 40.03 ? 108 ILE A CB  1 
ATOM   815  C  CG1 . ILE A 1 108 ? 7.248   11.475  -7.037  1.00 40.07 ? 108 ILE A CG1 1 
ATOM   816  C  CG2 . ILE A 1 108 ? 8.476   9.818   -5.593  1.00 39.77 ? 108 ILE A CG2 1 
ATOM   817  C  CD1 . ILE A 1 108 ? 8.539   12.142  -7.512  1.00 40.23 ? 108 ILE A CD1 1 
ATOM   818  N  N   . GLY A 1 109 ? 5.848   10.047  -2.850  1.00 38.94 ? 109 GLY A N   1 
ATOM   819  C  CA  . GLY A 1 109 ? 5.908   9.379   -1.570  1.00 38.55 ? 109 GLY A CA  1 
ATOM   820  C  C   . GLY A 1 109 ? 4.799   8.344   -1.420  1.00 38.17 ? 109 GLY A C   1 
ATOM   821  O  O   . GLY A 1 109 ? 5.018   7.310   -0.789  1.00 38.03 ? 109 GLY A O   1 
ATOM   822  N  N   . TRP A 1 110 ? 3.616   8.618   -1.981  1.00 37.80 ? 110 TRP A N   1 
ATOM   823  C  CA  . TRP A 1 110 ? 2.487   7.685   -1.902  1.00 37.38 ? 110 TRP A CA  1 
ATOM   824  C  C   . TRP A 1 110 ? 2.791   6.461   -2.733  1.00 37.57 ? 110 TRP A C   1 
ATOM   825  O  O   . TRP A 1 110 ? 2.490   5.330   -2.331  1.00 37.48 ? 110 TRP A O   1 
ATOM   826  C  CB  . TRP A 1 110 ? 1.190   8.324   -2.416  1.00 36.96 ? 110 TRP A CB  1 
ATOM   827  C  CG  . TRP A 1 110 ? 0.595   9.310   -1.469  1.00 36.47 ? 110 TRP A CG  1 
ATOM   828  C  CD1 . TRP A 1 110 ? 1.131   10.505  -1.088  1.00 36.41 ? 110 TRP A CD1 1 
ATOM   829  C  CD2 . TRP A 1 110 ? -0.632  9.171   -0.744  1.00 36.27 ? 110 TRP A CD2 1 
ATOM   830  N  NE1 . TRP A 1 110 ? 0.312   11.123  -0.164  1.00 36.30 ? 110 TRP A NE1 1 
ATOM   831  C  CE2 . TRP A 1 110 ? -0.777  10.324  0.063   1.00 36.30 ? 110 TRP A CE2 1 
ATOM   832  C  CE3 . TRP A 1 110 ? -1.624  8.185   -0.694  1.00 36.15 ? 110 TRP A CE3 1 
ATOM   833  C  CZ2 . TRP A 1 110 ? -1.880  10.516  0.914   1.00 36.10 ? 110 TRP A CZ2 1 
ATOM   834  C  CZ3 . TRP A 1 110 ? -2.716  8.376   0.151   1.00 35.99 ? 110 TRP A CZ3 1 
ATOM   835  C  CH2 . TRP A 1 110 ? -2.831  9.534   0.942   1.00 36.07 ? 110 TRP A CH2 1 
ATOM   836  N  N   . LEU A 1 111 ? 3.409   6.693   -3.887  1.00 37.81 ? 111 LEU A N   1 
ATOM   837  C  CA  . LEU A 1 111 ? 3.771   5.616   -4.803  1.00 38.01 ? 111 LEU A CA  1 
ATOM   838  C  C   . LEU A 1 111 ? 4.748   4.658   -4.129  1.00 38.12 ? 111 LEU A C   1 
ATOM   839  O  O   . LEU A 1 111 ? 4.581   3.446   -4.181  1.00 38.02 ? 111 LEU A O   1 
ATOM   840  C  CB  . LEU A 1 111 ? 4.410   6.207   -6.065  1.00 38.17 ? 111 LEU A CB  1 
ATOM   841  C  CG  . LEU A 1 111 ? 4.824   5.256   -7.184  1.00 38.37 ? 111 LEU A CG  1 
ATOM   842  C  CD1 . LEU A 1 111 ? 3.589   4.638   -7.831  1.00 38.65 ? 111 LEU A CD1 1 
ATOM   843  C  CD2 . LEU A 1 111 ? 5.615   6.040   -8.223  1.00 38.62 ? 111 LEU A CD2 1 
ATOM   844  N  N   . TYR A 1 112 ? 5.779   5.205   -3.500  1.00 38.41 ? 112 TYR A N   1 
ATOM   845  C  CA  . TYR A 1 112 ? 6.760   4.365   -2.819  1.00 38.68 ? 112 TYR A CA  1 
ATOM   846  C  C   . TYR A 1 112 ? 6.034   3.515   -1.786  1.00 38.78 ? 112 TYR A C   1 
ATOM   847  O  O   . TYR A 1 112 ? 6.200   2.289   -1.732  1.00 38.82 ? 112 TYR A O   1 
ATOM   848  C  CB  . TYR A 1 112 ? 7.797   5.228   -2.112  1.00 38.96 ? 112 TYR A CB  1 
ATOM   849  C  CG  . TYR A 1 112 ? 8.482   4.489   -0.995  1.00 39.36 ? 112 TYR A CG  1 
ATOM   850  C  CD1 . TYR A 1 112 ? 9.343   3.428   -1.263  1.00 39.43 ? 112 TYR A CD1 1 
ATOM   851  C  CD2 . TYR A 1 112 ? 8.224   4.813   0.336   1.00 39.34 ? 112 TYR A CD2 1 
ATOM   852  C  CE1 . TYR A 1 112 ? 9.933   2.701   -0.215  1.00 39.79 ? 112 TYR A CE1 1 
ATOM   853  C  CE2 . TYR A 1 112 ? 8.804   4.101   1.381   1.00 39.42 ? 112 TYR A CE2 1 
ATOM   854  C  CZ  . TYR A 1 112 ? 9.657   3.050   1.105   1.00 39.62 ? 112 TYR A CZ  1 
ATOM   855  O  OH  . TYR A 1 112 ? 10.241  2.344   2.135   1.00 39.81 ? 112 TYR A OH  1 
ATOM   856  N  N   . CYS A 1 113 ? 5.232   4.189   -0.968  1.00 38.84 ? 113 CYS A N   1 
ATOM   857  C  CA  . CYS A 1 113 ? 4.452   3.543   0.080   1.00 38.95 ? 113 CYS A CA  1 
ATOM   858  C  C   . CYS A 1 113 ? 3.642   2.397   -0.522  1.00 39.01 ? 113 CYS A C   1 
ATOM   859  O  O   . CYS A 1 113 ? 3.640   1.275   0.004   1.00 38.91 ? 113 CYS A O   1 
ATOM   860  C  CB  . CYS A 1 113 ? 3.516   4.568   0.731   1.00 39.11 ? 113 CYS A CB  1 
ATOM   861  S  SG  . CYS A 1 113 ? 2.404   3.901   2.009   1.00 39.34 ? 113 CYS A SG  1 
ATOM   862  N  N   . ALA A 1 114 ? 2.968   2.682   -1.635  1.00 38.99 ? 114 ALA A N   1 
ATOM   863  C  CA  . ALA A 1 114 ? 2.162   1.680   -2.314  1.00 39.11 ? 114 ALA A CA  1 
ATOM   864  C  C   . ALA A 1 114 ? 2.985   0.557   -2.942  1.00 39.42 ? 114 ALA A C   1 
ATOM   865  O  O   . ALA A 1 114 ? 2.709   -0.620  -2.691  1.00 39.17 ? 114 ALA A O   1 
ATOM   866  C  CB  . ALA A 1 114 ? 1.301   2.334   -3.382  1.00 38.89 ? 114 ALA A CB  1 
ATOM   867  N  N   . GLU A 1 115 ? 3.998   0.907   -3.741  1.00 39.87 ? 115 GLU A N   1 
ATOM   868  C  CA  . GLU A 1 115 ? 4.796   -0.127  -4.412  1.00 40.71 ? 115 GLU A CA  1 
ATOM   869  C  C   . GLU A 1 115 ? 5.591   -0.986  -3.434  1.00 41.28 ? 115 GLU A C   1 
ATOM   870  O  O   . GLU A 1 115 ? 5.802   -2.177  -3.663  1.00 41.33 ? 115 GLU A O   1 
ATOM   871  C  CB  . GLU A 1 115 ? 5.725   0.490   -5.476  1.00 40.41 ? 115 GLU A CB  1 
ATOM   872  C  CG  . GLU A 1 115 ? 6.277   -0.531  -6.473  1.00 40.36 ? 115 GLU A CG  1 
ATOM   873  C  CD  . GLU A 1 115 ? 5.219   -1.539  -6.935  1.00 40.47 ? 115 GLU A CD  1 
ATOM   874  O  OE1 . GLU A 1 115 ? 4.054   -1.137  -7.181  1.00 40.59 ? 115 GLU A OE1 1 
ATOM   875  O  OE2 . GLU A 1 115 ? 5.546   -2.734  -7.061  1.00 40.34 ? 115 GLU A OE2 1 
ATOM   876  N  N   . GLY A 1 116 ? 6.027   -0.383  -2.339  1.00 42.11 ? 116 GLY A N   1 
ATOM   877  C  CA  . GLY A 1 116 ? 6.754   -1.145  -1.343  1.00 43.20 ? 116 GLY A CA  1 
ATOM   878  C  C   . GLY A 1 116 ? 5.857   -2.173  -0.665  1.00 44.03 ? 116 GLY A C   1 
ATOM   879  O  O   . GLY A 1 116 ? 6.313   -3.275  -0.354  1.00 44.08 ? 116 GLY A O   1 
ATOM   880  N  N   . SER A 1 117 ? 4.585   -1.836  -0.440  1.00 44.83 ? 117 SER A N   1 
ATOM   881  C  CA  . SER A 1 117 ? 3.673   -2.772  0.209   1.00 46.01 ? 117 SER A CA  1 
ATOM   882  C  C   . SER A 1 117 ? 3.526   -4.070  -0.594  1.00 46.93 ? 117 SER A C   1 
ATOM   883  O  O   . SER A 1 117 ? 3.078   -5.089  -0.064  1.00 46.87 ? 117 SER A O   1 
ATOM   884  C  CB  . SER A 1 117 ? 2.291   -2.136  0.404   1.00 46.00 ? 117 SER A CB  1 
ATOM   885  O  OG  . SER A 1 117 ? 1.649   -1.874  -0.833  1.00 45.87 ? 117 SER A OG  1 
ATOM   886  N  N   . ASN A 1 118 ? 3.882   -4.022  -1.874  1.00 48.02 ? 118 ASN A N   1 
ATOM   887  C  CA  . ASN A 1 118 ? 3.798   -5.200  -2.723  1.00 49.29 ? 118 ASN A CA  1 
ATOM   888  C  C   . ASN A 1 118 ? 5.038   -6.040  -2.439  1.00 50.11 ? 118 ASN A C   1 
ATOM   889  O  O   . ASN A 1 118 ? 5.024   -7.265  -2.565  1.00 50.24 ? 118 ASN A O   1 
ATOM   890  C  CB  . ASN A 1 118 ? 3.738   -4.781  -4.196  1.00 49.47 ? 118 ASN A CB  1 
ATOM   891  C  CG  . ASN A 1 118 ? 3.597   -5.969  -5.143  1.00 49.81 ? 118 ASN A CG  1 
ATOM   892  O  OD1 . ASN A 1 118 ? 3.045   -7.023  -4.779  1.00 49.87 ? 118 ASN A OD1 1 
ATOM   893  N  ND2 . ASN A 1 118 ? 4.081   -5.799  -6.378  1.00 49.72 ? 118 ASN A ND2 1 
ATOM   894  N  N   . LEU A 1 119 ? 6.103   -5.366  -2.022  1.00 51.07 ? 119 LEU A N   1 
ATOM   895  C  CA  . LEU A 1 119 ? 7.351   -6.036  -1.690  1.00 52.11 ? 119 LEU A CA  1 
ATOM   896  C  C   . LEU A 1 119 ? 7.118   -6.965  -0.497  1.00 52.82 ? 119 LEU A C   1 
ATOM   897  O  O   . LEU A 1 119 ? 7.220   -8.197  -0.605  1.00 52.85 ? 119 LEU A O   1 
ATOM   898  C  CB  . LEU A 1 119 ? 8.416   -5.005  -1.310  1.00 52.18 ? 119 LEU A CB  1 
ATOM   899  C  CG  . LEU A 1 119 ? 9.892   -5.423  -1.316  1.00 52.41 ? 119 LEU A CG  1 
ATOM   900  C  CD1 . LEU A 1 119 ? 10.724  -4.353  -0.620  1.00 52.29 ? 119 LEU A CD1 1 
ATOM   901  C  CD2 . LEU A 1 119 ? 10.062  -6.753  -0.621  1.00 52.54 ? 119 LEU A CD2 1 
ATOM   902  N  N   . GLY A 1 120 ? 6.792   -6.356  0.638   1.00 53.60 ? 120 GLY A N   1 
ATOM   903  C  CA  . GLY A 1 120 ? 6.581   -7.113  1.859   1.00 54.55 ? 120 GLY A CA  1 
ATOM   904  C  C   . GLY A 1 120 ? 5.273   -7.859  1.994   1.00 55.16 ? 120 GLY A C   1 
ATOM   905  O  O   . GLY A 1 120 ? 5.068   -8.549  2.987   1.00 55.22 ? 120 GLY A O   1 
ATOM   906  N  N   . ALA A 1 121 ? 4.392   -7.734  1.009   1.00 55.87 ? 121 ALA A N   1 
ATOM   907  C  CA  . ALA A 1 121 ? 3.106   -8.426  1.056   1.00 56.73 ? 121 ALA A CA  1 
ATOM   908  C  C   . ALA A 1 121 ? 3.253   -9.952  1.209   1.00 57.36 ? 121 ALA A C   1 
ATOM   909  O  O   . ALA A 1 121 ? 2.271   -10.664 1.427   1.00 57.43 ? 121 ALA A O   1 
ATOM   910  C  CB  . ALA A 1 121 ? 2.290   -8.096  -0.198  1.00 56.66 ? 121 ALA A CB  1 
ATOM   911  N  N   . ALA A 1 122 ? 4.479   -10.451 1.092   1.00 58.10 ? 122 ALA A N   1 
ATOM   912  C  CA  . ALA A 1 122 ? 4.733   -11.879 1.229   1.00 58.99 ? 122 ALA A CA  1 
ATOM   913  C  C   . ALA A 1 122 ? 4.072   -12.442 2.490   1.00 59.60 ? 122 ALA A C   1 
ATOM   914  O  O   . ALA A 1 122 ? 3.332   -13.431 2.432   1.00 59.55 ? 122 ALA A O   1 
ATOM   915  C  CB  . ALA A 1 122 ? 6.237   -12.134 1.275   1.00 58.99 ? 122 ALA A CB  1 
ATOM   916  N  N   . PHE A 1 123 ? 4.343   -11.799 3.623   1.00 60.40 ? 123 PHE A N   1 
ATOM   917  C  CA  . PHE A 1 123 ? 3.792   -12.222 4.909   1.00 61.22 ? 123 PHE A CA  1 
ATOM   918  C  C   . PHE A 1 123 ? 2.266   -12.337 4.861   1.00 61.71 ? 123 PHE A C   1 
ATOM   919  O  O   . PHE A 1 123 ? 1.690   -13.362 5.244   1.00 61.80 ? 123 PHE A O   1 
ATOM   920  C  CB  . PHE A 1 123 ? 4.197   -11.222 5.994   1.00 61.39 ? 123 PHE A CB  1 
ATOM   921  C  CG  . PHE A 1 123 ? 3.966   -11.717 7.389   1.00 61.69 ? 123 PHE A CG  1 
ATOM   922  C  CD1 . PHE A 1 123 ? 4.870   -12.590 7.988   1.00 61.80 ? 123 PHE A CD1 1 
ATOM   923  C  CD2 . PHE A 1 123 ? 2.836   -11.328 8.102   1.00 61.81 ? 123 PHE A CD2 1 
ATOM   924  C  CE1 . PHE A 1 123 ? 4.652   -13.068 9.280   1.00 61.92 ? 123 PHE A CE1 1 
ATOM   925  C  CE2 . PHE A 1 123 ? 2.605   -11.799 9.396   1.00 61.86 ? 123 PHE A CE2 1 
ATOM   926  C  CZ  . PHE A 1 123 ? 3.516   -12.671 9.985   1.00 61.92 ? 123 PHE A CZ  1 
ATOM   927  N  N   . LEU A 1 124 ? 1.618   -11.277 4.391   1.00 62.27 ? 124 LEU A N   1 
ATOM   928  C  CA  . LEU A 1 124 ? 0.168   -11.254 4.281   1.00 62.89 ? 124 LEU A CA  1 
ATOM   929  C  C   . LEU A 1 124 ? -0.331  -12.371 3.362   1.00 63.43 ? 124 LEU A C   1 
ATOM   930  O  O   . LEU A 1 124 ? -1.255  -13.109 3.714   1.00 63.42 ? 124 LEU A O   1 
ATOM   931  C  CB  . LEU A 1 124 ? -0.297  -9.896  3.739   1.00 62.81 ? 124 LEU A CB  1 
ATOM   932  C  CG  . LEU A 1 124 ? -0.026  -8.662  4.610   1.00 62.87 ? 124 LEU A CG  1 
ATOM   933  C  CD1 . LEU A 1 124 ? -0.368  -7.395  3.844   1.00 62.71 ? 124 LEU A CD1 1 
ATOM   934  C  CD2 . LEU A 1 124 ? -0.845  -8.747  5.895   1.00 62.87 ? 124 LEU A CD2 1 
ATOM   935  N  N   . PHE A 1 125 ? 0.279   -12.494 2.184   1.00 64.05 ? 125 PHE A N   1 
ATOM   936  C  CA  . PHE A 1 125 ? -0.122  -13.518 1.223   1.00 64.77 ? 125 PHE A CA  1 
ATOM   937  C  C   . PHE A 1 125 ? -0.076  -14.895 1.876   1.00 65.25 ? 125 PHE A C   1 
ATOM   938  O  O   . PHE A 1 125 ? -0.975  -15.708 1.677   1.00 65.16 ? 125 PHE A O   1 
ATOM   939  C  CB  . PHE A 1 125 ? 0.797   -13.480 -0.007  1.00 64.80 ? 125 PHE A CB  1 
ATOM   940  C  CG  . PHE A 1 125 ? 0.297   -14.291 -1.176  1.00 64.89 ? 125 PHE A CG  1 
ATOM   941  C  CD1 . PHE A 1 125 ? -0.971  -14.065 -1.711  1.00 64.96 ? 125 PHE A CD1 1 
ATOM   942  C  CD2 . PHE A 1 125 ? 1.104   -15.267 -1.762  1.00 64.98 ? 125 PHE A CD2 1 
ATOM   943  C  CE1 . PHE A 1 125 ? -1.431  -14.799 -2.812  1.00 64.91 ? 125 PHE A CE1 1 
ATOM   944  C  CE2 . PHE A 1 125 ? 0.656   -16.007 -2.862  1.00 64.94 ? 125 PHE A CE2 1 
ATOM   945  C  CZ  . PHE A 1 125 ? -0.614  -15.771 -3.387  1.00 64.94 ? 125 PHE A CZ  1 
ATOM   946  N  N   . LYS A 1 126 ? 0.963   -15.135 2.672   1.00 65.94 ? 126 LYS A N   1 
ATOM   947  C  CA  . LYS A 1 126 ? 1.138   -16.410 3.361   1.00 66.71 ? 126 LYS A CA  1 
ATOM   948  C  C   . LYS A 1 126 ? -0.002  -16.730 4.324   1.00 67.25 ? 126 LYS A C   1 
ATOM   949  O  O   . LYS A 1 126 ? -0.427  -17.883 4.432   1.00 67.28 ? 126 LYS A O   1 
ATOM   950  C  CB  . LYS A 1 126 ? 2.456   -16.419 4.138   1.00 66.79 ? 126 LYS A CB  1 
ATOM   951  C  CG  . LYS A 1 126 ? 2.602   -17.611 5.084   1.00 66.93 ? 126 LYS A CG  1 
ATOM   952  C  CD  . LYS A 1 126 ? 3.862   -17.505 5.941   1.00 67.06 ? 126 LYS A CD  1 
ATOM   953  C  CE  . LYS A 1 126 ? 3.962   -18.674 6.914   1.00 67.15 ? 126 LYS A CE  1 
ATOM   954  N  NZ  . LYS A 1 126 ? 5.150   -18.582 7.801   1.00 67.24 ? 126 LYS A NZ  1 
ATOM   955  N  N   . HIS A 1 127 ? -0.491  -15.716 5.031   1.00 67.87 ? 127 HIS A N   1 
ATOM   956  C  CA  . HIS A 1 127 ? -1.575  -15.933 5.981   1.00 68.51 ? 127 HIS A CA  1 
ATOM   957  C  C   . HIS A 1 127 ? -2.957  -15.922 5.333   1.00 68.89 ? 127 HIS A C   1 
ATOM   958  O  O   . HIS A 1 127 ? -3.920  -16.435 5.903   1.00 68.97 ? 127 HIS A O   1 
ATOM   959  C  CB  . HIS A 1 127 ? -1.516  -14.893 7.103   1.00 68.67 ? 127 HIS A CB  1 
ATOM   960  C  CG  . HIS A 1 127 ? -0.313  -15.029 7.986   1.00 68.89 ? 127 HIS A CG  1 
ATOM   961  N  ND1 . HIS A 1 127 ? 0.966   -14.740 7.557   1.00 69.01 ? 127 HIS A ND1 1 
ATOM   962  C  CD2 . HIS A 1 127 ? -0.192  -15.442 9.271   1.00 68.97 ? 127 HIS A CD2 1 
ATOM   963  C  CE1 . HIS A 1 127 ? 1.820   -14.967 8.538   1.00 69.03 ? 127 HIS A CE1 1 
ATOM   964  N  NE2 . HIS A 1 127 ? 1.143   -15.393 9.590   1.00 69.00 ? 127 HIS A NE2 1 
ATOM   965  N  N   . ALA A 1 128 ? -3.055  -15.346 4.140   1.00 69.32 ? 128 ALA A N   1 
ATOM   966  C  CA  . ALA A 1 128 ? -4.332  -15.289 3.444   1.00 69.78 ? 128 ALA A CA  1 
ATOM   967  C  C   . ALA A 1 128 ? -4.619  -16.625 2.781   1.00 70.12 ? 128 ALA A C   1 
ATOM   968  O  O   . ALA A 1 128 ? -5.775  -17.030 2.642   1.00 70.15 ? 128 ALA A O   1 
ATOM   969  C  CB  . ALA A 1 128 ? -4.310  -14.187 2.399   1.00 69.75 ? 128 ALA A CB  1 
ATOM   970  N  N   . GLN A 1 129 ? -3.558  -17.309 2.369   1.00 70.59 ? 129 GLN A N   1 
ATOM   971  C  CA  . GLN A 1 129 ? -3.704  -18.597 1.712   1.00 71.05 ? 129 GLN A CA  1 
ATOM   972  C  C   . GLN A 1 129 ? -4.249  -19.654 2.654   1.00 71.34 ? 129 GLN A C   1 
ATOM   973  O  O   . GLN A 1 129 ? -4.904  -20.604 2.218   1.00 71.42 ? 129 GLN A O   1 
ATOM   974  C  CB  . GLN A 1 129 ? -2.369  -19.033 1.096   1.00 71.13 ? 129 GLN A CB  1 
ATOM   975  C  CG  . GLN A 1 129 ? -2.130  -18.382 -0.265  1.00 71.24 ? 129 GLN A CG  1 
ATOM   976  C  CD  . GLN A 1 129 ? -0.871  -18.860 -0.947  1.00 71.32 ? 129 GLN A CD  1 
ATOM   977  O  OE1 . GLN A 1 129 ? 0.232   -18.437 -0.607  1.00 71.36 ? 129 GLN A OE1 1 
ATOM   978  N  NE2 . GLN A 1 129 ? -1.029  -19.758 -1.916  1.00 71.45 ? 129 GLN A NE2 1 
ATOM   979  N  N   . LYS A 1 130 ? -3.994  -19.488 3.946   1.00 71.65 ? 130 LYS A N   1 
ATOM   980  C  CA  . LYS A 1 130 ? -4.514  -20.434 4.919   1.00 71.96 ? 130 LYS A CA  1 
ATOM   981  C  C   . LYS A 1 130 ? -6.028  -20.389 4.795   1.00 72.07 ? 130 LYS A C   1 
ATOM   982  O  O   . LYS A 1 130 ? -6.687  -21.418 4.656   1.00 72.18 ? 130 LYS A O   1 
ATOM   983  C  CB  . LYS A 1 130 ? -4.104  -20.042 6.342   1.00 72.01 ? 130 LYS A CB  1 
ATOM   984  C  CG  . LYS A 1 130 ? -2.626  -20.210 6.635   1.00 72.08 ? 130 LYS A CG  1 
ATOM   985  C  CD  . LYS A 1 130 ? -2.368  -20.108 8.127   1.00 72.18 ? 130 LYS A CD  1 
ATOM   986  C  CE  . LYS A 1 130 ? -0.903  -20.329 8.457   1.00 72.22 ? 130 LYS A CE  1 
ATOM   987  N  NZ  . LYS A 1 130 ? -0.672  -20.266 9.924   1.00 72.25 ? 130 LYS A NZ  1 
ATOM   988  N  N   . LEU A 1 131 ? -6.565  -19.175 4.819   1.00 72.19 ? 131 LEU A N   1 
ATOM   989  C  CA  . LEU A 1 131 ? -8.002  -18.947 4.713   1.00 72.29 ? 131 LEU A CA  1 
ATOM   990  C  C   . LEU A 1 131 ? -8.608  -19.368 3.369   1.00 72.29 ? 131 LEU A C   1 
ATOM   991  O  O   . LEU A 1 131 ? -9.757  -19.023 3.068   1.00 72.33 ? 131 LEU A O   1 
ATOM   992  C  CB  . LEU A 1 131 ? -8.298  -17.465 4.967   1.00 72.43 ? 131 LEU A CB  1 
ATOM   993  C  CG  . LEU A 1 131 ? -9.039  -17.118 6.259   1.00 72.55 ? 131 LEU A CG  1 
ATOM   994  C  CD1 . LEU A 1 131 ? -8.971  -15.620 6.515   1.00 72.61 ? 131 LEU A CD1 1 
ATOM   995  C  CD2 . LEU A 1 131 ? -10.487 -17.586 6.148   1.00 72.62 ? 131 LEU A CD2 1 
ATOM   996  N  N   . ASP A 1 132 ? -7.841  -20.107 2.567   1.00 72.17 ? 132 ASP A N   1 
ATOM   997  C  CA  . ASP A 1 132 ? -8.310  -20.579 1.263   1.00 72.09 ? 132 ASP A CA  1 
ATOM   998  C  C   . ASP A 1 132 ? -8.362  -19.485 0.199   1.00 71.95 ? 132 ASP A C   1 
ATOM   999  O  O   . ASP A 1 132 ? -9.220  -19.512 -0.680  1.00 71.95 ? 132 ASP A O   1 
ATOM   1000 C  CB  . ASP A 1 132 ? -9.705  -21.202 1.380   1.00 72.15 ? 132 ASP A CB  1 
ATOM   1001 C  CG  . ASP A 1 132 ? -9.733  -22.426 2.276   1.00 72.21 ? 132 ASP A CG  1 
ATOM   1002 O  OD1 . ASP A 1 132 ? -10.837 -22.979 2.459   1.00 72.09 ? 132 ASP A OD1 1 
ATOM   1003 O  OD2 . ASP A 1 132 ? -8.664  -22.831 2.792   1.00 72.30 ? 132 ASP A OD2 1 
ATOM   1004 N  N   . TYR A 1 133 ? -7.458  -18.520 0.274   1.00 71.76 ? 133 TYR A N   1 
ATOM   1005 C  CA  . TYR A 1 133 ? -7.441  -17.453 -0.713  1.00 71.54 ? 133 TYR A CA  1 
ATOM   1006 C  C   . TYR A 1 133 ? -6.088  -17.401 -1.406  1.00 71.30 ? 133 TYR A C   1 
ATOM   1007 O  O   . TYR A 1 133 ? -5.060  -17.681 -0.790  1.00 71.32 ? 133 TYR A O   1 
ATOM   1008 C  CB  . TYR A 1 133 ? -7.749  -16.114 -0.048  1.00 71.66 ? 133 TYR A CB  1 
ATOM   1009 C  CG  . TYR A 1 133 ? -9.128  -16.052 0.565   1.00 71.72 ? 133 TYR A CG  1 
ATOM   1010 C  CD1 . TYR A 1 133 ? -9.302  -16.103 1.949   1.00 71.80 ? 133 TYR A CD1 1 
ATOM   1011 C  CD2 . TYR A 1 133 ? -10.264 -15.964 -0.240  1.00 71.77 ? 133 TYR A CD2 1 
ATOM   1012 C  CE1 . TYR A 1 133 ? -10.578 -16.070 2.518   1.00 71.84 ? 133 TYR A CE1 1 
ATOM   1013 C  CE2 . TYR A 1 133 ? -11.544 -15.931 0.315   1.00 71.84 ? 133 TYR A CE2 1 
ATOM   1014 C  CZ  . TYR A 1 133 ? -11.694 -15.985 1.695   1.00 71.82 ? 133 TYR A CZ  1 
ATOM   1015 O  OH  . TYR A 1 133 ? -12.955 -15.956 2.244   1.00 71.81 ? 133 TYR A OH  1 
ATOM   1016 N  N   . ASN A 1 134 ? -6.090  -17.052 -2.688  1.00 70.94 ? 134 ASN A N   1 
ATOM   1017 C  CA  . ASN A 1 134 ? -4.849  -16.969 -3.451  1.00 70.57 ? 134 ASN A CA  1 
ATOM   1018 C  C   . ASN A 1 134 ? -4.980  -16.154 -4.739  1.00 70.31 ? 134 ASN A C   1 
ATOM   1019 O  O   . ASN A 1 134 ? -5.982  -15.464 -4.960  1.00 70.29 ? 134 ASN A O   1 
ATOM   1020 C  CB  . ASN A 1 134 ? -4.337  -18.376 -3.782  1.00 70.63 ? 134 ASN A CB  1 
ATOM   1021 C  CG  . ASN A 1 134 ? -5.412  -19.263 -4.383  1.00 70.54 ? 134 ASN A CG  1 
ATOM   1022 O  OD1 . ASN A 1 134 ? -6.041  -18.907 -5.377  1.00 70.48 ? 134 ASN A OD1 1 
ATOM   1023 N  ND2 . ASN A 1 134 ? -5.627  -20.426 -3.778  1.00 70.54 ? 134 ASN A ND2 1 
ATOM   1024 N  N   . GLY A 1 135 ? -3.956  -16.257 -5.585  1.00 69.97 ? 135 GLY A N   1 
ATOM   1025 C  CA  . GLY A 1 135 ? -3.914  -15.527 -6.842  1.00 69.46 ? 135 GLY A CA  1 
ATOM   1026 C  C   . GLY A 1 135 ? -5.167  -15.512 -7.698  1.00 69.08 ? 135 GLY A C   1 
ATOM   1027 O  O   . GLY A 1 135 ? -5.458  -14.508 -8.345  1.00 69.10 ? 135 GLY A O   1 
ATOM   1028 N  N   . GLU A 1 136 ? -5.913  -16.609 -7.707  1.00 68.63 ? 136 GLU A N   1 
ATOM   1029 C  CA  . GLU A 1 136 ? -7.119  -16.696 -8.525  1.00 68.12 ? 136 GLU A CA  1 
ATOM   1030 C  C   . GLU A 1 136 ? -8.402  -16.369 -7.763  1.00 67.63 ? 136 GLU A C   1 
ATOM   1031 O  O   . GLU A 1 136 ? -9.412  -16.012 -8.365  1.00 67.55 ? 136 GLU A O   1 
ATOM   1032 C  CB  . GLU A 1 136 ? -7.240  -18.106 -9.128  1.00 68.30 ? 136 GLU A CB  1 
ATOM   1033 C  CG  . GLU A 1 136 ? -6.094  -18.520 -10.048 1.00 68.53 ? 136 GLU A CG  1 
ATOM   1034 C  CD  . GLU A 1 136 ? -6.070  -17.746 -11.359 1.00 68.67 ? 136 GLU A CD  1 
ATOM   1035 O  OE1 . GLU A 1 136 ? -7.119  -17.680 -12.034 1.00 68.78 ? 136 GLU A OE1 1 
ATOM   1036 O  OE2 . GLU A 1 136 ? -4.997  -17.217 -11.725 1.00 68.69 ? 136 GLU A OE2 1 
ATOM   1037 N  N   . HIS A 1 137 ? -8.367  -16.491 -6.443  1.00 67.06 ? 137 HIS A N   1 
ATOM   1038 C  CA  . HIS A 1 137 ? -9.557  -16.222 -5.650  1.00 66.47 ? 137 HIS A CA  1 
ATOM   1039 C  C   . HIS A 1 137 ? -9.259  -15.581 -4.290  1.00 66.04 ? 137 HIS A C   1 
ATOM   1040 O  O   . HIS A 1 137 ? -8.593  -16.182 -3.433  1.00 66.05 ? 137 HIS A O   1 
ATOM   1041 C  CB  . HIS A 1 137 ? -10.336 -17.530 -5.451  1.00 66.48 ? 137 HIS A CB  1 
ATOM   1042 C  CG  . HIS A 1 137 ? -11.638 -17.362 -4.727  1.00 66.42 ? 137 HIS A CG  1 
ATOM   1043 N  ND1 . HIS A 1 137 ? -12.707 -16.675 -5.264  1.00 66.38 ? 137 HIS A ND1 1 
ATOM   1044 C  CD2 . HIS A 1 137 ? -12.039 -17.785 -3.504  1.00 66.41 ? 137 HIS A CD2 1 
ATOM   1045 C  CE1 . HIS A 1 137 ? -13.709 -16.680 -4.402  1.00 66.41 ? 137 HIS A CE1 1 
ATOM   1046 N  NE2 . HIS A 1 137 ? -13.331 -17.346 -3.326  1.00 66.37 ? 137 HIS A NE2 1 
ATOM   1047 N  N   . GLY A 1 138 ? -9.746  -14.355 -4.108  1.00 65.50 ? 138 GLY A N   1 
ATOM   1048 C  CA  . GLY A 1 138 ? -9.569  -13.650 -2.847  1.00 64.81 ? 138 GLY A CA  1 
ATOM   1049 C  C   . GLY A 1 138 ? -8.257  -12.950 -2.532  1.00 64.28 ? 138 GLY A C   1 
ATOM   1050 O  O   . GLY A 1 138 ? -8.265  -11.941 -1.834  1.00 64.28 ? 138 GLY A O   1 
ATOM   1051 N  N   . ALA A 1 139 ? -7.132  -13.460 -3.022  1.00 63.78 ? 139 ALA A N   1 
ATOM   1052 C  CA  . ALA A 1 139 ? -5.848  -12.831 -2.725  1.00 63.28 ? 139 ALA A CA  1 
ATOM   1053 C  C   . ALA A 1 139 ? -5.032  -12.438 -3.951  1.00 62.91 ? 139 ALA A C   1 
ATOM   1054 O  O   . ALA A 1 139 ? -3.809  -12.521 -3.940  1.00 62.80 ? 139 ALA A O   1 
ATOM   1055 C  CB  . ALA A 1 139 ? -5.024  -13.742 -1.825  1.00 63.24 ? 139 ALA A CB  1 
ATOM   1056 N  N   . ARG A 1 140 ? -5.711  -11.990 -4.999  1.00 62.65 ? 140 ARG A N   1 
ATOM   1057 C  CA  . ARG A 1 140 ? -5.030  -11.575 -6.223  1.00 62.41 ? 140 ARG A CA  1 
ATOM   1058 C  C   . ARG A 1 140 ? -4.047  -10.426 -5.971  1.00 62.24 ? 140 ARG A C   1 
ATOM   1059 O  O   . ARG A 1 140 ? -2.912  -10.451 -6.461  1.00 62.11 ? 140 ARG A O   1 
ATOM   1060 C  CB  . ARG A 1 140 ? -6.050  -11.125 -7.275  1.00 62.42 ? 140 ARG A CB  1 
ATOM   1061 C  CG  . ARG A 1 140 ? -7.118  -12.158 -7.611  1.00 62.50 ? 140 ARG A CG  1 
ATOM   1062 C  CD  . ARG A 1 140 ? -8.190  -11.533 -8.477  1.00 62.49 ? 140 ARG A CD  1 
ATOM   1063 N  NE  . ARG A 1 140 ? -9.416  -12.327 -8.557  1.00 62.49 ? 140 ARG A NE  1 
ATOM   1064 C  CZ  . ARG A 1 140 ? -9.641  -13.275 -9.461  1.00 62.50 ? 140 ARG A CZ  1 
ATOM   1065 N  NH1 . ARG A 1 140 ? -8.714  -13.560 -10.372 1.00 62.41 ? 140 ARG A NH1 1 
ATOM   1066 N  NH2 . ARG A 1 140 ? -10.806 -13.916 -9.477  1.00 62.40 ? 140 ARG A NH2 1 
ATOM   1067 N  N   . HIS A 1 141 ? -4.481  -9.429  -5.197  1.00 61.98 ? 141 HIS A N   1 
ATOM   1068 C  CA  . HIS A 1 141 ? -3.644  -8.263  -4.931  1.00 61.77 ? 141 HIS A CA  1 
ATOM   1069 C  C   . HIS A 1 141 ? -2.462  -8.493  -4.001  1.00 61.58 ? 141 HIS A C   1 
ATOM   1070 O  O   . HIS A 1 141 ? -1.574  -7.647  -3.914  1.00 61.55 ? 141 HIS A O   1 
ATOM   1071 C  CB  . HIS A 1 141 ? -4.497  -7.078  -4.423  1.00 61.72 ? 141 HIS A CB  1 
ATOM   1072 C  CG  . HIS A 1 141 ? -4.916  -7.181  -2.986  1.00 61.73 ? 141 HIS A CG  1 
ATOM   1073 N  ND1 . HIS A 1 141 ? -5.945  -7.995  -2.561  1.00 61.77 ? 141 HIS A ND1 1 
ATOM   1074 C  CD2 . HIS A 1 141 ? -4.445  -6.562  -1.876  1.00 61.72 ? 141 HIS A CD2 1 
ATOM   1075 C  CE1 . HIS A 1 141 ? -6.090  -7.873  -1.253  1.00 61.72 ? 141 HIS A CE1 1 
ATOM   1076 N  NE2 . HIS A 1 141 ? -5.192  -7.010  -0.812  1.00 61.73 ? 141 HIS A NE2 1 
ATOM   1077 N  N   . LEU A 1 142 ? -2.436  -9.632  -3.317  1.00 61.48 ? 142 LEU A N   1 
ATOM   1078 C  CA  . LEU A 1 142 ? -1.332  -9.938  -2.407  1.00 61.40 ? 142 LEU A CA  1 
ATOM   1079 C  C   . LEU A 1 142 ? -0.353  -10.912 -3.061  1.00 61.42 ? 142 LEU A C   1 
ATOM   1080 O  O   . LEU A 1 142 ? 0.752   -11.130 -2.563  1.00 61.38 ? 142 LEU A O   1 
ATOM   1081 C  CB  . LEU A 1 142 ? -1.870  -10.530 -1.099  1.00 61.29 ? 142 LEU A CB  1 
ATOM   1082 C  CG  . LEU A 1 142 ? -2.854  -9.642  -0.325  1.00 61.20 ? 142 LEU A CG  1 
ATOM   1083 C  CD1 . LEU A 1 142 ? -3.495  -10.441 0.786   1.00 61.20 ? 142 LEU A CD1 1 
ATOM   1084 C  CD2 . LEU A 1 142 ? -2.134  -8.431  0.239   1.00 61.10 ? 142 LEU A CD2 1 
ATOM   1085 N  N   . ALA A 1 143 ? -0.766  -11.491 -4.184  1.00 61.47 ? 143 ALA A N   1 
ATOM   1086 C  CA  . ALA A 1 143 ? 0.075   -12.432 -4.916  1.00 61.54 ? 143 ALA A CA  1 
ATOM   1087 C  C   . ALA A 1 143 ? 1.367   -11.732 -5.310  1.00 61.52 ? 143 ALA A C   1 
ATOM   1088 O  O   . ALA A 1 143 ? 1.381   -10.526 -5.525  1.00 61.55 ? 143 ALA A O   1 
ATOM   1089 C  CB  . ALA A 1 143 ? -0.653  -12.926 -6.164  1.00 61.46 ? 143 ALA A CB  1 
ATOM   1090 N  N   . PRO A 1 144 ? 2.474   -12.481 -5.397  1.00 61.55 ? 144 PRO A N   1 
ATOM   1091 C  CA  . PRO A 1 144 ? 3.755   -11.881 -5.774  1.00 61.55 ? 144 PRO A CA  1 
ATOM   1092 C  C   . PRO A 1 144 ? 3.790   -11.574 -7.267  1.00 61.64 ? 144 PRO A C   1 
ATOM   1093 O  O   . PRO A 1 144 ? 3.129   -12.240 -8.063  1.00 61.63 ? 144 PRO A O   1 
ATOM   1094 C  CB  . PRO A 1 144 ? 4.758   -12.953 -5.383  1.00 61.51 ? 144 PRO A CB  1 
ATOM   1095 C  CG  . PRO A 1 144 ? 4.008   -14.199 -5.688  1.00 61.46 ? 144 PRO A CG  1 
ATOM   1096 C  CD  . PRO A 1 144 ? 2.634   -13.917 -5.112  1.00 61.53 ? 144 PRO A CD  1 
ATOM   1097 N  N   . HIS A 1 145 ? 4.552   -10.555 -7.642  1.00 61.78 ? 145 HIS A N   1 
ATOM   1098 C  CA  . HIS A 1 145 ? 4.666   -10.175 -9.045  1.00 61.88 ? 145 HIS A CA  1 
ATOM   1099 C  C   . HIS A 1 145 ? 5.272   -11.330 -9.839  1.00 61.97 ? 145 HIS A C   1 
ATOM   1100 O  O   . HIS A 1 145 ? 6.194   -11.999 -9.368  1.00 62.03 ? 145 HIS A O   1 
ATOM   1101 C  CB  . HIS A 1 145 ? 5.543   -8.930  -9.182  1.00 61.84 ? 145 HIS A CB  1 
ATOM   1102 C  CG  . HIS A 1 145 ? 5.721   -8.479  -10.596 1.00 61.96 ? 145 HIS A CG  1 
ATOM   1103 N  ND1 . HIS A 1 145 ? 6.476   -9.181  -11.511 1.00 61.97 ? 145 HIS A ND1 1 
ATOM   1104 C  CD2 . HIS A 1 145 ? 5.195   -7.428  -11.268 1.00 61.95 ? 145 HIS A CD2 1 
ATOM   1105 C  CE1 . HIS A 1 145 ? 6.406   -8.583  -12.686 1.00 61.98 ? 145 HIS A CE1 1 
ATOM   1106 N  NE2 . HIS A 1 145 ? 5.635   -7.516  -12.566 1.00 61.99 ? 145 HIS A NE2 1 
ATOM   1107 N  N   . PRO A 1 146 ? 4.760   -11.581 -11.056 1.00 61.97 ? 146 PRO A N   1 
ATOM   1108 C  CA  . PRO A 1 146 ? 5.264   -12.668 -11.903 1.00 62.01 ? 146 PRO A CA  1 
ATOM   1109 C  C   . PRO A 1 146 ? 6.791   -12.719 -12.045 1.00 62.01 ? 146 PRO A C   1 
ATOM   1110 O  O   . PRO A 1 146 ? 7.369   -13.790 -12.209 1.00 62.07 ? 146 PRO A O   1 
ATOM   1111 C  CB  . PRO A 1 146 ? 4.559   -12.412 -13.231 1.00 61.96 ? 146 PRO A CB  1 
ATOM   1112 C  CG  . PRO A 1 146 ? 3.234   -11.900 -12.787 1.00 61.94 ? 146 PRO A CG  1 
ATOM   1113 C  CD  . PRO A 1 146 ? 3.616   -10.913 -11.698 1.00 61.93 ? 146 PRO A CD  1 
ATOM   1114 N  N   . ASP A 1 147 ? 7.444   -11.568 -11.964 1.00 61.94 ? 147 ASP A N   1 
ATOM   1115 C  CA  . ASP A 1 147 ? 8.893   -11.531 -12.094 1.00 61.91 ? 147 ASP A CA  1 
ATOM   1116 C  C   . ASP A 1 147 ? 9.594   -11.668 -10.746 1.00 61.83 ? 147 ASP A C   1 
ATOM   1117 O  O   . ASP A 1 147 ? 10.797  -11.416 -10.647 1.00 61.85 ? 147 ASP A O   1 
ATOM   1118 C  CB  . ASP A 1 147 ? 9.330   -10.225 -12.764 1.00 62.07 ? 147 ASP A CB  1 
ATOM   1119 C  CG  . ASP A 1 147 ? 8.725   -10.045 -14.153 1.00 62.28 ? 147 ASP A CG  1 
ATOM   1120 O  OD1 . ASP A 1 147 ? 8.999   -9.000  -14.787 1.00 62.36 ? 147 ASP A OD1 1 
ATOM   1121 O  OD2 . ASP A 1 147 ? 7.978   -10.941 -14.614 1.00 62.42 ? 147 ASP A OD2 1 
ATOM   1122 N  N   . GLY A 1 148 ? 8.846   -12.069 -9.718  1.00 61.71 ? 148 GLY A N   1 
ATOM   1123 C  CA  . GLY A 1 148 ? 9.419   -12.217 -8.386  1.00 61.48 ? 148 GLY A CA  1 
ATOM   1124 C  C   . GLY A 1 148 ? 9.447   -10.904 -7.610  1.00 61.32 ? 148 GLY A C   1 
ATOM   1125 O  O   . GLY A 1 148 ? 9.976   -9.900  -8.101  1.00 61.29 ? 148 GLY A O   1 
ATOM   1126 N  N   . ARG A 1 149 ? 8.881   -10.905 -6.402  1.00 61.09 ? 149 ARG A N   1 
ATOM   1127 C  CA  . ARG A 1 149 ? 8.837   -9.699  -5.564  1.00 60.86 ? 149 ARG A CA  1 
ATOM   1128 C  C   . ARG A 1 149 ? 10.158  -8.931  -5.508  1.00 60.72 ? 149 ARG A C   1 
ATOM   1129 O  O   . ARG A 1 149 ? 10.200  -7.729  -5.788  1.00 60.65 ? 149 ARG A O   1 
ATOM   1130 C  CB  . ARG A 1 149 ? 8.419   -10.043 -4.123  1.00 60.81 ? 149 ARG A CB  1 
ATOM   1131 C  CG  . ARG A 1 149 ? 6.983   -10.545 -3.941  1.00 60.66 ? 149 ARG A CG  1 
ATOM   1132 C  CD  . ARG A 1 149 ? 6.665   -10.721 -2.450  1.00 60.53 ? 149 ARG A CD  1 
ATOM   1133 N  NE  . ARG A 1 149 ? 5.493   -11.564 -2.217  1.00 60.51 ? 149 ARG A NE  1 
ATOM   1134 C  CZ  . ARG A 1 149 ? 4.231   -11.176 -2.365  1.00 60.40 ? 149 ARG A CZ  1 
ATOM   1135 N  NH1 . ARG A 1 149 ? 3.952   -9.937  -2.745  1.00 60.53 ? 149 ARG A NH1 1 
ATOM   1136 N  NH2 . ARG A 1 149 ? 3.246   -12.035 -2.143  1.00 60.26 ? 149 ARG A NH2 1 
ATOM   1137 N  N   . GLY A 1 150 ? 11.229  -9.630  -5.140  1.00 60.58 ? 150 GLY A N   1 
ATOM   1138 C  CA  . GLY A 1 150 ? 12.530  -8.993  -5.023  1.00 60.56 ? 150 GLY A CA  1 
ATOM   1139 C  C   . GLY A 1 150 ? 13.060  -8.348  -6.291  1.00 60.54 ? 150 GLY A C   1 
ATOM   1140 O  O   . GLY A 1 150 ? 13.533  -7.211  -6.274  1.00 60.54 ? 150 GLY A O   1 
ATOM   1141 N  N   . LYS A 1 151 ? 12.990  -9.078  -7.395  1.00 60.49 ? 151 LYS A N   1 
ATOM   1142 C  CA  . LYS A 1 151 ? 13.475  -8.562  -8.663  1.00 60.49 ? 151 LYS A CA  1 
ATOM   1143 C  C   . LYS A 1 151 ? 12.648  -7.342  -9.049  1.00 60.36 ? 151 LYS A C   1 
ATOM   1144 O  O   . LYS A 1 151 ? 13.167  -6.227  -9.191  1.00 60.40 ? 151 LYS A O   1 
ATOM   1145 C  CB  . LYS A 1 151 ? 13.350  -9.641  -9.739  1.00 60.74 ? 151 LYS A CB  1 
ATOM   1146 C  CG  . LYS A 1 151 ? 14.042  -10.961 -9.394  1.00 60.97 ? 151 LYS A CG  1 
ATOM   1147 C  CD  . LYS A 1 151 ? 15.537  -10.789 -9.175  1.00 61.17 ? 151 LYS A CD  1 
ATOM   1148 C  CE  . LYS A 1 151 ? 16.207  -12.142 -8.957  1.00 61.37 ? 151 LYS A CE  1 
ATOM   1149 N  NZ  . LYS A 1 151 ? 17.660  -12.020 -8.629  1.00 61.57 ? 151 LYS A NZ  1 
ATOM   1150 N  N   . HIS A 1 152 ? 11.349  -7.567  -9.196  1.00 60.14 ? 152 HIS A N   1 
ATOM   1151 C  CA  . HIS A 1 152 ? 10.423  -6.513  -9.563  1.00 59.95 ? 152 HIS A CA  1 
ATOM   1152 C  C   . HIS A 1 152 ? 10.596  -5.257  -8.708  1.00 59.69 ? 152 HIS A C   1 
ATOM   1153 O  O   . HIS A 1 152 ? 10.485  -4.142  -9.211  1.00 59.66 ? 152 HIS A O   1 
ATOM   1154 C  CB  . HIS A 1 152 ? 8.992   -7.033  -9.452  1.00 60.04 ? 152 HIS A CB  1 
ATOM   1155 C  CG  . HIS A 1 152 ? 7.953   -5.965  -9.569  1.00 60.18 ? 152 HIS A CG  1 
ATOM   1156 N  ND1 . HIS A 1 152 ? 7.856   -5.140  -10.666 1.00 60.25 ? 152 HIS A ND1 1 
ATOM   1157 C  CD2 . HIS A 1 152 ? 6.964   -5.587  -8.723  1.00 60.25 ? 152 HIS A CD2 1 
ATOM   1158 C  CE1 . HIS A 1 152 ? 6.852   -4.299  -10.494 1.00 60.29 ? 152 HIS A CE1 1 
ATOM   1159 N  NE2 . HIS A 1 152 ? 6.295   -4.549  -9.323  1.00 60.34 ? 152 HIS A NE2 1 
ATOM   1160 N  N   . TRP A 1 153 ? 10.869  -5.436  -7.420  1.00 59.41 ? 153 TRP A N   1 
ATOM   1161 C  CA  . TRP A 1 153 ? 11.044  -4.291  -6.536  1.00 59.17 ? 153 TRP A CA  1 
ATOM   1162 C  C   . TRP A 1 153 ? 12.365  -3.585  -6.796  1.00 59.13 ? 153 TRP A C   1 
ATOM   1163 O  O   . TRP A 1 153 ? 12.427  -2.357  -6.832  1.00 59.05 ? 153 TRP A O   1 
ATOM   1164 C  CB  . TRP A 1 153 ? 10.966  -4.718  -5.072  1.00 58.86 ? 153 TRP A CB  1 
ATOM   1165 C  CG  . TRP A 1 153 ? 11.405  -3.647  -4.129  1.00 58.54 ? 153 TRP A CG  1 
ATOM   1166 C  CD1 . TRP A 1 153 ? 12.566  -3.615  -3.416  1.00 58.49 ? 153 TRP A CD1 1 
ATOM   1167 C  CD2 . TRP A 1 153 ? 10.695  -2.445  -3.794  1.00 58.45 ? 153 TRP A CD2 1 
ATOM   1168 N  NE1 . TRP A 1 153 ? 12.626  -2.475  -2.654  1.00 58.43 ? 153 TRP A NE1 1 
ATOM   1169 C  CE2 . TRP A 1 153 ? 11.490  -1.737  -2.865  1.00 58.45 ? 153 TRP A CE2 1 
ATOM   1170 C  CE3 . TRP A 1 153 ? 9.466   -1.899  -4.187  1.00 58.28 ? 153 TRP A CE3 1 
ATOM   1171 C  CZ2 . TRP A 1 153 ? 11.093  -0.505  -2.322  1.00 58.39 ? 153 TRP A CZ2 1 
ATOM   1172 C  CZ3 . TRP A 1 153 ? 9.072   -0.677  -3.646  1.00 58.25 ? 153 TRP A CZ3 1 
ATOM   1173 C  CH2 . TRP A 1 153 ? 9.884   0.005   -2.722  1.00 58.26 ? 153 TRP A CH2 1 
ATOM   1174 N  N   . ARG A 1 154 ? 13.425  -4.364  -6.975  1.00 59.15 ? 154 ARG A N   1 
ATOM   1175 C  CA  . ARG A 1 154 ? 14.732  -3.781  -7.243  1.00 59.11 ? 154 ARG A CA  1 
ATOM   1176 C  C   . ARG A 1 154 ? 14.641  -2.978  -8.535  1.00 58.89 ? 154 ARG A C   1 
ATOM   1177 O  O   . ARG A 1 154 ? 15.206  -1.889  -8.646  1.00 58.82 ? 154 ARG A O   1 
ATOM   1178 C  CB  . ARG A 1 154 ? 15.771  -4.892  -7.372  1.00 59.41 ? 154 ARG A CB  1 
ATOM   1179 C  CG  . ARG A 1 154 ? 15.897  -5.715  -6.104  1.00 59.77 ? 154 ARG A CG  1 
ATOM   1180 C  CD  . ARG A 1 154 ? 16.529  -7.069  -6.362  1.00 60.05 ? 154 ARG A CD  1 
ATOM   1181 N  NE  . ARG A 1 154 ? 16.288  -7.969  -5.238  1.00 60.33 ? 154 ARG A NE  1 
ATOM   1182 C  CZ  . ARG A 1 154 ? 16.261  -9.296  -5.335  1.00 60.51 ? 154 ARG A CZ  1 
ATOM   1183 N  NH1 . ARG A 1 154 ? 16.461  -9.882  -6.512  1.00 60.63 ? 154 ARG A NH1 1 
ATOM   1184 N  NH2 . ARG A 1 154 ? 16.021  -10.037 -4.256  1.00 60.62 ? 154 ARG A NH2 1 
ATOM   1185 N  N   . ALA A 1 155 ? 13.908  -3.517  -9.505  1.00 58.68 ? 155 ALA A N   1 
ATOM   1186 C  CA  . ALA A 1 155 ? 13.733  -2.845  -10.787 1.00 58.58 ? 155 ALA A CA  1 
ATOM   1187 C  C   . ALA A 1 155 ? 12.996  -1.529  -10.563 1.00 58.54 ? 155 ALA A C   1 
ATOM   1188 O  O   . ALA A 1 155 ? 13.348  -0.505  -11.145 1.00 58.46 ? 155 ALA A O   1 
ATOM   1189 C  CB  . ALA A 1 155 ? 12.949  -3.736  -11.748 1.00 58.53 ? 155 ALA A CB  1 
ATOM   1190 N  N   . PHE A 1 156 ? 11.976  -1.568  -9.708  1.00 58.49 ? 156 PHE A N   1 
ATOM   1191 C  CA  . PHE A 1 156 ? 11.192  -0.381  -9.384  1.00 58.46 ? 156 PHE A CA  1 
ATOM   1192 C  C   . PHE A 1 156 ? 12.088  0.673   -8.726  1.00 58.54 ? 156 PHE A C   1 
ATOM   1193 O  O   . PHE A 1 156 ? 12.073  1.847   -9.100  1.00 58.48 ? 156 PHE A O   1 
ATOM   1194 C  CB  . PHE A 1 156 ? 10.053  -0.746  -8.424  1.00 58.24 ? 156 PHE A CB  1 
ATOM   1195 C  CG  . PHE A 1 156 ? 9.138   0.397   -8.121  1.00 58.06 ? 156 PHE A CG  1 
ATOM   1196 C  CD1 . PHE A 1 156 ? 8.109   0.732   -8.999  1.00 57.97 ? 156 PHE A CD1 1 
ATOM   1197 C  CD2 . PHE A 1 156 ? 9.331   1.178   -6.986  1.00 57.98 ? 156 PHE A CD2 1 
ATOM   1198 C  CE1 . PHE A 1 156 ? 7.288   1.835   -8.753  1.00 57.87 ? 156 PHE A CE1 1 
ATOM   1199 C  CE2 . PHE A 1 156 ? 8.514   2.286   -6.731  1.00 57.95 ? 156 PHE A CE2 1 
ATOM   1200 C  CZ  . PHE A 1 156 ? 7.493   2.614   -7.616  1.00 57.82 ? 156 PHE A CZ  1 
ATOM   1201 N  N   . VAL A 1 157 ? 12.860  0.240   -7.735  1.00 58.75 ? 157 VAL A N   1 
ATOM   1202 C  CA  . VAL A 1 157 ? 13.768  1.124   -7.013  1.00 59.09 ? 157 VAL A CA  1 
ATOM   1203 C  C   . VAL A 1 157 ? 14.705  1.850   -7.972  1.00 59.37 ? 157 VAL A C   1 
ATOM   1204 O  O   . VAL A 1 157 ? 15.048  3.012   -7.759  1.00 59.39 ? 157 VAL A O   1 
ATOM   1205 C  CB  . VAL A 1 157 ? 14.620  0.334   -5.996  1.00 59.08 ? 157 VAL A CB  1 
ATOM   1206 C  CG1 . VAL A 1 157 ? 15.668  1.243   -5.369  1.00 58.98 ? 157 VAL A CG1 1 
ATOM   1207 C  CG2 . VAL A 1 157 ? 13.722  -0.257  -4.925  1.00 58.97 ? 157 VAL A CG2 1 
ATOM   1208 N  N   . GLU A 1 158 ? 15.115  1.154   -9.027  1.00 59.70 ? 158 GLU A N   1 
ATOM   1209 C  CA  . GLU A 1 158 ? 16.000  1.734   -10.025 1.00 60.06 ? 158 GLU A CA  1 
ATOM   1210 C  C   . GLU A 1 158 ? 15.440  3.049   -10.545 1.00 60.19 ? 158 GLU A C   1 
ATOM   1211 O  O   . GLU A 1 158 ? 16.103  4.092   -10.498 1.00 60.20 ? 158 GLU A O   1 
ATOM   1212 C  CB  . GLU A 1 158 ? 16.187  0.761   -11.190 1.00 60.18 ? 158 GLU A CB  1 
ATOM   1213 C  CG  . GLU A 1 158 ? 17.225  -0.310  -10.934 1.00 60.43 ? 158 GLU A CG  1 
ATOM   1214 C  CD  . GLU A 1 158 ? 18.572  0.289   -10.570 1.00 60.64 ? 158 GLU A CD  1 
ATOM   1215 O  OE1 . GLU A 1 158 ? 18.915  1.346   -11.148 1.00 60.70 ? 158 GLU A OE1 1 
ATOM   1216 O  OE2 . GLU A 1 158 ? 19.286  -0.295  -9.720  1.00 60.71 ? 158 GLU A OE2 1 
ATOM   1217 N  N   . HIS A 1 159 ? 14.207  2.993   -11.034 1.00 60.38 ? 159 HIS A N   1 
ATOM   1218 C  CA  . HIS A 1 159 ? 13.557  4.174   -11.577 1.00 60.58 ? 159 HIS A CA  1 
ATOM   1219 C  C   . HIS A 1 159 ? 13.287  5.252   -10.530 1.00 60.77 ? 159 HIS A C   1 
ATOM   1220 O  O   . HIS A 1 159 ? 13.342  6.442   -10.842 1.00 60.74 ? 159 HIS A O   1 
ATOM   1221 C  CB  . HIS A 1 159 ? 12.263  3.770   -12.281 1.00 60.47 ? 159 HIS A CB  1 
ATOM   1222 C  CG  . HIS A 1 159 ? 12.469  2.793   -13.397 1.00 60.41 ? 159 HIS A CG  1 
ATOM   1223 N  ND1 . HIS A 1 159 ? 12.167  1.454   -13.280 1.00 60.38 ? 159 HIS A ND1 1 
ATOM   1224 C  CD2 . HIS A 1 159 ? 12.975  2.959   -14.643 1.00 60.39 ? 159 HIS A CD2 1 
ATOM   1225 C  CE1 . HIS A 1 159 ? 12.479  0.834   -14.405 1.00 60.39 ? 159 HIS A CE1 1 
ATOM   1226 N  NE2 . HIS A 1 159 ? 12.970  1.725   -15.248 1.00 60.34 ? 159 HIS A NE2 1 
ATOM   1227 N  N   . LEU A 1 160 ? 13.003  4.844   -9.293  1.00 61.03 ? 160 LEU A N   1 
ATOM   1228 C  CA  . LEU A 1 160 ? 12.743  5.811   -8.226  1.00 61.34 ? 160 LEU A CA  1 
ATOM   1229 C  C   . LEU A 1 160 ? 13.969  6.669   -8.015  1.00 61.63 ? 160 LEU A C   1 
ATOM   1230 O  O   . LEU A 1 160 ? 13.880  7.891   -7.930  1.00 61.61 ? 160 LEU A O   1 
ATOM   1231 C  CB  . LEU A 1 160 ? 12.411  5.110   -6.909  1.00 61.18 ? 160 LEU A CB  1 
ATOM   1232 C  CG  . LEU A 1 160 ? 10.953  4.796   -6.588  1.00 61.15 ? 160 LEU A CG  1 
ATOM   1233 C  CD1 . LEU A 1 160 ? 10.889  4.154   -5.209  1.00 61.09 ? 160 LEU A CD1 1 
ATOM   1234 C  CD2 . LEU A 1 160 ? 10.113  6.072   -6.620  1.00 61.09 ? 160 LEU A CD2 1 
ATOM   1235 N  N   . ASN A 1 161 ? 15.111  5.999   -7.913  1.00 62.10 ? 161 ASN A N   1 
ATOM   1236 C  CA  . ASN A 1 161 ? 16.399  6.649   -7.717  1.00 62.59 ? 161 ASN A CA  1 
ATOM   1237 C  C   . ASN A 1 161 ? 16.768  7.495   -8.930  1.00 62.94 ? 161 ASN A C   1 
ATOM   1238 O  O   . ASN A 1 161 ? 17.291  8.602   -8.793  1.00 63.03 ? 161 ASN A O   1 
ATOM   1239 C  CB  . ASN A 1 161 ? 17.474  5.585   -7.473  1.00 62.53 ? 161 ASN A CB  1 
ATOM   1240 C  CG  . ASN A 1 161 ? 17.335  4.915   -6.116  1.00 62.51 ? 161 ASN A CG  1 
ATOM   1241 O  OD1 . ASN A 1 161 ? 17.856  3.823   -5.891  1.00 62.47 ? 161 ASN A OD1 1 
ATOM   1242 N  ND2 . ASN A 1 161 ? 16.642  5.577   -5.199  1.00 62.53 ? 161 ASN A ND2 1 
ATOM   1243 N  N   . ALA A 1 162 ? 16.475  6.968   -10.114 1.00 63.38 ? 162 ALA A N   1 
ATOM   1244 C  CA  . ALA A 1 162 ? 16.778  7.656   -11.362 1.00 63.85 ? 162 ALA A CA  1 
ATOM   1245 C  C   . ALA A 1 162 ? 16.053  8.996   -11.481 1.00 64.19 ? 162 ALA A C   1 
ATOM   1246 O  O   . ALA A 1 162 ? 16.510  9.896   -12.182 1.00 64.29 ? 162 ALA A O   1 
ATOM   1247 C  CB  . ALA A 1 162 ? 16.425  6.755   -12.547 1.00 63.74 ? 162 ALA A CB  1 
ATOM   1248 N  N   . LEU A 1 163 ? 14.920  9.130   -10.804 1.00 64.61 ? 163 LEU A N   1 
ATOM   1249 C  CA  . LEU A 1 163 ? 14.173  10.380  -10.862 1.00 65.04 ? 163 LEU A CA  1 
ATOM   1250 C  C   . LEU A 1 163 ? 15.082  11.557  -10.501 1.00 65.35 ? 163 LEU A C   1 
ATOM   1251 O  O   . LEU A 1 163 ? 15.020  12.620  -11.124 1.00 65.35 ? 163 LEU A O   1 
ATOM   1252 C  CB  . LEU A 1 163 ? 12.983  10.338  -9.897  1.00 65.04 ? 163 LEU A CB  1 
ATOM   1253 C  CG  . LEU A 1 163 ? 11.921  9.264   -10.157 1.00 65.04 ? 163 LEU A CG  1 
ATOM   1254 C  CD1 . LEU A 1 163 ? 10.832  9.374   -9.106  1.00 64.95 ? 163 LEU A CD1 1 
ATOM   1255 C  CD2 . LEU A 1 163 ? 11.338  9.428   -11.553 1.00 65.00 ? 163 LEU A CD2 1 
ATOM   1256 N  N   . ASN A 1 164 ? 15.935  11.347  -9.501  1.00 65.71 ? 164 ASN A N   1 
ATOM   1257 C  CA  . ASN A 1 164 ? 16.852  12.384  -9.033  1.00 66.12 ? 164 ASN A CA  1 
ATOM   1258 C  C   . ASN A 1 164 ? 16.195  13.757  -9.141  1.00 66.26 ? 164 ASN A C   1 
ATOM   1259 O  O   . ASN A 1 164 ? 16.433  14.503  -10.095 1.00 66.39 ? 164 ASN A O   1 
ATOM   1260 C  CB  . ASN A 1 164 ? 18.151  12.377  -9.848  1.00 66.42 ? 164 ASN A CB  1 
ATOM   1261 C  CG  . ASN A 1 164 ? 18.876  11.039  -9.795  1.00 66.68 ? 164 ASN A CG  1 
ATOM   1262 O  OD1 . ASN A 1 164 ? 19.114  10.485  -8.714  1.00 66.97 ? 164 ASN A OD1 1 
ATOM   1263 N  ND2 . ASN A 1 164 ? 19.240  10.518  -10.964 1.00 66.72 ? 164 ASN A ND2 1 
ATOM   1264 N  N   . LEU A 1 165 ? 15.344  14.076  -8.174  1.00 66.29 ? 165 LEU A N   1 
ATOM   1265 C  CA  . LEU A 1 165 ? 14.670  15.363  -8.157  1.00 66.28 ? 165 LEU A CA  1 
ATOM   1266 C  C   . LEU A 1 165 ? 15.538  16.245  -7.277  1.00 66.30 ? 165 LEU A C   1 
ATOM   1267 O  O   . LEU A 1 165 ? 16.597  15.811  -6.825  1.00 66.30 ? 165 LEU A O   1 
ATOM   1268 C  CB  . LEU A 1 165 ? 13.276  15.227  -7.539  1.00 66.33 ? 165 LEU A CB  1 
ATOM   1269 C  CG  . LEU A 1 165 ? 12.390  14.052  -7.958  1.00 66.26 ? 165 LEU A CG  1 
ATOM   1270 C  CD1 . LEU A 1 165 ? 12.804  12.790  -7.214  1.00 66.33 ? 165 LEU A CD1 1 
ATOM   1271 C  CD2 . LEU A 1 165 ? 10.951  14.386  -7.644  1.00 66.27 ? 165 LEU A CD2 1 
ATOM   1272 N  N   . THR A 1 166 ? 15.103  17.473  -7.025  1.00 66.27 ? 166 THR A N   1 
ATOM   1273 C  CA  . THR A 1 166 ? 15.884  18.358  -6.169  1.00 66.32 ? 166 THR A CA  1 
ATOM   1274 C  C   . THR A 1 166 ? 15.801  17.784  -4.752  1.00 66.28 ? 166 THR A C   1 
ATOM   1275 O  O   . THR A 1 166 ? 14.806  17.154  -4.393  1.00 66.38 ? 166 THR A O   1 
ATOM   1276 C  CB  . THR A 1 166 ? 15.320  19.809  -6.166  1.00 66.37 ? 166 THR A CB  1 
ATOM   1277 O  OG1 . THR A 1 166 ? 14.283  19.926  -5.182  1.00 66.33 ? 166 THR A OG1 1 
ATOM   1278 C  CG2 . THR A 1 166 ? 14.739  20.163  -7.540  1.00 66.39 ? 166 THR A CG2 1 
ATOM   1279 N  N   . PRO A 1 167 ? 16.854  17.969  -3.939  1.00 66.14 ? 167 PRO A N   1 
ATOM   1280 C  CA  . PRO A 1 167 ? 16.848  17.454  -2.566  1.00 65.96 ? 167 PRO A CA  1 
ATOM   1281 C  C   . PRO A 1 167 ? 15.616  17.908  -1.781  1.00 65.69 ? 167 PRO A C   1 
ATOM   1282 O  O   . PRO A 1 167 ? 15.199  17.251  -0.828  1.00 65.73 ? 167 PRO A O   1 
ATOM   1283 C  CB  . PRO A 1 167 ? 18.145  18.016  -1.986  1.00 66.05 ? 167 PRO A CB  1 
ATOM   1284 C  CG  . PRO A 1 167 ? 19.060  17.975  -3.165  1.00 66.11 ? 167 PRO A CG  1 
ATOM   1285 C  CD  . PRO A 1 167 ? 18.176  18.527  -4.279  1.00 66.16 ? 167 PRO A CD  1 
ATOM   1286 N  N   . GLU A 1 168 ? 15.043  19.035  -2.184  1.00 65.38 ? 168 GLU A N   1 
ATOM   1287 C  CA  . GLU A 1 168 ? 13.860  19.571  -1.520  1.00 65.05 ? 168 GLU A CA  1 
ATOM   1288 C  C   . GLU A 1 168 ? 12.635  18.821  -2.027  1.00 64.62 ? 168 GLU A C   1 
ATOM   1289 O  O   . GLU A 1 168 ? 11.601  18.788  -1.364  1.00 64.67 ? 168 GLU A O   1 
ATOM   1290 C  CB  . GLU A 1 168 ? 13.700  21.065  -1.816  1.00 65.22 ? 168 GLU A CB  1 
ATOM   1291 C  CG  . GLU A 1 168 ? 14.959  21.887  -1.582  1.00 65.49 ? 168 GLU A CG  1 
ATOM   1292 C  CD  . GLU A 1 168 ? 16.032  21.618  -2.627  1.00 65.60 ? 168 GLU A CD  1 
ATOM   1293 O  OE1 . GLU A 1 168 ? 15.756  21.834  -3.830  1.00 65.68 ? 168 GLU A OE1 1 
ATOM   1294 O  OE2 . GLU A 1 168 ? 17.143  21.187  -2.246  1.00 65.61 ? 168 GLU A OE2 1 
ATOM   1295 N  N   . ALA A 1 169 ? 12.759  18.232  -3.211  1.00 64.05 ? 169 ALA A N   1 
ATOM   1296 C  CA  . ALA A 1 169 ? 11.668  17.463  -3.805  1.00 63.50 ? 169 ALA A CA  1 
ATOM   1297 C  C   . ALA A 1 169 ? 11.631  16.109  -3.108  1.00 63.04 ? 169 ALA A C   1 
ATOM   1298 O  O   . ALA A 1 169 ? 10.571  15.644  -2.683  1.00 63.03 ? 169 ALA A O   1 
ATOM   1299 C  CB  . ALA A 1 169 ? 11.897  17.279  -5.305  1.00 63.46 ? 169 ALA A CB  1 
ATOM   1300 N  N   . GLU A 1 170 ? 12.801  15.483  -2.989  1.00 62.48 ? 170 GLU A N   1 
ATOM   1301 C  CA  . GLU A 1 170 ? 12.909  14.197  -2.321  1.00 61.84 ? 170 GLU A CA  1 
ATOM   1302 C  C   . GLU A 1 170 ? 12.350  14.366  -0.913  1.00 61.31 ? 170 GLU A C   1 
ATOM   1303 O  O   . GLU A 1 170 ? 11.799  13.434  -0.327  1.00 61.25 ? 170 GLU A O   1 
ATOM   1304 C  CB  . GLU A 1 170 ? 14.372  13.745  -2.266  1.00 62.00 ? 170 GLU A CB  1 
ATOM   1305 C  CG  . GLU A 1 170 ? 14.862  13.086  -3.552  1.00 62.18 ? 170 GLU A CG  1 
ATOM   1306 C  CD  . GLU A 1 170 ? 16.257  12.487  -3.418  1.00 62.34 ? 170 GLU A CD  1 
ATOM   1307 O  OE1 . GLU A 1 170 ? 16.587  11.955  -2.335  1.00 62.35 ? 170 GLU A OE1 1 
ATOM   1308 O  OE2 . GLU A 1 170 ? 17.019  12.535  -4.408  1.00 62.38 ? 170 GLU A OE2 1 
ATOM   1309 N  N   . ALA A 1 171 ? 12.486  15.576  -0.387  1.00 60.56 ? 171 ALA A N   1 
ATOM   1310 C  CA  . ALA A 1 171 ? 11.992  15.884  0.940   1.00 59.77 ? 171 ALA A CA  1 
ATOM   1311 C  C   . ALA A 1 171 ? 10.469  15.807  0.960   1.00 59.21 ? 171 ALA A C   1 
ATOM   1312 O  O   . ALA A 1 171 ? 9.887   15.144  1.822   1.00 59.17 ? 171 ALA A O   1 
ATOM   1313 C  CB  . ALA A 1 171 ? 12.449  17.267  1.348   1.00 59.86 ? 171 ALA A CB  1 
ATOM   1314 N  N   . GLU A 1 172 ? 9.826   16.481  0.007   1.00 58.40 ? 172 GLU A N   1 
ATOM   1315 C  CA  . GLU A 1 172 ? 8.371   16.484  -0.056  1.00 57.58 ? 172 GLU A CA  1 
ATOM   1316 C  C   . GLU A 1 172 ? 7.830   15.077  -0.255  1.00 56.77 ? 172 GLU A C   1 
ATOM   1317 O  O   . GLU A 1 172 ? 6.741   14.751  0.230   1.00 56.69 ? 172 GLU A O   1 
ATOM   1318 C  CB  . GLU A 1 172 ? 7.876   17.383  -1.186  1.00 57.86 ? 172 GLU A CB  1 
ATOM   1319 C  CG  . GLU A 1 172 ? 8.404   18.800  -1.121  1.00 58.30 ? 172 GLU A CG  1 
ATOM   1320 C  CD  . GLU A 1 172 ? 7.484   19.800  -1.797  1.00 58.45 ? 172 GLU A CD  1 
ATOM   1321 O  OE1 . GLU A 1 172 ? 6.856   19.438  -2.818  1.00 58.49 ? 172 GLU A OE1 1 
ATOM   1322 O  OE2 . GLU A 1 172 ? 7.402   20.950  -1.307  1.00 58.64 ? 172 GLU A OE2 1 
ATOM   1323 N  N   . ALA A 1 173 ? 8.591   14.252  -0.971  1.00 55.69 ? 173 ALA A N   1 
ATOM   1324 C  CA  . ALA A 1 173 ? 8.183   12.882  -1.228  1.00 54.60 ? 173 ALA A CA  1 
ATOM   1325 C  C   . ALA A 1 173 ? 8.191   12.089  0.077   1.00 53.91 ? 173 ALA A C   1 
ATOM   1326 O  O   . ALA A 1 173 ? 7.282   11.302  0.335   1.00 53.80 ? 173 ALA A O   1 
ATOM   1327 C  CB  . ALA A 1 173 ? 9.110   12.241  -2.241  1.00 54.71 ? 173 ALA A CB  1 
ATOM   1328 N  N   . ILE A 1 174 ? 9.212   12.299  0.903   1.00 52.95 ? 174 ILE A N   1 
ATOM   1329 C  CA  . ILE A 1 174 ? 9.292   11.589  2.173   1.00 51.99 ? 174 ILE A CA  1 
ATOM   1330 C  C   . ILE A 1 174 ? 8.147   12.057  3.051   1.00 51.30 ? 174 ILE A C   1 
ATOM   1331 O  O   . ILE A 1 174 ? 7.617   11.294  3.863   1.00 51.08 ? 174 ILE A O   1 
ATOM   1332 C  CB  . ILE A 1 174 ? 10.632  11.850  2.901   1.00 52.00 ? 174 ILE A CB  1 
ATOM   1333 C  CG1 . ILE A 1 174 ? 11.774  11.195  2.127   1.00 51.99 ? 174 ILE A CG1 1 
ATOM   1334 C  CG2 . ILE A 1 174 ? 10.588  11.283  4.307   1.00 51.81 ? 174 ILE A CG2 1 
ATOM   1335 C  CD1 . ILE A 1 174 ? 13.144  11.422  2.750   1.00 52.01 ? 174 ILE A CD1 1 
ATOM   1336 N  N   . GLN A 1 175 ? 7.764   13.320  2.883   1.00 50.44 ? 175 GLN A N   1 
ATOM   1337 C  CA  . GLN A 1 175 ? 6.668   13.861  3.661   1.00 49.51 ? 175 GLN A CA  1 
ATOM   1338 C  C   . GLN A 1 175 ? 5.372   13.248  3.156   1.00 48.71 ? 175 GLN A C   1 
ATOM   1339 O  O   . GLN A 1 175 ? 4.437   13.018  3.931   1.00 48.68 ? 175 GLN A O   1 
ATOM   1340 C  CB  . GLN A 1 175 ? 6.608   15.378  3.531   1.00 49.87 ? 175 GLN A CB  1 
ATOM   1341 C  CG  . GLN A 1 175 ? 5.481   16.012  4.344   1.00 50.23 ? 175 GLN A CG  1 
ATOM   1342 C  CD  . GLN A 1 175 ? 5.420   15.464  5.769   1.00 50.62 ? 175 GLN A CD  1 
ATOM   1343 O  OE1 . GLN A 1 175 ? 6.459   15.146  6.373   1.00 50.82 ? 175 GLN A OE1 1 
ATOM   1344 N  NE2 . GLN A 1 175 ? 4.202   15.360  6.320   1.00 50.60 ? 175 GLN A NE2 1 
ATOM   1345 N  N   . GLY A 1 176 ? 5.326   12.981  1.852   1.00 47.70 ? 176 GLY A N   1 
ATOM   1346 C  CA  . GLY A 1 176 ? 4.145   12.380  1.263   1.00 46.55 ? 176 GLY A CA  1 
ATOM   1347 C  C   . GLY A 1 176 ? 4.020   10.913  1.649   1.00 45.76 ? 176 GLY A C   1 
ATOM   1348 O  O   . GLY A 1 176 ? 2.912   10.411  1.870   1.00 45.61 ? 176 GLY A O   1 
ATOM   1349 N  N   . ALA A 1 177 ? 5.151   10.214  1.730   1.00 44.91 ? 177 ALA A N   1 
ATOM   1350 C  CA  . ALA A 1 177 ? 5.128   8.808   2.098   1.00 44.18 ? 177 ALA A CA  1 
ATOM   1351 C  C   . ALA A 1 177 ? 4.638   8.681   3.537   1.00 43.70 ? 177 ALA A C   1 
ATOM   1352 O  O   . ALA A 1 177 ? 3.916   7.745   3.896   1.00 43.51 ? 177 ALA A O   1 
ATOM   1353 C  CB  . ALA A 1 177 ? 6.510   8.201   1.942   1.00 44.10 ? 177 ALA A CB  1 
ATOM   1354 N  N   . ARG A 1 178 ? 5.024   9.641   4.365   1.00 43.16 ? 178 ARG A N   1 
ATOM   1355 C  CA  . ARG A 1 178 ? 4.600   9.630   5.750   1.00 42.63 ? 178 ARG A CA  1 
ATOM   1356 C  C   . ARG A 1 178 ? 3.100   9.871   5.861   1.00 41.95 ? 178 ARG A C   1 
ATOM   1357 O  O   . ARG A 1 178 ? 2.434   9.259   6.687   1.00 41.77 ? 178 ARG A O   1 
ATOM   1358 C  CB  . ARG A 1 178 ? 5.382   10.675  6.534   1.00 43.02 ? 178 ARG A CB  1 
ATOM   1359 C  CG  . ARG A 1 178 ? 6.833   10.275  6.716   1.00 43.43 ? 178 ARG A CG  1 
ATOM   1360 C  CD  . ARG A 1 178 ? 7.563   11.268  7.593   1.00 44.05 ? 178 ARG A CD  1 
ATOM   1361 N  NE  . ARG A 1 178 ? 8.823   10.710  8.074   1.00 44.79 ? 178 ARG A NE  1 
ATOM   1362 C  CZ  . ARG A 1 178 ? 9.811   11.432  8.590   1.00 45.08 ? 178 ARG A CZ  1 
ATOM   1363 N  NH1 . ARG A 1 178 ? 9.694   12.750  8.692   1.00 45.33 ? 178 ARG A NH1 1 
ATOM   1364 N  NH2 . ARG A 1 178 ? 10.918  10.832  9.006   1.00 45.47 ? 178 ARG A NH2 1 
ATOM   1365 N  N   . GLU A 1 179 ? 2.571   10.753  5.017   1.00 41.36 ? 179 GLU A N   1 
ATOM   1366 C  CA  . GLU A 1 179 ? 1.145   11.043  5.018   1.00 40.56 ? 179 GLU A CA  1 
ATOM   1367 C  C   . GLU A 1 179 ? 0.365   9.885   4.386   1.00 39.67 ? 179 GLU A C   1 
ATOM   1368 O  O   . GLU A 1 179 ? -0.789  9.660   4.708   1.00 39.56 ? 179 GLU A O   1 
ATOM   1369 C  CB  . GLU A 1 179 ? 0.864   12.318  4.238   1.00 41.21 ? 179 GLU A CB  1 
ATOM   1370 C  CG  . GLU A 1 179 ? 1.680   13.516  4.663   1.00 42.01 ? 179 GLU A CG  1 
ATOM   1371 C  CD  . GLU A 1 179 ? 1.222   14.764  3.954   1.00 42.60 ? 179 GLU A CD  1 
ATOM   1372 O  OE1 . GLU A 1 179 ? 0.819   14.654  2.767   1.00 42.97 ? 179 GLU A OE1 1 
ATOM   1373 O  OE2 . GLU A 1 179 ? 1.268   15.848  4.575   1.00 43.12 ? 179 GLU A OE2 1 
ATOM   1374 N  N   . ALA A 1 180 ? 0.993   9.165   3.468   1.00 38.72 ? 180 ALA A N   1 
ATOM   1375 C  CA  . ALA A 1 180 ? 0.344   8.023   2.845   1.00 37.60 ? 180 ALA A CA  1 
ATOM   1376 C  C   . ALA A 1 180 ? 0.095   6.980   3.937   1.00 36.95 ? 180 ALA A C   1 
ATOM   1377 O  O   . ALA A 1 180 ? -0.986  6.377   4.004   1.00 36.64 ? 180 ALA A O   1 
ATOM   1378 C  CB  . ALA A 1 180 ? 1.235   7.444   1.761   1.00 37.49 ? 180 ALA A CB  1 
ATOM   1379 N  N   . PHE A 1 181 ? 1.095   6.777   4.797   1.00 36.18 ? 181 PHE A N   1 
ATOM   1380 C  CA  . PHE A 1 181 ? 0.983   5.806   5.882   1.00 35.55 ? 181 PHE A CA  1 
ATOM   1381 C  C   . PHE A 1 181 ? -0.049  6.224   6.918   1.00 35.23 ? 181 PHE A C   1 
ATOM   1382 O  O   . PHE A 1 181 ? -0.834  5.400   7.382   1.00 35.11 ? 181 PHE A O   1 
ATOM   1383 C  CB  . PHE A 1 181 ? 2.323   5.605   6.581   1.00 35.22 ? 181 PHE A CB  1 
ATOM   1384 C  CG  . PHE A 1 181 ? 3.227   4.628   5.897   1.00 34.80 ? 181 PHE A CG  1 
ATOM   1385 C  CD1 . PHE A 1 181 ? 4.458   5.038   5.383   1.00 34.72 ? 181 PHE A CD1 1 
ATOM   1386 C  CD2 . PHE A 1 181 ? 2.882   3.283   5.815   1.00 34.74 ? 181 PHE A CD2 1 
ATOM   1387 C  CE1 . PHE A 1 181 ? 5.335   4.120   4.804   1.00 34.41 ? 181 PHE A CE1 1 
ATOM   1388 C  CE2 . PHE A 1 181 ? 3.746   2.358   5.239   1.00 34.58 ? 181 PHE A CE2 1 
ATOM   1389 C  CZ  . PHE A 1 181 ? 4.980   2.780   4.734   1.00 34.50 ? 181 PHE A CZ  1 
ATOM   1390 N  N   . ALA A 1 182 ? -0.040  7.500   7.284   1.00 34.84 ? 182 ALA A N   1 
ATOM   1391 C  CA  . ALA A 1 182 ? -0.995  8.012   8.268   1.00 34.46 ? 182 ALA A CA  1 
ATOM   1392 C  C   . ALA A 1 182 ? -2.397  7.782   7.726   1.00 34.15 ? 182 ALA A C   1 
ATOM   1393 O  O   . ALA A 1 182 ? -3.271  7.264   8.425   1.00 34.20 ? 182 ALA A O   1 
ATOM   1394 C  CB  . ALA A 1 182 ? -0.768  9.526   8.509   1.00 34.55 ? 182 ALA A CB  1 
ATOM   1395 N  N   . PHE A 1 183 ? -2.609  8.179   6.475   1.00 33.49 ? 183 PHE A N   1 
ATOM   1396 C  CA  . PHE A 1 183 ? -3.910  8.006   5.845   1.00 33.23 ? 183 PHE A CA  1 
ATOM   1397 C  C   . PHE A 1 183 ? -4.354  6.534   5.857   1.00 32.98 ? 183 PHE A C   1 
ATOM   1398 O  O   . PHE A 1 183 ? -5.517  6.236   6.101   1.00 32.97 ? 183 PHE A O   1 
ATOM   1399 C  CB  . PHE A 1 183 ? -3.864  8.499   4.395   1.00 33.05 ? 183 PHE A CB  1 
ATOM   1400 C  CG  . PHE A 1 183 ? -5.091  8.158   3.605   1.00 32.63 ? 183 PHE A CG  1 
ATOM   1401 C  CD1 . PHE A 1 183 ? -6.283  8.864   3.795   1.00 32.51 ? 183 PHE A CD1 1 
ATOM   1402 C  CD2 . PHE A 1 183 ? -5.068  7.121   2.687   1.00 32.47 ? 183 PHE A CD2 1 
ATOM   1403 C  CE1 . PHE A 1 183 ? -7.440  8.532   3.071   1.00 32.33 ? 183 PHE A CE1 1 
ATOM   1404 C  CE2 . PHE A 1 183 ? -6.214  6.786   1.961   1.00 32.35 ? 183 PHE A CE2 1 
ATOM   1405 C  CZ  . PHE A 1 183 ? -7.399  7.487   2.150   1.00 32.07 ? 183 PHE A CZ  1 
ATOM   1406 N  N   . TYR A 1 184 ? -3.425  5.623   5.591   1.00 32.70 ? 184 TYR A N   1 
ATOM   1407 C  CA  . TYR A 1 184 ? -3.745  4.202   5.560   1.00 32.63 ? 184 TYR A CA  1 
ATOM   1408 C  C   . TYR A 1 184 ? -4.358  3.808   6.897   1.00 33.05 ? 184 TYR A C   1 
ATOM   1409 O  O   . TYR A 1 184 ? -5.275  2.995   6.964   1.00 32.83 ? 184 TYR A O   1 
ATOM   1410 C  CB  . TYR A 1 184 ? -2.483  3.366   5.322   1.00 31.86 ? 184 TYR A CB  1 
ATOM   1411 C  CG  . TYR A 1 184 ? -2.765  1.893   5.175   1.00 31.19 ? 184 TYR A CG  1 
ATOM   1412 C  CD1 . TYR A 1 184 ? -2.967  1.313   3.910   1.00 31.03 ? 184 TYR A CD1 1 
ATOM   1413 C  CD2 . TYR A 1 184 ? -2.855  1.071   6.297   1.00 30.96 ? 184 TYR A CD2 1 
ATOM   1414 C  CE1 . TYR A 1 184 ? -3.247  -0.053  3.772   1.00 30.71 ? 184 TYR A CE1 1 
ATOM   1415 C  CE2 . TYR A 1 184 ? -3.138  -0.296  6.177   1.00 30.68 ? 184 TYR A CE2 1 
ATOM   1416 C  CZ  . TYR A 1 184 ? -3.331  -0.856  4.914   1.00 30.79 ? 184 TYR A CZ  1 
ATOM   1417 O  OH  . TYR A 1 184 ? -3.574  -2.215  4.806   1.00 30.53 ? 184 TYR A OH  1 
ATOM   1418 N  N   . LYS A 1 185 ? -3.837  4.396   7.966   1.00 33.61 ? 185 LYS A N   1 
ATOM   1419 C  CA  . LYS A 1 185 ? -4.333  4.082   9.294   1.00 34.23 ? 185 LYS A CA  1 
ATOM   1420 C  C   . LYS A 1 185 ? -5.699  4.709   9.556   1.00 34.33 ? 185 LYS A C   1 
ATOM   1421 O  O   . LYS A 1 185 ? -6.540  4.099   10.226  1.00 34.25 ? 185 LYS A O   1 
ATOM   1422 C  CB  . LYS A 1 185 ? -3.291  4.489   10.346  1.00 34.43 ? 185 LYS A CB  1 
ATOM   1423 C  CG  . LYS A 1 185 ? -2.020  3.630   10.232  1.00 34.87 ? 185 LYS A CG  1 
ATOM   1424 C  CD  . LYS A 1 185 ? -1.145  3.687   11.489  1.00 35.39 ? 185 LYS A CD  1 
ATOM   1425 C  CE  . LYS A 1 185 ? -0.573  5.074   11.719  1.00 35.40 ? 185 LYS A CE  1 
ATOM   1426 N  NZ  . LYS A 1 185 ? 0.375   5.065   12.886  1.00 36.12 ? 185 LYS A NZ  1 
ATOM   1427 N  N   . VAL A 1 186 ? -5.932  5.902   9.016   1.00 34.44 ? 186 VAL A N   1 
ATOM   1428 C  CA  . VAL A 1 186 ? -7.233  6.546   9.203   1.00 34.81 ? 186 VAL A CA  1 
ATOM   1429 C  C   . VAL A 1 186 ? -8.251  5.584   8.599   1.00 35.07 ? 186 VAL A C   1 
ATOM   1430 O  O   . VAL A 1 186 ? -9.237  5.201   9.244   1.00 35.12 ? 186 VAL A O   1 
ATOM   1431 C  CB  . VAL A 1 186 ? -7.327  7.889   8.451   1.00 34.77 ? 186 VAL A CB  1 
ATOM   1432 C  CG1 . VAL A 1 186 ? -8.777  8.349   8.375   1.00 34.87 ? 186 VAL A CG1 1 
ATOM   1433 C  CG2 . VAL A 1 186 ? -6.494  8.940   9.149   1.00 34.77 ? 186 VAL A CG2 1 
ATOM   1434 N  N   . VAL A 1 187 ? -7.992  5.190   7.355   1.00 35.18 ? 187 VAL A N   1 
ATOM   1435 C  CA  . VAL A 1 187 ? -8.864  4.263   6.652   1.00 35.38 ? 187 VAL A CA  1 
ATOM   1436 C  C   . VAL A 1 187 ? -9.054  2.979   7.453   1.00 35.57 ? 187 VAL A C   1 
ATOM   1437 O  O   . VAL A 1 187 ? -10.179 2.506   7.631   1.00 35.57 ? 187 VAL A O   1 
ATOM   1438 C  CB  . VAL A 1 187 ? -8.284  3.906   5.281   1.00 35.47 ? 187 VAL A CB  1 
ATOM   1439 C  CG1 . VAL A 1 187 ? -9.155  2.874   4.601   1.00 35.29 ? 187 VAL A CG1 1 
ATOM   1440 C  CG2 . VAL A 1 187 ? -8.180  5.172   4.426   1.00 35.33 ? 187 VAL A CG2 1 
ATOM   1441 N  N   . LEU A 1 188 ? -7.953  2.415   7.935   1.00 35.64 ? 188 LEU A N   1 
ATOM   1442 C  CA  . LEU A 1 188 ? -8.031  1.187   8.713   1.00 35.91 ? 188 LEU A CA  1 
ATOM   1443 C  C   . LEU A 1 188 ? -8.968  1.376   9.913   1.00 36.07 ? 188 LEU A C   1 
ATOM   1444 O  O   . LEU A 1 188 ? -9.895  0.611   10.102  1.00 36.32 ? 188 LEU A O   1 
ATOM   1445 C  CB  . LEU A 1 188 ? -6.623  0.757   9.167   1.00 35.56 ? 188 LEU A CB  1 
ATOM   1446 C  CG  . LEU A 1 188 ? -6.536  -0.606  9.877   1.00 35.49 ? 188 LEU A CG  1 
ATOM   1447 C  CD1 . LEU A 1 188 ? -5.099  -1.127  9.863   1.00 35.26 ? 188 LEU A CD1 1 
ATOM   1448 C  CD2 . LEU A 1 188 ? -7.066  -0.474  11.303  1.00 35.12 ? 188 LEU A CD2 1 
ATOM   1449 N  N   . ARG A 1 189 ? -8.727  2.402   10.714  1.00 36.51 ? 189 ARG A N   1 
ATOM   1450 C  CA  . ARG A 1 189 ? -9.572  2.679   11.867  1.00 36.94 ? 189 ARG A CA  1 
ATOM   1451 C  C   . ARG A 1 189 ? -11.047 2.756   11.521  1.00 37.36 ? 189 ARG A C   1 
ATOM   1452 O  O   . ARG A 1 189 ? -11.891 2.255   12.252  1.00 37.51 ? 189 ARG A O   1 
ATOM   1453 C  CB  . ARG A 1 189 ? -9.143  3.986   12.513  1.00 36.89 ? 189 ARG A CB  1 
ATOM   1454 C  CG  . ARG A 1 189 ? -7.778  3.903   13.134  1.00 36.71 ? 189 ARG A CG  1 
ATOM   1455 C  CD  . ARG A 1 189 ? -7.113  5.259   13.140  1.00 36.70 ? 189 ARG A CD  1 
ATOM   1456 N  NE  . ARG A 1 189 ? -5.794  5.191   13.761  1.00 36.50 ? 189 ARG A NE  1 
ATOM   1457 C  CZ  . ARG A 1 189 ? -4.817  6.059   13.527  1.00 36.63 ? 189 ARG A CZ  1 
ATOM   1458 N  NH1 . ARG A 1 189 ? -5.007  7.069   12.684  1.00 36.55 ? 189 ARG A NH1 1 
ATOM   1459 N  NH2 . ARG A 1 189 ? -3.646  5.917   14.136  1.00 36.63 ? 189 ARG A NH2 1 
ATOM   1460 N  N   . GLU A 1 190 ? -11.372 3.378   10.403  1.00 37.90 ? 190 GLU A N   1 
ATOM   1461 C  CA  . GLU A 1 190 ? -12.774 3.498   10.046  1.00 38.47 ? 190 GLU A CA  1 
ATOM   1462 C  C   . GLU A 1 190 ? -13.363 2.192   9.564   1.00 38.57 ? 190 GLU A C   1 
ATOM   1463 O  O   . GLU A 1 190 ? -14.500 1.867   9.872   1.00 38.47 ? 190 GLU A O   1 
ATOM   1464 C  CB  . GLU A 1 190 ? -12.946 4.572   8.985   1.00 38.90 ? 190 GLU A CB  1 
ATOM   1465 C  CG  . GLU A 1 190 ? -12.424 5.914   9.462   1.00 39.74 ? 190 GLU A CG  1 
ATOM   1466 C  CD  . GLU A 1 190 ? -12.822 7.023   8.535   1.00 40.18 ? 190 GLU A CD  1 
ATOM   1467 O  OE1 . GLU A 1 190 ? -13.005 6.720   7.340   1.00 40.75 ? 190 GLU A OE1 1 
ATOM   1468 O  OE2 . GLU A 1 190 ? -12.942 8.184   8.989   1.00 40.45 ? 190 GLU A OE2 1 
ATOM   1469 N  N   . THR A 1 191 ? -12.574 1.438   8.811   1.00 38.79 ? 191 THR A N   1 
ATOM   1470 C  CA  . THR A 1 191 ? -13.036 0.165   8.288   1.00 38.96 ? 191 THR A CA  1 
ATOM   1471 C  C   . THR A 1 191 ? -13.204 -0.841  9.412   1.00 39.11 ? 191 THR A C   1 
ATOM   1472 O  O   . THR A 1 191 ? -14.117 -1.662  9.369   1.00 39.00 ? 191 THR A O   1 
ATOM   1473 C  CB  . THR A 1 191 ? -12.046 -0.416  7.271   1.00 39.07 ? 191 THR A CB  1 
ATOM   1474 O  OG1 . THR A 1 191 ? -11.771 0.560   6.258   1.00 39.25 ? 191 THR A OG1 1 
ATOM   1475 C  CG2 . THR A 1 191 ? -12.626 -1.656  6.624   1.00 39.04 ? 191 THR A CG2 1 
ATOM   1476 N  N   . PHE A 1 192 ? -12.321 -0.786  10.412  1.00 39.21 ? 192 PHE A N   1 
ATOM   1477 C  CA  . PHE A 1 192 ? -12.394 -1.725  11.528  1.00 39.44 ? 192 PHE A CA  1 
ATOM   1478 C  C   . PHE A 1 192 ? -13.077 -1.197  12.781  1.00 39.56 ? 192 PHE A C   1 
ATOM   1479 O  O   . PHE A 1 192 ? -12.998 -1.812  13.844  1.00 39.33 ? 192 PHE A O   1 
ATOM   1480 C  CB  . PHE A 1 192 ? -10.999 -2.244  11.892  1.00 39.49 ? 192 PHE A CB  1 
ATOM   1481 C  CG  . PHE A 1 192 ? -10.475 -3.263  10.934  1.00 39.57 ? 192 PHE A CG  1 
ATOM   1482 C  CD1 . PHE A 1 192 ? -9.968  -2.882  9.699   1.00 39.55 ? 192 PHE A CD1 1 
ATOM   1483 C  CD2 . PHE A 1 192 ? -10.547 -4.618  11.242  1.00 39.66 ? 192 PHE A CD2 1 
ATOM   1484 C  CE1 . PHE A 1 192 ? -9.543  -3.834  8.781   1.00 39.41 ? 192 PHE A CE1 1 
ATOM   1485 C  CE2 . PHE A 1 192 ? -10.124 -5.578  10.327  1.00 39.55 ? 192 PHE A CE2 1 
ATOM   1486 C  CZ  . PHE A 1 192 ? -9.623  -5.183  9.094   1.00 39.37 ? 192 PHE A CZ  1 
ATOM   1487 N  N   . GLY A 1 193 ? -13.750 -0.061  12.649  1.00 39.78 ? 193 GLY A N   1 
ATOM   1488 C  CA  . GLY A 1 193 ? -14.446 0.514   13.775  1.00 39.89 ? 193 GLY A CA  1 
ATOM   1489 C  C   . GLY A 1 193 ? -13.563 0.915   14.936  1.00 40.13 ? 193 GLY A C   1 
ATOM   1490 O  O   . GLY A 1 193 ? -13.930 0.714   16.093  1.00 40.10 ? 193 GLY A O   1 
ATOM   1491 N  N   . LEU A 1 194 ? -12.406 1.493   14.644  1.00 40.33 ? 194 LEU A N   1 
ATOM   1492 C  CA  . LEU A 1 194 ? -11.496 1.929   15.700  1.00 40.81 ? 194 LEU A CA  1 
ATOM   1493 C  C   . LEU A 1 194 ? -11.630 3.420   15.949  1.00 41.21 ? 194 LEU A C   1 
ATOM   1494 O  O   . LEU A 1 194 ? -11.960 4.178   15.040  1.00 41.32 ? 194 LEU A O   1 
ATOM   1495 C  CB  . LEU A 1 194 ? -10.050 1.618   15.319  1.00 40.38 ? 194 LEU A CB  1 
ATOM   1496 C  CG  . LEU A 1 194 ? -9.684  0.144   15.236  1.00 40.13 ? 194 LEU A CG  1 
ATOM   1497 C  CD1 . LEU A 1 194 ? -8.217  -0.018  14.854  1.00 39.68 ? 194 LEU A CD1 1 
ATOM   1498 C  CD2 . LEU A 1 194 ? -9.968  -0.489  16.588  1.00 39.96 ? 194 LEU A CD2 1 
ATOM   1499 N  N   . ALA A 1 195 ? -11.375 3.845   17.177  1.00 41.83 ? 195 ALA A N   1 
ATOM   1500 C  CA  . ALA A 1 195 ? -11.467 5.263   17.513  1.00 42.48 ? 195 ALA A CA  1 
ATOM   1501 C  C   . ALA A 1 195 ? -10.359 6.045   16.804  1.00 43.00 ? 195 ALA A C   1 
ATOM   1502 O  O   . ALA A 1 195 ? -9.428  5.464   16.237  1.00 43.03 ? 195 ALA A O   1 
ATOM   1503 C  CB  . ALA A 1 195 ? -11.348 5.452   19.012  1.00 42.35 ? 195 ALA A CB  1 
ATOM   1504 N  N   . ALA A 1 196 ? -10.469 7.368   16.837  1.00 43.56 ? 196 ALA A N   1 
ATOM   1505 C  CA  . ALA A 1 196 ? -9.476  8.228   16.216  1.00 44.08 ? 196 ALA A CA  1 
ATOM   1506 C  C   . ALA A 1 196 ? -8.099  8.022   16.856  1.00 44.33 ? 196 ALA A C   1 
ATOM   1507 O  O   . ALA A 1 196 ? -7.979  7.856   18.074  1.00 44.55 ? 196 ALA A O   1 
ATOM   1508 C  CB  . ALA A 1 196 ? -9.900  9.681   16.354  1.00 44.11 ? 196 ALA A CB  1 
ATOM   1509 N  N   . ASP A 1 197 ? -7.063  8.029   16.029  1.00 44.56 ? 197 ASP A N   1 
ATOM   1510 C  CA  . ASP A 1 197 ? -5.691  7.862   16.510  1.00 44.87 ? 197 ASP A CA  1 
ATOM   1511 C  C   . ASP A 1 197 ? -5.391  6.504   17.149  1.00 44.70 ? 197 ASP A C   1 
ATOM   1512 O  O   . ASP A 1 197 ? -4.305  6.297   17.695  1.00 44.85 ? 197 ASP A O   1 
ATOM   1513 C  CB  . ASP A 1 197 ? -5.331  8.985   17.494  1.00 45.18 ? 197 ASP A CB  1 
ATOM   1514 C  CG  . ASP A 1 197 ? -5.389  10.370  16.847  1.00 45.69 ? 197 ASP A CG  1 
ATOM   1515 O  OD1 . ASP A 1 197 ? -4.945  10.497  15.688  1.00 46.01 ? 197 ASP A OD1 1 
ATOM   1516 O  OD2 . ASP A 1 197 ? -5.861  11.338  17.490  1.00 46.21 ? 197 ASP A OD2 1 
ATOM   1517 N  N   . ALA A 1 198 ? -6.347  5.585   17.079  1.00 44.44 ? 198 ALA A N   1 
ATOM   1518 C  CA  . ALA A 1 198 ? -6.147  4.255   17.636  1.00 44.22 ? 198 ALA A CA  1 
ATOM   1519 C  C   . ALA A 1 198 ? -4.831  3.675   17.105  1.00 43.97 ? 198 ALA A C   1 
ATOM   1520 O  O   . ALA A 1 198 ? -4.541  3.767   15.919  1.00 44.04 ? 198 ALA A O   1 
ATOM   1521 C  CB  . ALA A 1 198 ? -7.314  3.344   17.250  1.00 44.05 ? 198 ALA A CB  1 
ATOM   1522 N  N   . GLU A 1 199 ? -4.031  3.098   17.994  1.00 43.72 ? 199 GLU A N   1 
ATOM   1523 C  CA  . GLU A 1 199 ? -2.768  2.491   17.606  1.00 43.32 ? 199 GLU A CA  1 
ATOM   1524 C  C   . GLU A 1 199 ? -2.728  1.130   18.266  1.00 43.15 ? 199 GLU A C   1 
ATOM   1525 O  O   . GLU A 1 199 ? -3.489  0.879   19.198  1.00 43.09 ? 199 GLU A O   1 
ATOM   1526 C  CB  . GLU A 1 199 ? -1.596  3.328   18.104  1.00 43.25 ? 199 GLU A CB  1 
ATOM   1527 C  CG  . GLU A 1 199 ? -1.470  4.671   17.428  1.00 43.31 ? 199 GLU A CG  1 
ATOM   1528 C  CD  . GLU A 1 199 ? -0.875  4.576   16.033  1.00 43.19 ? 199 GLU A CD  1 
ATOM   1529 O  OE1 . GLU A 1 199 ? -0.655  5.634   15.422  1.00 43.23 ? 199 GLU A OE1 1 
ATOM   1530 O  OE2 . GLU A 1 199 ? -0.618  3.456   15.548  1.00 43.26 ? 199 GLU A OE2 1 
ATOM   1531 N  N   . ALA A 1 200 ? -1.846  0.262   17.784  1.00 42.93 ? 200 ALA A N   1 
ATOM   1532 C  CA  . ALA A 1 200 ? -1.699  -1.070  18.340  1.00 42.99 ? 200 ALA A CA  1 
ATOM   1533 C  C   . ALA A 1 200 ? -1.240  -0.924  19.781  1.00 42.95 ? 200 ALA A C   1 
ATOM   1534 O  O   . ALA A 1 200 ? -0.795  0.143   20.186  1.00 42.89 ? 200 ALA A O   1 
ATOM   1535 C  CB  . ALA A 1 200 ? -0.684  -1.850  17.540  1.00 42.87 ? 200 ALA A CB  1 
ATOM   1536 N  N   . PRO A 1 201 ? -1.347  -1.993  20.579  1.00 43.12 ? 201 PRO A N   1 
ATOM   1537 C  CA  . PRO A 1 201 ? -0.920  -1.902  21.979  1.00 43.41 ? 201 PRO A CA  1 
ATOM   1538 C  C   . PRO A 1 201 ? 0.520   -1.409  22.000  1.00 43.67 ? 201 PRO A C   1 
ATOM   1539 O  O   . PRO A 1 201 ? 1.389   -1.976  21.329  1.00 43.58 ? 201 PRO A O   1 
ATOM   1540 C  CB  . PRO A 1 201 ? -1.048  -3.348  22.477  1.00 43.30 ? 201 PRO A CB  1 
ATOM   1541 C  CG  . PRO A 1 201 ? -2.084  -3.941  21.579  1.00 43.17 ? 201 PRO A CG  1 
ATOM   1542 C  CD  . PRO A 1 201 ? -1.700  -3.379  20.235  1.00 43.17 ? 201 PRO A CD  1 
ATOM   1543 N  N   . GLU A 1 202 ? 0.789   -0.359  22.763  1.00 44.10 ? 202 GLU A N   1 
ATOM   1544 C  CA  . GLU A 1 202 ? 2.144   0.160   22.773  1.00 44.63 ? 202 GLU A CA  1 
ATOM   1545 C  C   . GLU A 1 202 ? 3.227   -0.805  23.250  1.00 44.71 ? 202 GLU A C   1 
ATOM   1546 O  O   . GLU A 1 202 ? 3.095   -1.474  24.278  1.00 44.48 ? 202 GLU A O   1 
ATOM   1547 C  CB  . GLU A 1 202 ? 2.228   1.448   23.575  1.00 44.95 ? 202 GLU A CB  1 
ATOM   1548 C  CG  . GLU A 1 202 ? 3.091   2.449   22.838  1.00 45.59 ? 202 GLU A CG  1 
ATOM   1549 C  CD  . GLU A 1 202 ? 3.507   3.608   23.684  1.00 45.99 ? 202 GLU A CD  1 
ATOM   1550 O  OE1 . GLU A 1 202 ? 4.204   4.495   23.141  1.00 46.21 ? 202 GLU A OE1 1 
ATOM   1551 O  OE2 . GLU A 1 202 ? 3.149   3.623   24.883  1.00 46.31 ? 202 GLU A OE2 1 
ATOM   1552 N  N   . GLY A 1 203 ? 4.305   -0.860  22.478  1.00 44.90 ? 203 GLY A N   1 
ATOM   1553 C  CA  . GLY A 1 203 ? 5.413   -1.724  22.820  1.00 45.16 ? 203 GLY A CA  1 
ATOM   1554 C  C   . GLY A 1 203 ? 5.427   -2.941  21.937  1.00 45.32 ? 203 GLY A C   1 
ATOM   1555 O  O   . GLY A 1 203 ? 6.421   -3.648  21.872  1.00 45.19 ? 203 GLY A O   1 
ATOM   1556 N  N   . MET A 1 204 ? 4.319   -3.178  21.245  1.00 45.63 ? 204 MET A N   1 
ATOM   1557 C  CA  . MET A 1 204 ? 4.217   -4.334  20.366  1.00 46.15 ? 204 MET A CA  1 
ATOM   1558 C  C   . MET A 1 204 ? 5.216   -4.273  19.217  1.00 46.46 ? 204 MET A C   1 
ATOM   1559 O  O   . MET A 1 204 ? 5.477   -3.210  18.664  1.00 46.49 ? 204 MET A O   1 
ATOM   1560 C  CB  . MET A 1 204 ? 2.808   -4.435  19.806  1.00 46.05 ? 204 MET A CB  1 
ATOM   1561 C  CG  . MET A 1 204 ? 2.643   -5.541  18.804  1.00 46.16 ? 204 MET A CG  1 
ATOM   1562 S  SD  . MET A 1 204 ? 0.986   -5.524  18.158  1.00 46.35 ? 204 MET A SD  1 
ATOM   1563 C  CE  . MET A 1 204 ? 0.139   -6.290  19.495  1.00 46.18 ? 204 MET A CE  1 
ATOM   1564 N  N   . MET A 1 205 ? 5.763   -5.423  18.857  1.00 46.90 ? 205 MET A N   1 
ATOM   1565 C  CA  . MET A 1 205 ? 6.734   -5.516  17.768  1.00 47.46 ? 205 MET A CA  1 
ATOM   1566 C  C   . MET A 1 205 ? 6.330   -6.602  16.765  1.00 47.57 ? 205 MET A C   1 
ATOM   1567 O  O   . MET A 1 205 ? 5.723   -7.607  17.136  1.00 47.60 ? 205 MET A O   1 
ATOM   1568 C  CB  . MET A 1 205 ? 8.121   -5.843  18.335  1.00 47.81 ? 205 MET A CB  1 
ATOM   1569 C  CG  . MET A 1 205 ? 8.867   -4.665  18.952  1.00 48.41 ? 205 MET A CG  1 
ATOM   1570 S  SD  . MET A 1 205 ? 9.787   -3.652  17.735  1.00 49.25 ? 205 MET A SD  1 
ATOM   1571 C  CE  . MET A 1 205 ? 9.054   -1.985  18.041  1.00 49.10 ? 205 MET A CE  1 
ATOM   1572 N  N   . PRO A 1 206 ? 6.655   -6.407  15.477  1.00 47.74 ? 206 PRO A N   1 
ATOM   1573 C  CA  . PRO A 1 206 ? 6.328   -7.377  14.424  1.00 47.94 ? 206 PRO A CA  1 
ATOM   1574 C  C   . PRO A 1 206 ? 6.941   -8.765  14.659  1.00 48.15 ? 206 PRO A C   1 
ATOM   1575 O  O   . PRO A 1 206 ? 6.201   -9.767  14.520  1.00 48.22 ? 206 PRO A O   1 
ATOM   1576 C  CB  . PRO A 1 206 ? 6.873   -6.708  13.168  1.00 47.87 ? 206 PRO A CB  1 
ATOM   1577 C  CG  . PRO A 1 206 ? 6.642   -5.262  13.458  1.00 47.76 ? 206 PRO A CG  1 
ATOM   1578 C  CD  . PRO A 1 206 ? 7.134   -5.145  14.883  1.00 47.78 ? 206 PRO A CD  1 
HETATM 1579 C  CHA . HEM B 2 .   ? 8.182   -3.651  3.092   1.00 42.64 ? 300 HEM A CHA 1 
HETATM 1580 C  CHB . HEM B 2 .   ? 5.840   -6.459  6.276   1.00 42.40 ? 300 HEM A CHB 1 
HETATM 1581 C  CHC . HEM B 2 .   ? 1.882   -3.682  5.734   1.00 42.30 ? 300 HEM A CHC 1 
HETATM 1582 C  CHD . HEM B 2 .   ? 4.368   -0.560  2.926   1.00 41.94 ? 300 HEM A CHD 1 
HETATM 1583 C  C1A . HEM B 2 .   ? 7.900   -4.656  4.040   1.00 42.69 ? 300 HEM A C1A 1 
HETATM 1584 C  C2A . HEM B 2 .   ? 8.818   -5.722  4.483   1.00 43.15 ? 300 HEM A C2A 1 
HETATM 1585 C  C3A . HEM B 2 .   ? 8.142   -6.505  5.394   1.00 42.94 ? 300 HEM A C3A 1 
HETATM 1586 C  C4A . HEM B 2 .   ? 6.828   -5.925  5.484   1.00 42.59 ? 300 HEM A C4A 1 
HETATM 1587 C  CMA . HEM B 2 .   ? 8.652   -7.709  6.206   1.00 42.90 ? 300 HEM A CMA 1 
HETATM 1588 C  CAA . HEM B 2 .   ? 10.262  -5.962  4.023   1.00 43.60 ? 300 HEM A CAA 1 
HETATM 1589 C  CBA . HEM B 2 .   ? 10.249  -6.561  2.630   1.00 44.24 ? 300 HEM A CBA 1 
HETATM 1590 C  CGA . HEM B 2 .   ? 11.644  -6.862  2.098   1.00 44.69 ? 300 HEM A CGA 1 
HETATM 1591 O  O1A . HEM B 2 .   ? 12.529  -5.974  2.188   1.00 44.75 ? 300 HEM A O1A 1 
HETATM 1592 O  O2A . HEM B 2 .   ? 11.848  -7.984  1.571   1.00 45.01 ? 300 HEM A O2A 1 
HETATM 1593 C  C1B . HEM B 2 .   ? 4.584   -5.880  6.459   1.00 42.36 ? 300 HEM A C1B 1 
HETATM 1594 C  C2B . HEM B 2 .   ? 3.516   -6.567  7.154   1.00 42.31 ? 300 HEM A C2B 1 
HETATM 1595 C  C3B . HEM B 2 .   ? 2.380   -5.821  6.998   1.00 42.35 ? 300 HEM A C3B 1 
HETATM 1596 C  C4B . HEM B 2 .   ? 2.770   -4.653  6.192   1.00 42.24 ? 300 HEM A C4B 1 
HETATM 1597 C  CMB . HEM B 2 .   ? 3.668   -7.897  7.855   1.00 42.36 ? 300 HEM A CMB 1 
HETATM 1598 C  CAB . HEM B 2 .   ? 1.077   -6.109  7.435   1.00 42.33 ? 300 HEM A CAB 1 
HETATM 1599 C  CBB . HEM B 2 .   ? 0.693   -6.776  8.672   1.00 42.43 ? 300 HEM A CBB 1 
HETATM 1600 C  C1C . HEM B 2 .   ? 2.242   -2.602  4.899   1.00 42.07 ? 300 HEM A C1C 1 
HETATM 1601 C  C2C . HEM B 2 .   ? 1.284   -1.622  4.391   1.00 42.00 ? 300 HEM A C2C 1 
HETATM 1602 C  C3C . HEM B 2 .   ? 1.975   -0.687  3.676   1.00 41.88 ? 300 HEM A C3C 1 
HETATM 1603 C  C4C . HEM B 2 .   ? 3.363   -1.132  3.717   1.00 41.98 ? 300 HEM A C4C 1 
HETATM 1604 C  CMC . HEM B 2 .   ? -0.236  -1.729  4.520   1.00 41.87 ? 300 HEM A CMC 1 
HETATM 1605 C  CAC . HEM B 2 .   ? 1.500   0.423   2.964   1.00 41.71 ? 300 HEM A CAC 1 
HETATM 1606 C  CBC . HEM B 2 .   ? 0.390   1.284   3.283   1.00 41.57 ? 300 HEM A CBC 1 
HETATM 1607 C  C1D . HEM B 2 .   ? 5.617   -1.152  2.730   1.00 42.18 ? 300 HEM A C1D 1 
HETATM 1608 C  C2D . HEM B 2 .   ? 6.705   -0.471  2.057   1.00 42.28 ? 300 HEM A C2D 1 
HETATM 1609 C  C3D . HEM B 2 .   ? 7.742   -1.369  2.059   1.00 42.40 ? 300 HEM A C3D 1 
HETATM 1610 C  C4D . HEM B 2 .   ? 7.321   -2.562  2.760   1.00 42.35 ? 300 HEM A C4D 1 
HETATM 1611 C  CMD . HEM B 2 .   ? 6.658   0.945   1.461   1.00 42.16 ? 300 HEM A CMD 1 
HETATM 1612 C  CAD . HEM B 2 .   ? 9.097   -1.137  1.402   1.00 42.31 ? 300 HEM A CAD 1 
HETATM 1613 C  CBD . HEM B 2 .   ? 10.214  -0.953  2.428   1.00 42.47 ? 300 HEM A CBD 1 
HETATM 1614 C  CGD . HEM B 2 .   ? 11.573  -0.792  1.778   1.00 42.48 ? 300 HEM A CGD 1 
HETATM 1615 O  O1D . HEM B 2 .   ? 11.926  0.338   1.373   1.00 42.43 ? 300 HEM A O1D 1 
HETATM 1616 O  O2D . HEM B 2 .   ? 12.281  -1.808  1.666   1.00 42.44 ? 300 HEM A O2D 1 
HETATM 1617 N  NA  . HEM B 2 .   ? 6.703   -4.767  4.694   1.00 42.31 ? 300 HEM A NA  1 
HETATM 1618 N  NB  . HEM B 2 .   ? 4.129   -4.692  5.856   1.00 42.10 ? 300 HEM A NB  1 
HETATM 1619 N  NC  . HEM B 2 .   ? 3.509   -2.332  4.440   1.00 41.88 ? 300 HEM A NC  1 
HETATM 1620 N  ND  . HEM B 2 .   ? 6.028   -2.389  3.231   1.00 42.05 ? 300 HEM A ND  1 
HETATM 1621 FE FE  . HEM B 2 .   ? 5.160   -3.494  4.598   1.00 41.90 ? 300 HEM A FE  1 
HETATM 1622 C  C   . CMO C 3 .   ? 4.431   -4.694  3.219   0.50 41.97 ? 400 CMO A C   1 
HETATM 1623 O  O   . CMO C 3 .   ? 3.729   -5.405  2.554   0.50 41.97 ? 400 CMO A O   1 
HETATM 1624 O  O   . HOH D 4 .   ? 11.351  5.682   10.530  1.00 41.50 ? 401 HOH A O   1 
HETATM 1625 O  O   . HOH D 4 .   ? 0.074   0.828   15.681  1.00 36.20 ? 402 HOH A O   1 
HETATM 1626 O  O   . HOH D 4 .   ? -3.732  10.278  -2.896  1.00 28.72 ? 403 HOH A O   1 
HETATM 1627 O  O   . HOH D 4 .   ? -8.936  5.466   -10.640 1.00 37.54 ? 404 HOH A O   1 
HETATM 1628 O  O   . HOH D 4 .   ? -1.552  1.055   23.907  1.00 47.98 ? 405 HOH A O   1 
HETATM 1629 O  O   . HOH D 4 .   ? 7.177   -3.939  -5.414  1.00 30.98 ? 406 HOH A O   1 
HETATM 1630 O  O   . HOH D 4 .   ? -2.370  18.267  -3.094  1.00 43.74 ? 407 HOH A O   1 
HETATM 1631 O  O   . HOH D 4 .   ? -6.123  -0.223  -10.673 1.00 38.73 ? 408 HOH A O   1 
HETATM 1632 O  O   . HOH D 4 .   ? -3.265  8.248   10.995  1.00 40.74 ? 409 HOH A O   1 
HETATM 1633 O  O   . HOH D 4 .   ? 0.623   -1.128  -5.345  1.00 37.96 ? 410 HOH A O   1 
HETATM 1634 O  O   . HOH D 4 .   ? -3.763  1.515   -7.592  1.00 31.12 ? 411 HOH A O   1 
HETATM 1635 O  O   . HOH D 4 .   ? -8.617  9.077   -4.726  1.00 38.70 ? 412 HOH A O   1 
HETATM 1636 O  O   . HOH D 4 .   ? -1.979  -0.007  -6.478  1.00 34.74 ? 413 HOH A O   1 
HETATM 1637 O  O   . HOH D 4 .   ? 8.887   2.175   4.514   1.00 46.31 ? 414 HOH A O   1 
HETATM 1638 O  O   . HOH D 4 .   ? -11.793 6.560   13.398  1.00 42.08 ? 415 HOH A O   1 
HETATM 1639 O  O   . HOH D 4 .   ? 7.537   -6.622  -5.494  1.00 51.86 ? 416 HOH A O   1 
HETATM 1640 O  O   . HOH D 4 .   ? 0.719   -5.382  1.689   1.00 38.16 ? 417 HOH A O   1 
HETATM 1641 O  O   . HOH D 4 .   ? 5.845   -12.360 13.675  1.00 63.66 ? 418 HOH A O   1 
HETATM 1642 O  O   . HOH D 4 .   ? 7.470   -14.050 15.976  1.00 58.28 ? 419 HOH A O   1 
HETATM 1643 O  O   . HOH D 4 .   ? -4.794  -11.899 11.870  1.00 52.32 ? 420 HOH A O   1 
HETATM 1644 O  O   . HOH D 4 .   ? -8.833  7.461   -9.396  1.00 37.99 ? 421 HOH A O   1 
HETATM 1645 O  O   . HOH D 4 .   ? 2.752   8.366   -20.221 1.00 53.74 ? 422 HOH A O   1 
HETATM 1646 O  O   . HOH D 4 .   ? -5.254  -0.746  -13.406 1.00 42.99 ? 423 HOH A O   1 
HETATM 1647 O  O   . HOH D 4 .   ? -12.080 -14.205 -13.168 1.00 61.39 ? 424 HOH A O   1 
HETATM 1648 O  O   . HOH D 4 .   ? -12.130 -20.888 -0.043  1.00 68.81 ? 425 HOH A O   1 
HETATM 1649 O  O   . HOH D 4 .   ? 21.100  11.219  -7.082  1.00 54.92 ? 426 HOH A O   1 
HETATM 1650 O  O   . HOH D 4 .   ? 9.674   21.194  -8.103  1.00 50.52 ? 427 HOH A O   1 
HETATM 1651 O  O   . HOH D 4 .   ? -0.776  -4.849  -0.588  1.00 47.08 ? 428 HOH A O   1 
HETATM 1652 O  O   . HOH D 4 .   ? -1.472  -2.024  0.660   1.00 34.59 ? 429 HOH A O   1 
HETATM 1653 O  O   . HOH D 4 .   ? 8.685   6.275   10.141  1.00 51.04 ? 430 HOH A O   1 
HETATM 1654 O  O   . HOH D 4 .   ? 0.974   8.548   11.771  1.00 33.35 ? 431 HOH A O   1 
HETATM 1655 O  O   . HOH D 4 .   ? -4.820  -4.574  -10.488 1.00 56.28 ? 432 HOH A O   1 
HETATM 1656 O  O   . HOH D 4 .   ? -16.809 7.778   -5.457  1.00 53.38 ? 433 HOH A O   1 
HETATM 1657 O  O   . HOH D 4 .   ? 14.252  -11.515 -5.695  1.00 53.74 ? 434 HOH A O   1 
HETATM 1658 O  O   . HOH D 4 .   ? 13.927  15.347  -10.852 1.00 59.08 ? 435 HOH A O   1 
HETATM 1659 O  O   . HOH D 4 .   ? 3.064   -6.742  13.899  1.00 52.07 ? 436 HOH A O   1 
HETATM 1660 O  O   . HOH D 4 .   ? -0.775  -5.522  -10.932 1.00 49.74 ? 437 HOH A O   1 
HETATM 1661 O  O   . HOH D 4 .   ? -1.563  -6.405  -13.931 1.00 57.32 ? 438 HOH A O   1 
HETATM 1662 O  O   . HOH D 4 .   ? -2.949  9.139   -18.012 1.00 51.78 ? 439 HOH A O   1 
HETATM 1663 O  O   . HOH D 4 .   ? -19.165 -11.271 1.344   1.00 57.94 ? 440 HOH A O   1 
HETATM 1664 O  O   . HOH D 4 .   ? 6.106   -14.811 -9.050  1.00 55.40 ? 441 HOH A O   1 
HETATM 1665 O  O   . HOH D 4 .   ? 10.185  -15.981 -9.659  1.00 56.14 ? 442 HOH A O   1 
HETATM 1666 O  O   . HOH D 4 .   ? 3.243   9.812   9.402   1.00 46.49 ? 443 HOH A O   1 
HETATM 1667 O  O   . HOH D 4 .   ? 7.797   -4.747  10.031  1.00 44.95 ? 444 HOH A O   1 
HETATM 1668 O  O   . HOH D 4 .   ? 9.195   -6.470  9.786   1.00 50.14 ? 445 HOH A O   1 
HETATM 1669 O  O   . HOH D 4 .   ? 3.745   -8.959  11.777  1.00 49.45 ? 446 HOH A O   1 
HETATM 1670 O  O   . HOH D 4 .   ? -21.266 -6.980  -2.145  1.00 58.31 ? 447 HOH A O   1 
HETATM 1671 O  O   . HOH D 4 .   ? -15.337 8.084   4.956   1.00 56.47 ? 448 HOH A O   1 
HETATM 1672 O  O   . HOH D 4 .   ? -15.614 8.286   -1.530  1.00 62.49 ? 449 HOH A O   1 
HETATM 1673 O  O   . HOH D 4 .   ? -16.550 6.382   -3.014  1.00 48.92 ? 450 HOH A O   1 
HETATM 1674 O  O   . HOH D 4 .   ? -13.293 6.683   -4.849  1.00 53.32 ? 451 HOH A O   1 
HETATM 1675 O  O   . HOH D 4 .   ? -3.887  0.710   21.883  0.5  33.47 ? 452 HOH A O   1 
# 
loop_
_pdbx_poly_seq_scheme.asym_id 
_pdbx_poly_seq_scheme.entity_id 
_pdbx_poly_seq_scheme.seq_id 
_pdbx_poly_seq_scheme.mon_id 
_pdbx_poly_seq_scheme.ndb_seq_num 
_pdbx_poly_seq_scheme.pdb_seq_num 
_pdbx_poly_seq_scheme.auth_seq_num 
_pdbx_poly_seq_scheme.pdb_mon_id 
_pdbx_poly_seq_scheme.auth_mon_id 
_pdbx_poly_seq_scheme.pdb_strand_id 
_pdbx_poly_seq_scheme.pdb_ins_code 
_pdbx_poly_seq_scheme.hetero 
A 1 1   MET 1   1   ?   ?   ?   A . n 
A 1 2   SER 2   2   ?   ?   ?   A . n 
A 1 3   GLU 3   3   ?   ?   ?   A . n 
A 1 4   THR 4   4   ?   ?   ?   A . n 
A 1 5   GLU 5   5   ?   ?   ?   A . n 
A 1 6   ASN 6   6   ?   ?   ?   A . n 
A 1 7   GLN 7   7   ?   ?   ?   A . n 
A 1 8   ALA 8   8   8   ALA ALA A . n 
A 1 9   LEU 9   9   9   LEU LEU A . n 
A 1 10  THR 10  10  10  THR THR A . n 
A 1 11  PHE 11  11  11  PHE PHE A . n 
A 1 12  ALA 12  12  12  ALA ALA A . n 
A 1 13  LYS 13  13  13  LYS LYS A . n 
A 1 14  ARG 14  14  14  ARG ARG A . n 
A 1 15  LEU 15  15  15  LEU LEU A . n 
A 1 16  LYS 16  16  16  LYS LYS A . n 
A 1 17  ALA 17  17  17  ALA ALA A . n 
A 1 18  ASP 18  18  18  ASP ASP A . n 
A 1 19  THR 19  19  19  THR THR A . n 
A 1 20  THR 20  20  20  THR THR A . n 
A 1 21  ALA 21  21  21  ALA ALA A . n 
A 1 22  VAL 22  22  22  VAL VAL A . n 
A 1 23  HIS 23  23  23  HIS HIS A . n 
A 1 24  ASP 24  24  24  ASP ASP A . n 
A 1 25  SER 25  25  25  SER SER A . n 
A 1 26  VAL 26  26  26  VAL VAL A . n 
A 1 27  ASP 27  27  27  ASP ASP A . n 
A 1 28  ASN 28  28  28  ASN ASN A . n 
A 1 29  LEU 29  29  29  LEU LEU A . n 
A 1 30  VAL 30  30  30  VAL VAL A . n 
A 1 31  MET 31  31  31  MET MET A . n 
A 1 32  SER 32  32  32  SER SER A . n 
A 1 33  VAL 33  33  33  VAL VAL A . n 
A 1 34  GLN 34  34  34  GLN GLN A . n 
A 1 35  PRO 35  35  35  PRO PRO A . n 
A 1 36  PHE 36  36  36  PHE PHE A . n 
A 1 37  VAL 37  37  37  VAL VAL A . n 
A 1 38  SER 38  38  38  SER SER A . n 
A 1 39  LYS 39  39  39  LYS LYS A . n 
A 1 40  GLU 40  40  40  GLU GLU A . n 
A 1 41  ASN 41  41  41  ASN ASN A . n 
A 1 42  TYR 42  42  42  TYR TYR A . n 
A 1 43  ILE 43  43  43  ILE ILE A . n 
A 1 44  LYS 44  44  44  LYS LYS A . n 
A 1 45  PHE 45  45  45  PHE PHE A . n 
A 1 46  LEU 46  46  46  LEU LEU A . n 
A 1 47  LYS 47  47  47  LYS LYS A . n 
A 1 48  LEU 48  48  48  LEU LEU A . n 
A 1 49  GLN 49  49  49  GLN GLN A . n 
A 1 50  SER 50  50  50  SER SER A . n 
A 1 51  VAL 51  51  51  VAL VAL A . n 
A 1 52  PHE 52  52  52  PHE PHE A . n 
A 1 53  HIS 53  53  53  HIS HIS A . n 
A 1 54  LYS 54  54  54  LYS LYS A . n 
A 1 55  ALA 55  55  55  ALA ALA A . n 
A 1 56  VAL 56  56  56  VAL VAL A . n 
A 1 57  ASP 57  57  57  ASP ASP A . n 
A 1 58  HIS 58  58  58  HIS HIS A . n 
A 1 59  ILE 59  59  59  ILE ILE A . n 
A 1 60  TYR 60  60  60  TYR TYR A . n 
A 1 61  LYS 61  61  61  LYS LYS A . n 
A 1 62  ASP 62  62  62  ASP ASP A . n 
A 1 63  ALA 63  63  63  ALA ALA A . n 
A 1 64  GLU 64  64  64  GLU GLU A . n 
A 1 65  LEU 65  65  65  LEU LEU A . n 
A 1 66  ASN 66  66  66  ASN ASN A . n 
A 1 67  LYS 67  67  67  LYS LYS A . n 
A 1 68  ALA 68  68  68  ALA ALA A . n 
A 1 69  ILE 69  69  69  ILE ILE A . n 
A 1 70  PRO 70  70  70  PRO PRO A . n 
A 1 71  GLU 71  71  71  GLU GLU A . n 
A 1 72  LEU 72  72  72  LEU LEU A . n 
A 1 73  GLU 73  73  73  GLU GLU A . n 
A 1 74  TYR 74  74  74  TYR TYR A . n 
A 1 75  MET 75  75  75  MET MET A . n 
A 1 76  ALA 76  76  76  ALA ALA A . n 
A 1 77  ARG 77  77  77  ARG ARG A . n 
A 1 78  TYR 78  78  78  TYR TYR A . n 
A 1 79  ASP 79  79  79  ASP ASP A . n 
A 1 80  ALA 80  80  80  ALA ALA A . n 
A 1 81  VAL 81  81  81  VAL VAL A . n 
A 1 82  THR 82  82  82  THR THR A . n 
A 1 83  GLN 83  83  83  GLN GLN A . n 
A 1 84  ASP 84  84  84  ASP ASP A . n 
A 1 85  LEU 85  85  85  LEU LEU A . n 
A 1 86  LYS 86  86  86  LYS LYS A . n 
A 1 87  ASP 87  87  87  ASP ASP A . n 
A 1 88  LEU 88  88  88  LEU LEU A . n 
A 1 89  GLY 89  89  89  GLY GLY A . n 
A 1 90  GLU 90  90  90  GLU GLU A . n 
A 1 91  GLU 91  91  91  GLU GLU A . n 
A 1 92  PRO 92  92  92  PRO PRO A . n 
A 1 93  TYR 93  93  93  TYR TYR A . n 
A 1 94  LYS 94  94  94  LYS LYS A . n 
A 1 95  PHE 95  95  95  PHE PHE A . n 
A 1 96  ASP 96  96  96  ASP ASP A . n 
A 1 97  LYS 97  97  97  LYS LYS A . n 
A 1 98  GLU 98  98  98  GLU GLU A . n 
A 1 99  LEU 99  99  99  LEU LEU A . n 
A 1 100 PRO 100 100 100 PRO PRO A . n 
A 1 101 TYR 101 101 101 TYR TYR A . n 
A 1 102 GLU 102 102 102 GLU GLU A . n 
A 1 103 ALA 103 103 103 ALA ALA A . n 
A 1 104 GLY 104 104 104 GLY GLY A . n 
A 1 105 ASN 105 105 105 ASN ASN A . n 
A 1 106 LYS 106 106 106 LYS LYS A . n 
A 1 107 ALA 107 107 107 ALA ALA A . n 
A 1 108 ILE 108 108 108 ILE ILE A . n 
A 1 109 GLY 109 109 109 GLY GLY A . n 
A 1 110 TRP 110 110 110 TRP TRP A . n 
A 1 111 LEU 111 111 111 LEU LEU A . n 
A 1 112 TYR 112 112 112 TYR TYR A . n 
A 1 113 CYS 113 113 113 CYS CYS A . n 
A 1 114 ALA 114 114 114 ALA ALA A . n 
A 1 115 GLU 115 115 115 GLU GLU A . n 
A 1 116 GLY 116 116 116 GLY GLY A . n 
A 1 117 SER 117 117 117 SER SER A . n 
A 1 118 ASN 118 118 118 ASN ASN A . n 
A 1 119 LEU 119 119 119 LEU LEU A . n 
A 1 120 GLY 120 120 120 GLY GLY A . n 
A 1 121 ALA 121 121 121 ALA ALA A . n 
A 1 122 ALA 122 122 122 ALA ALA A . n 
A 1 123 PHE 123 123 123 PHE PHE A . n 
A 1 124 LEU 124 124 124 LEU LEU A . n 
A 1 125 PHE 125 125 125 PHE PHE A . n 
A 1 126 LYS 126 126 126 LYS LYS A . n 
A 1 127 HIS 127 127 127 HIS HIS A . n 
A 1 128 ALA 128 128 128 ALA ALA A . n 
A 1 129 GLN 129 129 129 GLN GLN A . n 
A 1 130 LYS 130 130 130 LYS LYS A . n 
A 1 131 LEU 131 131 131 LEU LEU A . n 
A 1 132 ASP 132 132 132 ASP ASP A . n 
A 1 133 TYR 133 133 133 TYR TYR A . n 
A 1 134 ASN 134 134 134 ASN ASN A . n 
A 1 135 GLY 135 135 135 GLY GLY A . n 
A 1 136 GLU 136 136 136 GLU GLU A . n 
A 1 137 HIS 137 137 137 HIS HIS A . n 
A 1 138 GLY 138 138 138 GLY GLY A . n 
A 1 139 ALA 139 139 139 ALA ALA A . n 
A 1 140 ARG 140 140 140 ARG ARG A . n 
A 1 141 HIS 141 141 141 HIS HIS A . n 
A 1 142 LEU 142 142 142 LEU LEU A . n 
A 1 143 ALA 143 143 143 ALA ALA A . n 
A 1 144 PRO 144 144 144 PRO PRO A . n 
A 1 145 HIS 145 145 145 HIS HIS A . n 
A 1 146 PRO 146 146 146 PRO PRO A . n 
A 1 147 ASP 147 147 147 ASP ASP A . n 
A 1 148 GLY 148 148 148 GLY GLY A . n 
A 1 149 ARG 149 149 149 ARG ARG A . n 
A 1 150 GLY 150 150 150 GLY GLY A . n 
A 1 151 LYS 151 151 151 LYS LYS A . n 
A 1 152 HIS 152 152 152 HIS HIS A . n 
A 1 153 TRP 153 153 153 TRP TRP A . n 
A 1 154 ARG 154 154 154 ARG ARG A . n 
A 1 155 ALA 155 155 155 ALA ALA A . n 
A 1 156 PHE 156 156 156 PHE PHE A . n 
A 1 157 VAL 157 157 157 VAL VAL A . n 
A 1 158 GLU 158 158 158 GLU GLU A . n 
A 1 159 HIS 159 159 159 HIS HIS A . n 
A 1 160 LEU 160 160 160 LEU LEU A . n 
A 1 161 ASN 161 161 161 ASN ASN A . n 
A 1 162 ALA 162 162 162 ALA ALA A . n 
A 1 163 LEU 163 163 163 LEU LEU A . n 
A 1 164 ASN 164 164 164 ASN ASN A . n 
A 1 165 LEU 165 165 165 LEU LEU A . n 
A 1 166 THR 166 166 166 THR THR A . n 
A 1 167 PRO 167 167 167 PRO PRO A . n 
A 1 168 GLU 168 168 168 GLU GLU A . n 
A 1 169 ALA 169 169 169 ALA ALA A . n 
A 1 170 GLU 170 170 170 GLU GLU A . n 
A 1 171 ALA 171 171 171 ALA ALA A . n 
A 1 172 GLU 172 172 172 GLU GLU A . n 
A 1 173 ALA 173 173 173 ALA ALA A . n 
A 1 174 ILE 174 174 174 ILE ILE A . n 
A 1 175 GLN 175 175 175 GLN GLN A . n 
A 1 176 GLY 176 176 176 GLY GLY A . n 
A 1 177 ALA 177 177 177 ALA ALA A . n 
A 1 178 ARG 178 178 178 ARG ARG A . n 
A 1 179 GLU 179 179 179 GLU GLU A . n 
A 1 180 ALA 180 180 180 ALA ALA A . n 
A 1 181 PHE 181 181 181 PHE PHE A . n 
A 1 182 ALA 182 182 182 ALA ALA A . n 
A 1 183 PHE 183 183 183 PHE PHE A . n 
A 1 184 TYR 184 184 184 TYR TYR A . n 
A 1 185 LYS 185 185 185 LYS LYS A . n 
A 1 186 VAL 186 186 186 VAL VAL A . n 
A 1 187 VAL 187 187 187 VAL VAL A . n 
A 1 188 LEU 188 188 188 LEU LEU A . n 
A 1 189 ARG 189 189 189 ARG ARG A . n 
A 1 190 GLU 190 190 190 GLU GLU A . n 
A 1 191 THR 191 191 191 THR THR A . n 
A 1 192 PHE 192 192 192 PHE PHE A . n 
A 1 193 GLY 193 193 193 GLY GLY A . n 
A 1 194 LEU 194 194 194 LEU LEU A . n 
A 1 195 ALA 195 195 195 ALA ALA A . n 
A 1 196 ALA 196 196 196 ALA ALA A . n 
A 1 197 ASP 197 197 197 ASP ASP A . n 
A 1 198 ALA 198 198 198 ALA ALA A . n 
A 1 199 GLU 199 199 199 GLU GLU A . n 
A 1 200 ALA 200 200 200 ALA ALA A . n 
A 1 201 PRO 201 201 201 PRO PRO A . n 
A 1 202 GLU 202 202 202 GLU GLU A . n 
A 1 203 GLY 203 203 203 GLY GLY A . n 
A 1 204 MET 204 204 204 MET MET A . n 
A 1 205 MET 205 205 205 MET MET A . n 
A 1 206 PRO 206 206 206 PRO PRO A . n 
A 1 207 HIS 207 207 ?   ?   ?   A . n 
A 1 208 ARG 208 208 ?   ?   ?   A . n 
A 1 209 HIS 209 209 ?   ?   ?   A . n 
# 
loop_
_pdbx_nonpoly_scheme.asym_id 
_pdbx_nonpoly_scheme.entity_id 
_pdbx_nonpoly_scheme.mon_id 
_pdbx_nonpoly_scheme.ndb_seq_num 
_pdbx_nonpoly_scheme.pdb_seq_num 
_pdbx_nonpoly_scheme.auth_seq_num 
_pdbx_nonpoly_scheme.pdb_mon_id 
_pdbx_nonpoly_scheme.auth_mon_id 
_pdbx_nonpoly_scheme.pdb_strand_id 
_pdbx_nonpoly_scheme.pdb_ins_code 
B 2 HEM 1  300 300 HEM HEM A . 
C 3 CMO 1  400 400 CMO CMO A . 
D 4 HOH 1  401 1   HOH HOH A . 
D 4 HOH 2  402 2   HOH HOH A . 
D 4 HOH 3  403 3   HOH HOH A . 
D 4 HOH 4  404 4   HOH HOH A . 
D 4 HOH 5  405 5   HOH HOH A . 
D 4 HOH 6  406 6   HOH HOH A . 
D 4 HOH 7  407 7   HOH HOH A . 
D 4 HOH 8  408 8   HOH HOH A . 
D 4 HOH 9  409 9   HOH HOH A . 
D 4 HOH 10 410 10  HOH HOH A . 
D 4 HOH 11 411 11  HOH HOH A . 
D 4 HOH 12 412 12  HOH HOH A . 
D 4 HOH 13 413 13  HOH HOH A . 
D 4 HOH 14 414 14  HOH HOH A . 
D 4 HOH 15 415 15  HOH HOH A . 
D 4 HOH 16 416 16  HOH HOH A . 
D 4 HOH 17 417 17  HOH HOH A . 
D 4 HOH 18 418 18  HOH HOH A . 
D 4 HOH 19 419 19  HOH HOH A . 
D 4 HOH 20 420 20  HOH HOH A . 
D 4 HOH 21 421 21  HOH HOH A . 
D 4 HOH 22 422 22  HOH HOH A . 
D 4 HOH 23 423 23  HOH HOH A . 
D 4 HOH 24 424 24  HOH HOH A . 
D 4 HOH 25 425 25  HOH HOH A . 
D 4 HOH 26 426 26  HOH HOH A . 
D 4 HOH 27 427 27  HOH HOH A . 
D 4 HOH 28 428 28  HOH HOH A . 
D 4 HOH 29 429 29  HOH HOH A . 
D 4 HOH 30 430 30  HOH HOH A . 
D 4 HOH 31 431 31  HOH HOH A . 
D 4 HOH 32 432 32  HOH HOH A . 
D 4 HOH 33 433 33  HOH HOH A . 
D 4 HOH 34 434 34  HOH HOH A . 
D 4 HOH 35 435 35  HOH HOH A . 
D 4 HOH 36 436 36  HOH HOH A . 
D 4 HOH 37 437 37  HOH HOH A . 
D 4 HOH 38 438 38  HOH HOH A . 
D 4 HOH 39 439 39  HOH HOH A . 
D 4 HOH 40 440 40  HOH HOH A . 
D 4 HOH 41 441 41  HOH HOH A . 
D 4 HOH 42 442 42  HOH HOH A . 
D 4 HOH 43 443 43  HOH HOH A . 
D 4 HOH 44 444 44  HOH HOH A . 
D 4 HOH 45 445 45  HOH HOH A . 
D 4 HOH 46 446 46  HOH HOH A . 
D 4 HOH 47 447 47  HOH HOH A . 
D 4 HOH 48 448 48  HOH HOH A . 
D 4 HOH 49 449 49  HOH HOH A . 
D 4 HOH 50 450 50  HOH HOH A . 
D 4 HOH 51 451 51  HOH HOH A . 
D 4 HOH 52 452 52  HOH HOH A . 
# 
_pdbx_struct_assembly.id                   1 
_pdbx_struct_assembly.details              author_defined_assembly 
_pdbx_struct_assembly.method_details       ? 
_pdbx_struct_assembly.oligomeric_details   monomeric 
_pdbx_struct_assembly.oligomeric_count     1 
# 
_pdbx_struct_assembly_gen.assembly_id       1 
_pdbx_struct_assembly_gen.oper_expression   1 
_pdbx_struct_assembly_gen.asym_id_list      A,B,C,D 
# 
_pdbx_struct_oper_list.id                   1 
_pdbx_struct_oper_list.type                 'identity operation' 
_pdbx_struct_oper_list.name                 1_555 
_pdbx_struct_oper_list.symmetry_operation   x,y,z 
_pdbx_struct_oper_list.matrix[1][1]         1.0000000000 
_pdbx_struct_oper_list.matrix[1][2]         0.0000000000 
_pdbx_struct_oper_list.matrix[1][3]         0.0000000000 
_pdbx_struct_oper_list.vector[1]            0.0000000000 
_pdbx_struct_oper_list.matrix[2][1]         0.0000000000 
_pdbx_struct_oper_list.matrix[2][2]         1.0000000000 
_pdbx_struct_oper_list.matrix[2][3]         0.0000000000 
_pdbx_struct_oper_list.vector[2]            0.0000000000 
_pdbx_struct_oper_list.matrix[3][1]         0.0000000000 
_pdbx_struct_oper_list.matrix[3][2]         0.0000000000 
_pdbx_struct_oper_list.matrix[3][3]         1.0000000000 
_pdbx_struct_oper_list.vector[3]            0.0000000000 
# 
_pdbx_struct_special_symmetry.id              1 
_pdbx_struct_special_symmetry.PDB_model_num   1 
_pdbx_struct_special_symmetry.auth_asym_id    A 
_pdbx_struct_special_symmetry.auth_comp_id    HOH 
_pdbx_struct_special_symmetry.auth_seq_id     452 
_pdbx_struct_special_symmetry.PDB_ins_code    ? 
_pdbx_struct_special_symmetry.label_asym_id   D 
_pdbx_struct_special_symmetry.label_comp_id   HOH 
_pdbx_struct_special_symmetry.label_seq_id    . 
# 
loop_
_pdbx_struct_conn_angle.id 
_pdbx_struct_conn_angle.ptnr1_label_atom_id 
_pdbx_struct_conn_angle.ptnr1_label_alt_id 
_pdbx_struct_conn_angle.ptnr1_label_asym_id 
_pdbx_struct_conn_angle.ptnr1_label_comp_id 
_pdbx_struct_conn_angle.ptnr1_label_seq_id 
_pdbx_struct_conn_angle.ptnr1_auth_atom_id 
_pdbx_struct_conn_angle.ptnr1_auth_asym_id 
_pdbx_struct_conn_angle.ptnr1_auth_comp_id 
_pdbx_struct_conn_angle.ptnr1_auth_seq_id 
_pdbx_struct_conn_angle.ptnr1_PDB_ins_code 
_pdbx_struct_conn_angle.ptnr1_symmetry 
_pdbx_struct_conn_angle.ptnr2_label_atom_id 
_pdbx_struct_conn_angle.ptnr2_label_alt_id 
_pdbx_struct_conn_angle.ptnr2_label_asym_id 
_pdbx_struct_conn_angle.ptnr2_label_comp_id 
_pdbx_struct_conn_angle.ptnr2_label_seq_id 
_pdbx_struct_conn_angle.ptnr2_auth_atom_id 
_pdbx_struct_conn_angle.ptnr2_auth_asym_id 
_pdbx_struct_conn_angle.ptnr2_auth_comp_id 
_pdbx_struct_conn_angle.ptnr2_auth_seq_id 
_pdbx_struct_conn_angle.ptnr2_PDB_ins_code 
_pdbx_struct_conn_angle.ptnr2_symmetry 
_pdbx_struct_conn_angle.ptnr3_label_atom_id 
_pdbx_struct_conn_angle.ptnr3_label_alt_id 
_pdbx_struct_conn_angle.ptnr3_label_asym_id 
_pdbx_struct_conn_angle.ptnr3_label_comp_id 
_pdbx_struct_conn_angle.ptnr3_label_seq_id 
_pdbx_struct_conn_angle.ptnr3_auth_atom_id 
_pdbx_struct_conn_angle.ptnr3_auth_asym_id 
_pdbx_struct_conn_angle.ptnr3_auth_comp_id 
_pdbx_struct_conn_angle.ptnr3_auth_seq_id 
_pdbx_struct_conn_angle.ptnr3_PDB_ins_code 
_pdbx_struct_conn_angle.ptnr3_symmetry 
_pdbx_struct_conn_angle.value 
_pdbx_struct_conn_angle.value_esd 
1  NE2 ? A HIS 23 ? A HIS 23  ? 1_555 FE ? B HEM . ? A HEM 300 ? 1_555 NA ? B HEM . ? A HEM 300 ? 1_555 94.4  ? 
2  NE2 ? A HIS 23 ? A HIS 23  ? 1_555 FE ? B HEM . ? A HEM 300 ? 1_555 NB ? B HEM . ? A HEM 300 ? 1_555 100.1 ? 
3  NA  ? B HEM .  ? A HEM 300 ? 1_555 FE ? B HEM . ? A HEM 300 ? 1_555 NB ? B HEM . ? A HEM 300 ? 1_555 89.2  ? 
4  NE2 ? A HIS 23 ? A HIS 23  ? 1_555 FE ? B HEM . ? A HEM 300 ? 1_555 NC ? B HEM . ? A HEM 300 ? 1_555 90.0  ? 
5  NA  ? B HEM .  ? A HEM 300 ? 1_555 FE ? B HEM . ? A HEM 300 ? 1_555 NC ? B HEM . ? A HEM 300 ? 1_555 175.3 ? 
6  NB  ? B HEM .  ? A HEM 300 ? 1_555 FE ? B HEM . ? A HEM 300 ? 1_555 NC ? B HEM . ? A HEM 300 ? 1_555 88.4  ? 
7  NE2 ? A HIS 23 ? A HIS 23  ? 1_555 FE ? B HEM . ? A HEM 300 ? 1_555 ND ? B HEM . ? A HEM 300 ? 1_555 85.4  ? 
8  NA  ? B HEM .  ? A HEM 300 ? 1_555 FE ? B HEM . ? A HEM 300 ? 1_555 ND ? B HEM . ? A HEM 300 ? 1_555 92.9  ? 
9  NB  ? B HEM .  ? A HEM 300 ? 1_555 FE ? B HEM . ? A HEM 300 ? 1_555 ND ? B HEM . ? A HEM 300 ? 1_555 174.0 ? 
10 NC  ? B HEM .  ? A HEM 300 ? 1_555 FE ? B HEM . ? A HEM 300 ? 1_555 ND ? B HEM . ? A HEM 300 ? 1_555 89.0  ? 
11 NE2 ? A HIS 23 ? A HIS 23  ? 1_555 FE ? B HEM . ? A HEM 300 ? 1_555 C  ? C CMO . ? A CMO 400 ? 1_555 176.5 ? 
12 NA  ? B HEM .  ? A HEM 300 ? 1_555 FE ? B HEM . ? A HEM 300 ? 1_555 C  ? C CMO . ? A CMO 400 ? 1_555 86.0  ? 
13 NB  ? B HEM .  ? A HEM 300 ? 1_555 FE ? B HEM . ? A HEM 300 ? 1_555 C  ? C CMO . ? A CMO 400 ? 1_555 83.4  ? 
14 NC  ? B HEM .  ? A HEM 300 ? 1_555 FE ? B HEM . ? A HEM 300 ? 1_555 C  ? C CMO . ? A CMO 400 ? 1_555 89.6  ? 
15 ND  ? B HEM .  ? A HEM 300 ? 1_555 FE ? B HEM . ? A HEM 300 ? 1_555 C  ? C CMO . ? A CMO 400 ? 1_555 91.1  ? 
16 NE2 ? A HIS 23 ? A HIS 23  ? 1_555 FE ? B HEM . ? A HEM 300 ? 1_555 O  ? C CMO . ? A CMO 400 ? 1_555 175.7 ? 
17 NA  ? B HEM .  ? A HEM 300 ? 1_555 FE ? B HEM . ? A HEM 300 ? 1_555 O  ? C CMO . ? A CMO 400 ? 1_555 89.7  ? 
18 NB  ? B HEM .  ? A HEM 300 ? 1_555 FE ? B HEM . ? A HEM 300 ? 1_555 O  ? C CMO . ? A CMO 400 ? 1_555 79.2  ? 
19 NC  ? B HEM .  ? A HEM 300 ? 1_555 FE ? B HEM . ? A HEM 300 ? 1_555 O  ? C CMO . ? A CMO 400 ? 1_555 85.8  ? 
20 ND  ? B HEM .  ? A HEM 300 ? 1_555 FE ? B HEM . ? A HEM 300 ? 1_555 O  ? C CMO . ? A CMO 400 ? 1_555 95.2  ? 
21 C   ? C CMO .  ? A CMO 400 ? 1_555 FE ? B HEM . ? A HEM 300 ? 1_555 O  ? C CMO . ? A CMO 400 ? 1_555 5.7   ? 
# 
loop_
_pdbx_audit_revision_history.ordinal 
_pdbx_audit_revision_history.data_content_type 
_pdbx_audit_revision_history.major_revision 
_pdbx_audit_revision_history.minor_revision 
_pdbx_audit_revision_history.revision_date 
1 'Structure model' 1 0 2003-12-09 
2 'Structure model' 1 1 2008-04-29 
3 'Structure model' 1 2 2011-07-13 
4 'Structure model' 1 3 2011-11-16 
5 'Structure model' 1 4 2023-08-16 
# 
_pdbx_audit_revision_details.ordinal             1 
_pdbx_audit_revision_details.revision_ordinal    1 
_pdbx_audit_revision_details.data_content_type   'Structure model' 
_pdbx_audit_revision_details.provider            repository 
_pdbx_audit_revision_details.type                'Initial release' 
_pdbx_audit_revision_details.description         ? 
_pdbx_audit_revision_details.details             ? 
# 
loop_
_pdbx_audit_revision_group.ordinal 
_pdbx_audit_revision_group.revision_ordinal 
_pdbx_audit_revision_group.data_content_type 
_pdbx_audit_revision_group.group 
1 2 'Structure model' 'Version format compliance' 
2 3 'Structure model' 'Version format compliance' 
3 4 'Structure model' 'Atomic model'              
4 5 'Structure model' 'Data collection'           
5 5 'Structure model' 'Database references'       
6 5 'Structure model' 'Derived calculations'      
7 5 'Structure model' 'Refinement description'    
# 
loop_
_pdbx_audit_revision_category.ordinal 
_pdbx_audit_revision_category.revision_ordinal 
_pdbx_audit_revision_category.data_content_type 
_pdbx_audit_revision_category.category 
1 5 'Structure model' chem_comp_atom                
2 5 'Structure model' chem_comp_bond                
3 5 'Structure model' database_2                    
4 5 'Structure model' pdbx_initial_refinement_model 
5 5 'Structure model' struct_conn                   
6 5 'Structure model' struct_site                   
# 
loop_
_pdbx_audit_revision_item.ordinal 
_pdbx_audit_revision_item.revision_ordinal 
_pdbx_audit_revision_item.data_content_type 
_pdbx_audit_revision_item.item 
1  5 'Structure model' '_database_2.pdbx_DOI'                
2  5 'Structure model' '_database_2.pdbx_database_accession' 
3  5 'Structure model' '_struct_conn.ptnr1_auth_comp_id'     
4  5 'Structure model' '_struct_conn.ptnr1_auth_seq_id'      
5  5 'Structure model' '_struct_conn.ptnr1_label_asym_id'    
6  5 'Structure model' '_struct_conn.ptnr1_label_atom_id'    
7  5 'Structure model' '_struct_conn.ptnr1_label_comp_id'    
8  5 'Structure model' '_struct_conn.ptnr1_label_seq_id'     
9  5 'Structure model' '_struct_conn.ptnr2_auth_comp_id'     
10 5 'Structure model' '_struct_conn.ptnr2_auth_seq_id'      
11 5 'Structure model' '_struct_conn.ptnr2_label_asym_id'    
12 5 'Structure model' '_struct_conn.ptnr2_label_atom_id'    
13 5 'Structure model' '_struct_conn.ptnr2_label_comp_id'    
14 5 'Structure model' '_struct_conn.ptnr2_label_seq_id'     
15 5 'Structure model' '_struct_site.pdbx_auth_asym_id'      
16 5 'Structure model' '_struct_site.pdbx_auth_comp_id'      
17 5 'Structure model' '_struct_site.pdbx_auth_seq_id'       
# 
loop_
_software.name 
_software.classification 
_software.version 
_software.citation_id 
_software.pdbx_ordinal 
HKL-2000  'data collection' . ? 1 
SCALEPACK 'data scaling'    . ? 2 
CNS       refinement        . ? 3 
HKL-2000  'data reduction'  . ? 4 
CNS       phasing           . ? 5 
# 
loop_
_pdbx_validate_torsion.id 
_pdbx_validate_torsion.PDB_model_num 
_pdbx_validate_torsion.auth_comp_id 
_pdbx_validate_torsion.auth_asym_id 
_pdbx_validate_torsion.auth_seq_id 
_pdbx_validate_torsion.PDB_ins_code 
_pdbx_validate_torsion.label_alt_id 
_pdbx_validate_torsion.phi 
_pdbx_validate_torsion.psi 
1  1 LEU A 9   ? ? -80.90  -90.95  
2  1 GLN A 34  ? ? 45.38   71.96   
3  1 LEU A 88  ? ? -99.80  46.09   
4  1 PRO A 92  ? ? -55.52  104.33  
5  1 TYR A 93  ? ? -36.90  147.56  
6  1 ALA A 121 ? ? -57.03  -8.96   
7  1 LEU A 131 ? ? -64.63  12.22   
8  1 ASP A 132 ? ? 74.27   32.31   
9  1 ASN A 134 ? ? -162.00 -168.00 
10 1 ASN A 164 ? ? 34.64   79.69   
# 
loop_
_pdbx_unobs_or_zero_occ_residues.id 
_pdbx_unobs_or_zero_occ_residues.PDB_model_num 
_pdbx_unobs_or_zero_occ_residues.polymer_flag 
_pdbx_unobs_or_zero_occ_residues.occupancy_flag 
_pdbx_unobs_or_zero_occ_residues.auth_asym_id 
_pdbx_unobs_or_zero_occ_residues.auth_comp_id 
_pdbx_unobs_or_zero_occ_residues.auth_seq_id 
_pdbx_unobs_or_zero_occ_residues.PDB_ins_code 
_pdbx_unobs_or_zero_occ_residues.label_asym_id 
_pdbx_unobs_or_zero_occ_residues.label_comp_id 
_pdbx_unobs_or_zero_occ_residues.label_seq_id 
1  1 Y 1 A MET 1   ? A MET 1   
2  1 Y 1 A SER 2   ? A SER 2   
3  1 Y 1 A GLU 3   ? A GLU 3   
4  1 Y 1 A THR 4   ? A THR 4   
5  1 Y 1 A GLU 5   ? A GLU 5   
6  1 Y 1 A ASN 6   ? A ASN 6   
7  1 Y 1 A GLN 7   ? A GLN 7   
8  1 Y 1 A HIS 207 ? A HIS 207 
9  1 Y 1 A ARG 208 ? A ARG 208 
10 1 Y 1 A HIS 209 ? A HIS 209 
# 
loop_
_chem_comp_atom.comp_id 
_chem_comp_atom.atom_id 
_chem_comp_atom.type_symbol 
_chem_comp_atom.pdbx_aromatic_flag 
_chem_comp_atom.pdbx_stereo_config 
_chem_comp_atom.pdbx_ordinal 
ALA N    N  N N 1   
ALA CA   C  N S 2   
ALA C    C  N N 3   
ALA O    O  N N 4   
ALA CB   C  N N 5   
ALA OXT  O  N N 6   
ALA H    H  N N 7   
ALA H2   H  N N 8   
ALA HA   H  N N 9   
ALA HB1  H  N N 10  
ALA HB2  H  N N 11  
ALA HB3  H  N N 12  
ALA HXT  H  N N 13  
ARG N    N  N N 14  
ARG CA   C  N S 15  
ARG C    C  N N 16  
ARG O    O  N N 17  
ARG CB   C  N N 18  
ARG CG   C  N N 19  
ARG CD   C  N N 20  
ARG NE   N  N N 21  
ARG CZ   C  N N 22  
ARG NH1  N  N N 23  
ARG NH2  N  N N 24  
ARG OXT  O  N N 25  
ARG H    H  N N 26  
ARG H2   H  N N 27  
ARG HA   H  N N 28  
ARG HB2  H  N N 29  
ARG HB3  H  N N 30  
ARG HG2  H  N N 31  
ARG HG3  H  N N 32  
ARG HD2  H  N N 33  
ARG HD3  H  N N 34  
ARG HE   H  N N 35  
ARG HH11 H  N N 36  
ARG HH12 H  N N 37  
ARG HH21 H  N N 38  
ARG HH22 H  N N 39  
ARG HXT  H  N N 40  
ASN N    N  N N 41  
ASN CA   C  N S 42  
ASN C    C  N N 43  
ASN O    O  N N 44  
ASN CB   C  N N 45  
ASN CG   C  N N 46  
ASN OD1  O  N N 47  
ASN ND2  N  N N 48  
ASN OXT  O  N N 49  
ASN H    H  N N 50  
ASN H2   H  N N 51  
ASN HA   H  N N 52  
ASN HB2  H  N N 53  
ASN HB3  H  N N 54  
ASN HD21 H  N N 55  
ASN HD22 H  N N 56  
ASN HXT  H  N N 57  
ASP N    N  N N 58  
ASP CA   C  N S 59  
ASP C    C  N N 60  
ASP O    O  N N 61  
ASP CB   C  N N 62  
ASP CG   C  N N 63  
ASP OD1  O  N N 64  
ASP OD2  O  N N 65  
ASP OXT  O  N N 66  
ASP H    H  N N 67  
ASP H2   H  N N 68  
ASP HA   H  N N 69  
ASP HB2  H  N N 70  
ASP HB3  H  N N 71  
ASP HD2  H  N N 72  
ASP HXT  H  N N 73  
CMO C    C  N N 74  
CMO O    O  N N 75  
CYS N    N  N N 76  
CYS CA   C  N R 77  
CYS C    C  N N 78  
CYS O    O  N N 79  
CYS CB   C  N N 80  
CYS SG   S  N N 81  
CYS OXT  O  N N 82  
CYS H    H  N N 83  
CYS H2   H  N N 84  
CYS HA   H  N N 85  
CYS HB2  H  N N 86  
CYS HB3  H  N N 87  
CYS HG   H  N N 88  
CYS HXT  H  N N 89  
GLN N    N  N N 90  
GLN CA   C  N S 91  
GLN C    C  N N 92  
GLN O    O  N N 93  
GLN CB   C  N N 94  
GLN CG   C  N N 95  
GLN CD   C  N N 96  
GLN OE1  O  N N 97  
GLN NE2  N  N N 98  
GLN OXT  O  N N 99  
GLN H    H  N N 100 
GLN H2   H  N N 101 
GLN HA   H  N N 102 
GLN HB2  H  N N 103 
GLN HB3  H  N N 104 
GLN HG2  H  N N 105 
GLN HG3  H  N N 106 
GLN HE21 H  N N 107 
GLN HE22 H  N N 108 
GLN HXT  H  N N 109 
GLU N    N  N N 110 
GLU CA   C  N S 111 
GLU C    C  N N 112 
GLU O    O  N N 113 
GLU CB   C  N N 114 
GLU CG   C  N N 115 
GLU CD   C  N N 116 
GLU OE1  O  N N 117 
GLU OE2  O  N N 118 
GLU OXT  O  N N 119 
GLU H    H  N N 120 
GLU H2   H  N N 121 
GLU HA   H  N N 122 
GLU HB2  H  N N 123 
GLU HB3  H  N N 124 
GLU HG2  H  N N 125 
GLU HG3  H  N N 126 
GLU HE2  H  N N 127 
GLU HXT  H  N N 128 
GLY N    N  N N 129 
GLY CA   C  N N 130 
GLY C    C  N N 131 
GLY O    O  N N 132 
GLY OXT  O  N N 133 
GLY H    H  N N 134 
GLY H2   H  N N 135 
GLY HA2  H  N N 136 
GLY HA3  H  N N 137 
GLY HXT  H  N N 138 
HEM CHA  C  N N 139 
HEM CHB  C  N N 140 
HEM CHC  C  N N 141 
HEM CHD  C  N N 142 
HEM C1A  C  Y N 143 
HEM C2A  C  Y N 144 
HEM C3A  C  Y N 145 
HEM C4A  C  Y N 146 
HEM CMA  C  N N 147 
HEM CAA  C  N N 148 
HEM CBA  C  N N 149 
HEM CGA  C  N N 150 
HEM O1A  O  N N 151 
HEM O2A  O  N N 152 
HEM C1B  C  N N 153 
HEM C2B  C  N N 154 
HEM C3B  C  N N 155 
HEM C4B  C  N N 156 
HEM CMB  C  N N 157 
HEM CAB  C  N N 158 
HEM CBB  C  N N 159 
HEM C1C  C  Y N 160 
HEM C2C  C  Y N 161 
HEM C3C  C  Y N 162 
HEM C4C  C  Y N 163 
HEM CMC  C  N N 164 
HEM CAC  C  N N 165 
HEM CBC  C  N N 166 
HEM C1D  C  N N 167 
HEM C2D  C  N N 168 
HEM C3D  C  N N 169 
HEM C4D  C  N N 170 
HEM CMD  C  N N 171 
HEM CAD  C  N N 172 
HEM CBD  C  N N 173 
HEM CGD  C  N N 174 
HEM O1D  O  N N 175 
HEM O2D  O  N N 176 
HEM NA   N  Y N 177 
HEM NB   N  N N 178 
HEM NC   N  Y N 179 
HEM ND   N  N N 180 
HEM FE   FE N N 181 
HEM HHB  H  N N 182 
HEM HHC  H  N N 183 
HEM HHD  H  N N 184 
HEM HMA  H  N N 185 
HEM HMAA H  N N 186 
HEM HMAB H  N N 187 
HEM HAA  H  N N 188 
HEM HAAA H  N N 189 
HEM HBA  H  N N 190 
HEM HBAA H  N N 191 
HEM HMB  H  N N 192 
HEM HMBA H  N N 193 
HEM HMBB H  N N 194 
HEM HAB  H  N N 195 
HEM HBB  H  N N 196 
HEM HBBA H  N N 197 
HEM HMC  H  N N 198 
HEM HMCA H  N N 199 
HEM HMCB H  N N 200 
HEM HAC  H  N N 201 
HEM HBC  H  N N 202 
HEM HBCA H  N N 203 
HEM HMD  H  N N 204 
HEM HMDA H  N N 205 
HEM HMDB H  N N 206 
HEM HAD  H  N N 207 
HEM HADA H  N N 208 
HEM HBD  H  N N 209 
HEM HBDA H  N N 210 
HEM H2A  H  N N 211 
HEM H2D  H  N N 212 
HEM HHA  H  N N 213 
HIS N    N  N N 214 
HIS CA   C  N S 215 
HIS C    C  N N 216 
HIS O    O  N N 217 
HIS CB   C  N N 218 
HIS CG   C  Y N 219 
HIS ND1  N  Y N 220 
HIS CD2  C  Y N 221 
HIS CE1  C  Y N 222 
HIS NE2  N  Y N 223 
HIS OXT  O  N N 224 
HIS H    H  N N 225 
HIS H2   H  N N 226 
HIS HA   H  N N 227 
HIS HB2  H  N N 228 
HIS HB3  H  N N 229 
HIS HD1  H  N N 230 
HIS HD2  H  N N 231 
HIS HE1  H  N N 232 
HIS HE2  H  N N 233 
HIS HXT  H  N N 234 
HOH O    O  N N 235 
HOH H1   H  N N 236 
HOH H2   H  N N 237 
ILE N    N  N N 238 
ILE CA   C  N S 239 
ILE C    C  N N 240 
ILE O    O  N N 241 
ILE CB   C  N S 242 
ILE CG1  C  N N 243 
ILE CG2  C  N N 244 
ILE CD1  C  N N 245 
ILE OXT  O  N N 246 
ILE H    H  N N 247 
ILE H2   H  N N 248 
ILE HA   H  N N 249 
ILE HB   H  N N 250 
ILE HG12 H  N N 251 
ILE HG13 H  N N 252 
ILE HG21 H  N N 253 
ILE HG22 H  N N 254 
ILE HG23 H  N N 255 
ILE HD11 H  N N 256 
ILE HD12 H  N N 257 
ILE HD13 H  N N 258 
ILE HXT  H  N N 259 
LEU N    N  N N 260 
LEU CA   C  N S 261 
LEU C    C  N N 262 
LEU O    O  N N 263 
LEU CB   C  N N 264 
LEU CG   C  N N 265 
LEU CD1  C  N N 266 
LEU CD2  C  N N 267 
LEU OXT  O  N N 268 
LEU H    H  N N 269 
LEU H2   H  N N 270 
LEU HA   H  N N 271 
LEU HB2  H  N N 272 
LEU HB3  H  N N 273 
LEU HG   H  N N 274 
LEU HD11 H  N N 275 
LEU HD12 H  N N 276 
LEU HD13 H  N N 277 
LEU HD21 H  N N 278 
LEU HD22 H  N N 279 
LEU HD23 H  N N 280 
LEU HXT  H  N N 281 
LYS N    N  N N 282 
LYS CA   C  N S 283 
LYS C    C  N N 284 
LYS O    O  N N 285 
LYS CB   C  N N 286 
LYS CG   C  N N 287 
LYS CD   C  N N 288 
LYS CE   C  N N 289 
LYS NZ   N  N N 290 
LYS OXT  O  N N 291 
LYS H    H  N N 292 
LYS H2   H  N N 293 
LYS HA   H  N N 294 
LYS HB2  H  N N 295 
LYS HB3  H  N N 296 
LYS HG2  H  N N 297 
LYS HG3  H  N N 298 
LYS HD2  H  N N 299 
LYS HD3  H  N N 300 
LYS HE2  H  N N 301 
LYS HE3  H  N N 302 
LYS HZ1  H  N N 303 
LYS HZ2  H  N N 304 
LYS HZ3  H  N N 305 
LYS HXT  H  N N 306 
MET N    N  N N 307 
MET CA   C  N S 308 
MET C    C  N N 309 
MET O    O  N N 310 
MET CB   C  N N 311 
MET CG   C  N N 312 
MET SD   S  N N 313 
MET CE   C  N N 314 
MET OXT  O  N N 315 
MET H    H  N N 316 
MET H2   H  N N 317 
MET HA   H  N N 318 
MET HB2  H  N N 319 
MET HB3  H  N N 320 
MET HG2  H  N N 321 
MET HG3  H  N N 322 
MET HE1  H  N N 323 
MET HE2  H  N N 324 
MET HE3  H  N N 325 
MET HXT  H  N N 326 
PHE N    N  N N 327 
PHE CA   C  N S 328 
PHE C    C  N N 329 
PHE O    O  N N 330 
PHE CB   C  N N 331 
PHE CG   C  Y N 332 
PHE CD1  C  Y N 333 
PHE CD2  C  Y N 334 
PHE CE1  C  Y N 335 
PHE CE2  C  Y N 336 
PHE CZ   C  Y N 337 
PHE OXT  O  N N 338 
PHE H    H  N N 339 
PHE H2   H  N N 340 
PHE HA   H  N N 341 
PHE HB2  H  N N 342 
PHE HB3  H  N N 343 
PHE HD1  H  N N 344 
PHE HD2  H  N N 345 
PHE HE1  H  N N 346 
PHE HE2  H  N N 347 
PHE HZ   H  N N 348 
PHE HXT  H  N N 349 
PRO N    N  N N 350 
PRO CA   C  N S 351 
PRO C    C  N N 352 
PRO O    O  N N 353 
PRO CB   C  N N 354 
PRO CG   C  N N 355 
PRO CD   C  N N 356 
PRO OXT  O  N N 357 
PRO H    H  N N 358 
PRO HA   H  N N 359 
PRO HB2  H  N N 360 
PRO HB3  H  N N 361 
PRO HG2  H  N N 362 
PRO HG3  H  N N 363 
PRO HD2  H  N N 364 
PRO HD3  H  N N 365 
PRO HXT  H  N N 366 
SER N    N  N N 367 
SER CA   C  N S 368 
SER C    C  N N 369 
SER O    O  N N 370 
SER CB   C  N N 371 
SER OG   O  N N 372 
SER OXT  O  N N 373 
SER H    H  N N 374 
SER H2   H  N N 375 
SER HA   H  N N 376 
SER HB2  H  N N 377 
SER HB3  H  N N 378 
SER HG   H  N N 379 
SER HXT  H  N N 380 
THR N    N  N N 381 
THR CA   C  N S 382 
THR C    C  N N 383 
THR O    O  N N 384 
THR CB   C  N R 385 
THR OG1  O  N N 386 
THR CG2  C  N N 387 
THR OXT  O  N N 388 
THR H    H  N N 389 
THR H2   H  N N 390 
THR HA   H  N N 391 
THR HB   H  N N 392 
THR HG1  H  N N 393 
THR HG21 H  N N 394 
THR HG22 H  N N 395 
THR HG23 H  N N 396 
THR HXT  H  N N 397 
TRP N    N  N N 398 
TRP CA   C  N S 399 
TRP C    C  N N 400 
TRP O    O  N N 401 
TRP CB   C  N N 402 
TRP CG   C  Y N 403 
TRP CD1  C  Y N 404 
TRP CD2  C  Y N 405 
TRP NE1  N  Y N 406 
TRP CE2  C  Y N 407 
TRP CE3  C  Y N 408 
TRP CZ2  C  Y N 409 
TRP CZ3  C  Y N 410 
TRP CH2  C  Y N 411 
TRP OXT  O  N N 412 
TRP H    H  N N 413 
TRP H2   H  N N 414 
TRP HA   H  N N 415 
TRP HB2  H  N N 416 
TRP HB3  H  N N 417 
TRP HD1  H  N N 418 
TRP HE1  H  N N 419 
TRP HE3  H  N N 420 
TRP HZ2  H  N N 421 
TRP HZ3  H  N N 422 
TRP HH2  H  N N 423 
TRP HXT  H  N N 424 
TYR N    N  N N 425 
TYR CA   C  N S 426 
TYR C    C  N N 427 
TYR O    O  N N 428 
TYR CB   C  N N 429 
TYR CG   C  Y N 430 
TYR CD1  C  Y N 431 
TYR CD2  C  Y N 432 
TYR CE1  C  Y N 433 
TYR CE2  C  Y N 434 
TYR CZ   C  Y N 435 
TYR OH   O  N N 436 
TYR OXT  O  N N 437 
TYR H    H  N N 438 
TYR H2   H  N N 439 
TYR HA   H  N N 440 
TYR HB2  H  N N 441 
TYR HB3  H  N N 442 
TYR HD1  H  N N 443 
TYR HD2  H  N N 444 
TYR HE1  H  N N 445 
TYR HE2  H  N N 446 
TYR HH   H  N N 447 
TYR HXT  H  N N 448 
VAL N    N  N N 449 
VAL CA   C  N S 450 
VAL C    C  N N 451 
VAL O    O  N N 452 
VAL CB   C  N N 453 
VAL CG1  C  N N 454 
VAL CG2  C  N N 455 
VAL OXT  O  N N 456 
VAL H    H  N N 457 
VAL H2   H  N N 458 
VAL HA   H  N N 459 
VAL HB   H  N N 460 
VAL HG11 H  N N 461 
VAL HG12 H  N N 462 
VAL HG13 H  N N 463 
VAL HG21 H  N N 464 
VAL HG22 H  N N 465 
VAL HG23 H  N N 466 
VAL HXT  H  N N 467 
# 
loop_
_chem_comp_bond.comp_id 
_chem_comp_bond.atom_id_1 
_chem_comp_bond.atom_id_2 
_chem_comp_bond.value_order 
_chem_comp_bond.pdbx_aromatic_flag 
_chem_comp_bond.pdbx_stereo_config 
_chem_comp_bond.pdbx_ordinal 
ALA N   CA   sing N N 1   
ALA N   H    sing N N 2   
ALA N   H2   sing N N 3   
ALA CA  C    sing N N 4   
ALA CA  CB   sing N N 5   
ALA CA  HA   sing N N 6   
ALA C   O    doub N N 7   
ALA C   OXT  sing N N 8   
ALA CB  HB1  sing N N 9   
ALA CB  HB2  sing N N 10  
ALA CB  HB3  sing N N 11  
ALA OXT HXT  sing N N 12  
ARG N   CA   sing N N 13  
ARG N   H    sing N N 14  
ARG N   H2   sing N N 15  
ARG CA  C    sing N N 16  
ARG CA  CB   sing N N 17  
ARG CA  HA   sing N N 18  
ARG C   O    doub N N 19  
ARG C   OXT  sing N N 20  
ARG CB  CG   sing N N 21  
ARG CB  HB2  sing N N 22  
ARG CB  HB3  sing N N 23  
ARG CG  CD   sing N N 24  
ARG CG  HG2  sing N N 25  
ARG CG  HG3  sing N N 26  
ARG CD  NE   sing N N 27  
ARG CD  HD2  sing N N 28  
ARG CD  HD3  sing N N 29  
ARG NE  CZ   sing N N 30  
ARG NE  HE   sing N N 31  
ARG CZ  NH1  sing N N 32  
ARG CZ  NH2  doub N N 33  
ARG NH1 HH11 sing N N 34  
ARG NH1 HH12 sing N N 35  
ARG NH2 HH21 sing N N 36  
ARG NH2 HH22 sing N N 37  
ARG OXT HXT  sing N N 38  
ASN N   CA   sing N N 39  
ASN N   H    sing N N 40  
ASN N   H2   sing N N 41  
ASN CA  C    sing N N 42  
ASN CA  CB   sing N N 43  
ASN CA  HA   sing N N 44  
ASN C   O    doub N N 45  
ASN C   OXT  sing N N 46  
ASN CB  CG   sing N N 47  
ASN CB  HB2  sing N N 48  
ASN CB  HB3  sing N N 49  
ASN CG  OD1  doub N N 50  
ASN CG  ND2  sing N N 51  
ASN ND2 HD21 sing N N 52  
ASN ND2 HD22 sing N N 53  
ASN OXT HXT  sing N N 54  
ASP N   CA   sing N N 55  
ASP N   H    sing N N 56  
ASP N   H2   sing N N 57  
ASP CA  C    sing N N 58  
ASP CA  CB   sing N N 59  
ASP CA  HA   sing N N 60  
ASP C   O    doub N N 61  
ASP C   OXT  sing N N 62  
ASP CB  CG   sing N N 63  
ASP CB  HB2  sing N N 64  
ASP CB  HB3  sing N N 65  
ASP CG  OD1  doub N N 66  
ASP CG  OD2  sing N N 67  
ASP OD2 HD2  sing N N 68  
ASP OXT HXT  sing N N 69  
CMO C   O    trip N N 70  
CYS N   CA   sing N N 71  
CYS N   H    sing N N 72  
CYS N   H2   sing N N 73  
CYS CA  C    sing N N 74  
CYS CA  CB   sing N N 75  
CYS CA  HA   sing N N 76  
CYS C   O    doub N N 77  
CYS C   OXT  sing N N 78  
CYS CB  SG   sing N N 79  
CYS CB  HB2  sing N N 80  
CYS CB  HB3  sing N N 81  
CYS SG  HG   sing N N 82  
CYS OXT HXT  sing N N 83  
GLN N   CA   sing N N 84  
GLN N   H    sing N N 85  
GLN N   H2   sing N N 86  
GLN CA  C    sing N N 87  
GLN CA  CB   sing N N 88  
GLN CA  HA   sing N N 89  
GLN C   O    doub N N 90  
GLN C   OXT  sing N N 91  
GLN CB  CG   sing N N 92  
GLN CB  HB2  sing N N 93  
GLN CB  HB3  sing N N 94  
GLN CG  CD   sing N N 95  
GLN CG  HG2  sing N N 96  
GLN CG  HG3  sing N N 97  
GLN CD  OE1  doub N N 98  
GLN CD  NE2  sing N N 99  
GLN NE2 HE21 sing N N 100 
GLN NE2 HE22 sing N N 101 
GLN OXT HXT  sing N N 102 
GLU N   CA   sing N N 103 
GLU N   H    sing N N 104 
GLU N   H2   sing N N 105 
GLU CA  C    sing N N 106 
GLU CA  CB   sing N N 107 
GLU CA  HA   sing N N 108 
GLU C   O    doub N N 109 
GLU C   OXT  sing N N 110 
GLU CB  CG   sing N N 111 
GLU CB  HB2  sing N N 112 
GLU CB  HB3  sing N N 113 
GLU CG  CD   sing N N 114 
GLU CG  HG2  sing N N 115 
GLU CG  HG3  sing N N 116 
GLU CD  OE1  doub N N 117 
GLU CD  OE2  sing N N 118 
GLU OE2 HE2  sing N N 119 
GLU OXT HXT  sing N N 120 
GLY N   CA   sing N N 121 
GLY N   H    sing N N 122 
GLY N   H2   sing N N 123 
GLY CA  C    sing N N 124 
GLY CA  HA2  sing N N 125 
GLY CA  HA3  sing N N 126 
GLY C   O    doub N N 127 
GLY C   OXT  sing N N 128 
GLY OXT HXT  sing N N 129 
HEM CHA C1A  sing N N 130 
HEM CHA C4D  doub N N 131 
HEM CHA HHA  sing N N 132 
HEM CHB C4A  sing N N 133 
HEM CHB C1B  doub N N 134 
HEM CHB HHB  sing N N 135 
HEM CHC C4B  sing N N 136 
HEM CHC C1C  doub N N 137 
HEM CHC HHC  sing N N 138 
HEM CHD C4C  doub N N 139 
HEM CHD C1D  sing N N 140 
HEM CHD HHD  sing N N 141 
HEM C1A C2A  doub Y N 142 
HEM C1A NA   sing Y N 143 
HEM C2A C3A  sing Y N 144 
HEM C2A CAA  sing N N 145 
HEM C3A C4A  doub Y N 146 
HEM C3A CMA  sing N N 147 
HEM C4A NA   sing Y N 148 
HEM CMA HMA  sing N N 149 
HEM CMA HMAA sing N N 150 
HEM CMA HMAB sing N N 151 
HEM CAA CBA  sing N N 152 
HEM CAA HAA  sing N N 153 
HEM CAA HAAA sing N N 154 
HEM CBA CGA  sing N N 155 
HEM CBA HBA  sing N N 156 
HEM CBA HBAA sing N N 157 
HEM CGA O1A  doub N N 158 
HEM CGA O2A  sing N N 159 
HEM C1B C2B  sing N N 160 
HEM C1B NB   sing N N 161 
HEM C2B C3B  doub N N 162 
HEM C2B CMB  sing N N 163 
HEM C3B C4B  sing N N 164 
HEM C3B CAB  sing N N 165 
HEM C4B NB   doub N N 166 
HEM CMB HMB  sing N N 167 
HEM CMB HMBA sing N N 168 
HEM CMB HMBB sing N N 169 
HEM CAB CBB  doub N N 170 
HEM CAB HAB  sing N N 171 
HEM CBB HBB  sing N N 172 
HEM CBB HBBA sing N N 173 
HEM C1C C2C  sing Y N 174 
HEM C1C NC   sing Y N 175 
HEM C2C C3C  doub Y N 176 
HEM C2C CMC  sing N N 177 
HEM C3C C4C  sing Y N 178 
HEM C3C CAC  sing N N 179 
HEM C4C NC   sing Y N 180 
HEM CMC HMC  sing N N 181 
HEM CMC HMCA sing N N 182 
HEM CMC HMCB sing N N 183 
HEM CAC CBC  doub N N 184 
HEM CAC HAC  sing N N 185 
HEM CBC HBC  sing N N 186 
HEM CBC HBCA sing N N 187 
HEM C1D C2D  sing N N 188 
HEM C1D ND   doub N N 189 
HEM C2D C3D  doub N N 190 
HEM C2D CMD  sing N N 191 
HEM C3D C4D  sing N N 192 
HEM C3D CAD  sing N N 193 
HEM C4D ND   sing N N 194 
HEM CMD HMD  sing N N 195 
HEM CMD HMDA sing N N 196 
HEM CMD HMDB sing N N 197 
HEM CAD CBD  sing N N 198 
HEM CAD HAD  sing N N 199 
HEM CAD HADA sing N N 200 
HEM CBD CGD  sing N N 201 
HEM CBD HBD  sing N N 202 
HEM CBD HBDA sing N N 203 
HEM CGD O1D  doub N N 204 
HEM CGD O2D  sing N N 205 
HEM O2A H2A  sing N N 206 
HEM O2D H2D  sing N N 207 
HEM FE  NA   sing N N 208 
HEM FE  NB   sing N N 209 
HEM FE  NC   sing N N 210 
HEM FE  ND   sing N N 211 
HIS N   CA   sing N N 212 
HIS N   H    sing N N 213 
HIS N   H2   sing N N 214 
HIS CA  C    sing N N 215 
HIS CA  CB   sing N N 216 
HIS CA  HA   sing N N 217 
HIS C   O    doub N N 218 
HIS C   OXT  sing N N 219 
HIS CB  CG   sing N N 220 
HIS CB  HB2  sing N N 221 
HIS CB  HB3  sing N N 222 
HIS CG  ND1  sing Y N 223 
HIS CG  CD2  doub Y N 224 
HIS ND1 CE1  doub Y N 225 
HIS ND1 HD1  sing N N 226 
HIS CD2 NE2  sing Y N 227 
HIS CD2 HD2  sing N N 228 
HIS CE1 NE2  sing Y N 229 
HIS CE1 HE1  sing N N 230 
HIS NE2 HE2  sing N N 231 
HIS OXT HXT  sing N N 232 
HOH O   H1   sing N N 233 
HOH O   H2   sing N N 234 
ILE N   CA   sing N N 235 
ILE N   H    sing N N 236 
ILE N   H2   sing N N 237 
ILE CA  C    sing N N 238 
ILE CA  CB   sing N N 239 
ILE CA  HA   sing N N 240 
ILE C   O    doub N N 241 
ILE C   OXT  sing N N 242 
ILE CB  CG1  sing N N 243 
ILE CB  CG2  sing N N 244 
ILE CB  HB   sing N N 245 
ILE CG1 CD1  sing N N 246 
ILE CG1 HG12 sing N N 247 
ILE CG1 HG13 sing N N 248 
ILE CG2 HG21 sing N N 249 
ILE CG2 HG22 sing N N 250 
ILE CG2 HG23 sing N N 251 
ILE CD1 HD11 sing N N 252 
ILE CD1 HD12 sing N N 253 
ILE CD1 HD13 sing N N 254 
ILE OXT HXT  sing N N 255 
LEU N   CA   sing N N 256 
LEU N   H    sing N N 257 
LEU N   H2   sing N N 258 
LEU CA  C    sing N N 259 
LEU CA  CB   sing N N 260 
LEU CA  HA   sing N N 261 
LEU C   O    doub N N 262 
LEU C   OXT  sing N N 263 
LEU CB  CG   sing N N 264 
LEU CB  HB2  sing N N 265 
LEU CB  HB3  sing N N 266 
LEU CG  CD1  sing N N 267 
LEU CG  CD2  sing N N 268 
LEU CG  HG   sing N N 269 
LEU CD1 HD11 sing N N 270 
LEU CD1 HD12 sing N N 271 
LEU CD1 HD13 sing N N 272 
LEU CD2 HD21 sing N N 273 
LEU CD2 HD22 sing N N 274 
LEU CD2 HD23 sing N N 275 
LEU OXT HXT  sing N N 276 
LYS N   CA   sing N N 277 
LYS N   H    sing N N 278 
LYS N   H2   sing N N 279 
LYS CA  C    sing N N 280 
LYS CA  CB   sing N N 281 
LYS CA  HA   sing N N 282 
LYS C   O    doub N N 283 
LYS C   OXT  sing N N 284 
LYS CB  CG   sing N N 285 
LYS CB  HB2  sing N N 286 
LYS CB  HB3  sing N N 287 
LYS CG  CD   sing N N 288 
LYS CG  HG2  sing N N 289 
LYS CG  HG3  sing N N 290 
LYS CD  CE   sing N N 291 
LYS CD  HD2  sing N N 292 
LYS CD  HD3  sing N N 293 
LYS CE  NZ   sing N N 294 
LYS CE  HE2  sing N N 295 
LYS CE  HE3  sing N N 296 
LYS NZ  HZ1  sing N N 297 
LYS NZ  HZ2  sing N N 298 
LYS NZ  HZ3  sing N N 299 
LYS OXT HXT  sing N N 300 
MET N   CA   sing N N 301 
MET N   H    sing N N 302 
MET N   H2   sing N N 303 
MET CA  C    sing N N 304 
MET CA  CB   sing N N 305 
MET CA  HA   sing N N 306 
MET C   O    doub N N 307 
MET C   OXT  sing N N 308 
MET CB  CG   sing N N 309 
MET CB  HB2  sing N N 310 
MET CB  HB3  sing N N 311 
MET CG  SD   sing N N 312 
MET CG  HG2  sing N N 313 
MET CG  HG3  sing N N 314 
MET SD  CE   sing N N 315 
MET CE  HE1  sing N N 316 
MET CE  HE2  sing N N 317 
MET CE  HE3  sing N N 318 
MET OXT HXT  sing N N 319 
PHE N   CA   sing N N 320 
PHE N   H    sing N N 321 
PHE N   H2   sing N N 322 
PHE CA  C    sing N N 323 
PHE CA  CB   sing N N 324 
PHE CA  HA   sing N N 325 
PHE C   O    doub N N 326 
PHE C   OXT  sing N N 327 
PHE CB  CG   sing N N 328 
PHE CB  HB2  sing N N 329 
PHE CB  HB3  sing N N 330 
PHE CG  CD1  doub Y N 331 
PHE CG  CD2  sing Y N 332 
PHE CD1 CE1  sing Y N 333 
PHE CD1 HD1  sing N N 334 
PHE CD2 CE2  doub Y N 335 
PHE CD2 HD2  sing N N 336 
PHE CE1 CZ   doub Y N 337 
PHE CE1 HE1  sing N N 338 
PHE CE2 CZ   sing Y N 339 
PHE CE2 HE2  sing N N 340 
PHE CZ  HZ   sing N N 341 
PHE OXT HXT  sing N N 342 
PRO N   CA   sing N N 343 
PRO N   CD   sing N N 344 
PRO N   H    sing N N 345 
PRO CA  C    sing N N 346 
PRO CA  CB   sing N N 347 
PRO CA  HA   sing N N 348 
PRO C   O    doub N N 349 
PRO C   OXT  sing N N 350 
PRO CB  CG   sing N N 351 
PRO CB  HB2  sing N N 352 
PRO CB  HB3  sing N N 353 
PRO CG  CD   sing N N 354 
PRO CG  HG2  sing N N 355 
PRO CG  HG3  sing N N 356 
PRO CD  HD2  sing N N 357 
PRO CD  HD3  sing N N 358 
PRO OXT HXT  sing N N 359 
SER N   CA   sing N N 360 
SER N   H    sing N N 361 
SER N   H2   sing N N 362 
SER CA  C    sing N N 363 
SER CA  CB   sing N N 364 
SER CA  HA   sing N N 365 
SER C   O    doub N N 366 
SER C   OXT  sing N N 367 
SER CB  OG   sing N N 368 
SER CB  HB2  sing N N 369 
SER CB  HB3  sing N N 370 
SER OG  HG   sing N N 371 
SER OXT HXT  sing N N 372 
THR N   CA   sing N N 373 
THR N   H    sing N N 374 
THR N   H2   sing N N 375 
THR CA  C    sing N N 376 
THR CA  CB   sing N N 377 
THR CA  HA   sing N N 378 
THR C   O    doub N N 379 
THR C   OXT  sing N N 380 
THR CB  OG1  sing N N 381 
THR CB  CG2  sing N N 382 
THR CB  HB   sing N N 383 
THR OG1 HG1  sing N N 384 
THR CG2 HG21 sing N N 385 
THR CG2 HG22 sing N N 386 
THR CG2 HG23 sing N N 387 
THR OXT HXT  sing N N 388 
TRP N   CA   sing N N 389 
TRP N   H    sing N N 390 
TRP N   H2   sing N N 391 
TRP CA  C    sing N N 392 
TRP CA  CB   sing N N 393 
TRP CA  HA   sing N N 394 
TRP C   O    doub N N 395 
TRP C   OXT  sing N N 396 
TRP CB  CG   sing N N 397 
TRP CB  HB2  sing N N 398 
TRP CB  HB3  sing N N 399 
TRP CG  CD1  doub Y N 400 
TRP CG  CD2  sing Y N 401 
TRP CD1 NE1  sing Y N 402 
TRP CD1 HD1  sing N N 403 
TRP CD2 CE2  doub Y N 404 
TRP CD2 CE3  sing Y N 405 
TRP NE1 CE2  sing Y N 406 
TRP NE1 HE1  sing N N 407 
TRP CE2 CZ2  sing Y N 408 
TRP CE3 CZ3  doub Y N 409 
TRP CE3 HE3  sing N N 410 
TRP CZ2 CH2  doub Y N 411 
TRP CZ2 HZ2  sing N N 412 
TRP CZ3 CH2  sing Y N 413 
TRP CZ3 HZ3  sing N N 414 
TRP CH2 HH2  sing N N 415 
TRP OXT HXT  sing N N 416 
TYR N   CA   sing N N 417 
TYR N   H    sing N N 418 
TYR N   H2   sing N N 419 
TYR CA  C    sing N N 420 
TYR CA  CB   sing N N 421 
TYR CA  HA   sing N N 422 
TYR C   O    doub N N 423 
TYR C   OXT  sing N N 424 
TYR CB  CG   sing N N 425 
TYR CB  HB2  sing N N 426 
TYR CB  HB3  sing N N 427 
TYR CG  CD1  doub Y N 428 
TYR CG  CD2  sing Y N 429 
TYR CD1 CE1  sing Y N 430 
TYR CD1 HD1  sing N N 431 
TYR CD2 CE2  doub Y N 432 
TYR CD2 HD2  sing N N 433 
TYR CE1 CZ   doub Y N 434 
TYR CE1 HE1  sing N N 435 
TYR CE2 CZ   sing Y N 436 
TYR CE2 HE2  sing N N 437 
TYR CZ  OH   sing N N 438 
TYR OH  HH   sing N N 439 
TYR OXT HXT  sing N N 440 
VAL N   CA   sing N N 441 
VAL N   H    sing N N 442 
VAL N   H2   sing N N 443 
VAL CA  C    sing N N 444 
VAL CA  CB   sing N N 445 
VAL CA  HA   sing N N 446 
VAL C   O    doub N N 447 
VAL C   OXT  sing N N 448 
VAL CB  CG1  sing N N 449 
VAL CB  CG2  sing N N 450 
VAL CB  HB   sing N N 451 
VAL CG1 HG11 sing N N 452 
VAL CG1 HG12 sing N N 453 
VAL CG1 HG13 sing N N 454 
VAL CG2 HG21 sing N N 455 
VAL CG2 HG22 sing N N 456 
VAL CG2 HG23 sing N N 457 
VAL OXT HXT  sing N N 458 
# 
loop_
_pdbx_entity_nonpoly.entity_id 
_pdbx_entity_nonpoly.name 
_pdbx_entity_nonpoly.comp_id 
2 'PROTOPORPHYRIN IX CONTAINING FE' HEM 
3 'CARBON MONOXIDE'                 CMO 
4 water                             HOH 
# 
_pdbx_initial_refinement_model.id               1 
_pdbx_initial_refinement_model.entity_id_list   ? 
_pdbx_initial_refinement_model.type             'experimental model' 
_pdbx_initial_refinement_model.source_name      PDB 
_pdbx_initial_refinement_model.accession_code   1J77 
_pdbx_initial_refinement_model.details          ? 
# 
